data_5CPX
#
_entry.id   5CPX
#
_cell.length_a   219.730
_cell.length_b   219.730
_cell.length_c   100.000
_cell.angle_alpha   90.000
_cell.angle_beta   90.000
_cell.angle_gamma   120.000
#
_symmetry.space_group_name_H-M   'P 31 2 1'
#
loop_
_entity.id
_entity.type
_entity.pdbx_description
1 polymer VP1
2 branched 'N-acetyl-alpha-neuraminic acid-(2-3)-beta-D-galactopyranose-(1-3)-2-acetamido-2-deoxy-beta-D-glucopyranose'
3 branched 'N-acetyl-alpha-neuraminic acid-(2-3)-beta-D-galactopyranose'
4 non-polymer GLYCEROL
5 water water
#
_entity_poly.entity_id   1
_entity_poly.type   'polypeptide(L)'
_entity_poly.pdbx_seq_one_letter_code
;GMEVLDLVTGPDSVTEIEAFLNPRMGQPPTPESLTEGGQYYGWSRGINLATSDTEDSPENNTLPTWSMAKLQLPMLNEDL
TCDTLQMWEAVSVKTEVVGSGSLLDVHGFNKPTDTVNTKGISTPVEGSQYHVFAVGGEPLDLQGLVTDARTKYKEEGVVT
IKTITKKDMVNKDQVLNPISKAKLDKDGMYPVEIWHPDPAKNENTRYFGNYTGGTTTPPVLQFTNTLTTVLLDENGVGPL
CKGEGLYLSCVDIMGWRVTRNYDVHHWRGLPRYFKITLRKRWVK
;
_entity_poly.pdbx_strand_id   A,B,C,D,E
#
# COMPACT_ATOMS: atom_id res chain seq x y z
N GLY A 1 13.11 12.60 41.50
CA GLY A 1 11.78 12.65 40.81
C GLY A 1 11.84 13.14 39.37
N MET A 2 11.93 14.45 39.19
CA MET A 2 11.71 15.10 37.88
C MET A 2 12.97 15.38 37.03
N GLU A 3 14.10 15.71 37.67
CA GLU A 3 15.33 16.02 36.93
C GLU A 3 16.09 14.75 36.55
N VAL A 4 16.34 14.59 35.25
CA VAL A 4 16.97 13.36 34.72
C VAL A 4 18.48 13.55 34.56
N LEU A 5 19.25 12.71 35.25
CA LEU A 5 20.70 12.81 35.23
C LEU A 5 21.34 11.69 34.39
N ASP A 6 22.52 11.21 34.80
CA ASP A 6 23.26 10.20 34.04
C ASP A 6 22.68 8.79 34.16
N LEU A 7 23.09 7.93 33.23
CA LEU A 7 22.79 6.51 33.32
C LEU A 7 23.63 5.88 34.41
N VAL A 8 23.02 4.98 35.18
CA VAL A 8 23.72 4.22 36.19
C VAL A 8 24.55 3.12 35.51
N THR A 9 25.78 2.91 35.97
CA THR A 9 26.55 1.78 35.48
C THR A 9 26.88 0.78 36.58
N GLY A 10 27.39 -0.38 36.18
CA GLY A 10 27.82 -1.41 37.13
C GLY A 10 26.90 -2.63 37.18
N PRO A 11 27.17 -3.55 38.13
CA PRO A 11 26.40 -4.80 38.27
C PRO A 11 24.89 -4.54 38.31
N ASP A 12 24.15 -5.31 37.50
CA ASP A 12 22.68 -5.29 37.46
C ASP A 12 22.06 -3.92 37.15
N SER A 13 22.73 -3.09 36.35
CA SER A 13 22.19 -1.77 36.01
C SER A 13 21.23 -1.81 34.80
N VAL A 14 21.19 -2.96 34.13
CA VAL A 14 20.30 -3.17 32.98
C VAL A 14 19.51 -4.44 33.25
N THR A 15 18.26 -4.48 32.82
CA THR A 15 17.43 -5.66 33.01
C THR A 15 16.52 -5.82 31.79
N GLU A 16 16.04 -7.04 31.55
CA GLU A 16 15.07 -7.29 30.49
C GLU A 16 13.91 -8.01 31.10
N ILE A 17 12.69 -7.62 30.74
CA ILE A 17 11.53 -8.34 31.22
C ILE A 17 10.61 -8.69 30.05
N GLU A 18 9.97 -9.83 30.16
CA GLU A 18 9.09 -10.27 29.09
C GLU A 18 7.74 -10.66 29.64
N ALA A 19 6.70 -10.45 28.83
CA ALA A 19 5.36 -10.82 29.22
C ALA A 19 4.52 -11.01 27.98
N PHE A 20 3.49 -11.82 28.10
CA PHE A 20 2.49 -11.91 27.07
CA PHE A 20 2.45 -11.99 27.08
C PHE A 20 1.15 -11.43 27.63
N LEU A 21 0.42 -10.70 26.82
CA LEU A 21 -0.90 -10.23 27.21
C LEU A 21 -1.91 -10.91 26.32
N ASN A 22 -2.76 -11.72 26.93
CA ASN A 22 -3.86 -12.36 26.18
C ASN A 22 -4.96 -11.37 25.83
N PRO A 23 -5.65 -11.57 24.68
CA PRO A 23 -6.67 -10.62 24.24
C PRO A 23 -7.89 -10.67 25.17
N ARG A 24 -8.65 -9.59 25.18
CA ARG A 24 -9.86 -9.51 25.99
C ARG A 24 -11.01 -9.12 25.09
N MET A 25 -11.49 -10.09 24.31
CA MET A 25 -12.49 -9.84 23.27
C MET A 25 -13.93 -9.86 23.77
N GLY A 26 -14.15 -10.38 24.97
CA GLY A 26 -15.50 -10.40 25.54
C GLY A 26 -15.80 -11.59 26.41
N GLN A 27 -15.49 -12.80 25.92
CA GLN A 27 -15.62 -14.00 26.76
C GLN A 27 -14.43 -14.05 27.74
N PRO A 28 -14.70 -14.13 29.06
CA PRO A 28 -13.59 -14.21 30.03
C PRO A 28 -12.82 -15.56 29.96
N PRO A 29 -11.66 -15.65 30.61
CA PRO A 29 -10.91 -16.92 30.62
C PRO A 29 -11.66 -18.10 31.24
N THR A 30 -12.56 -17.82 32.18
CA THR A 30 -13.37 -18.88 32.79
C THR A 30 -14.84 -18.60 32.50
N PRO A 31 -15.71 -19.65 32.45
CA PRO A 31 -15.43 -21.08 32.67
C PRO A 31 -14.55 -21.68 31.59
N GLU A 32 -13.67 -22.59 31.99
CA GLU A 32 -12.74 -23.22 31.06
C GLU A 32 -13.41 -24.24 30.12
N SER A 33 -14.55 -24.80 30.56
CA SER A 33 -15.23 -25.85 29.81
C SER A 33 -15.53 -25.47 28.37
N LEU A 34 -15.18 -26.38 27.45
CA LEU A 34 -15.39 -26.14 26.02
C LEU A 34 -16.85 -26.34 25.58
N THR A 35 -17.72 -26.65 26.55
CA THR A 35 -19.16 -26.72 26.28
C THR A 35 -19.97 -25.74 27.13
N GLU A 36 -19.32 -24.94 27.97
CA GLU A 36 -20.03 -23.99 28.83
C GLU A 36 -19.68 -22.51 28.54
N GLY A 37 -18.97 -22.26 27.45
CA GLY A 37 -18.56 -20.90 27.14
C GLY A 37 -17.09 -20.74 26.85
N GLY A 38 -16.26 -21.62 27.41
CA GLY A 38 -14.82 -21.55 27.20
C GLY A 38 -14.38 -21.70 25.76
N GLN A 39 -15.21 -22.36 24.95
CA GLN A 39 -14.95 -22.43 23.50
C GLN A 39 -14.93 -21.06 22.80
N TYR A 40 -15.46 -20.01 23.44
CA TYR A 40 -15.37 -18.62 22.90
C TYR A 40 -14.18 -17.80 23.43
N TYR A 41 -13.34 -18.39 24.26
CA TYR A 41 -12.18 -17.65 24.77
C TYR A 41 -11.19 -17.31 23.64
N GLY A 42 -10.80 -16.04 23.57
CA GLY A 42 -10.03 -15.49 22.43
C GLY A 42 -10.96 -14.77 21.45
N TRP A 43 -12.27 -14.83 21.72
CA TRP A 43 -13.32 -14.29 20.85
C TRP A 43 -14.31 -13.50 21.71
N SER A 44 -15.14 -12.68 21.07
CA SER A 44 -16.32 -12.15 21.75
C SER A 44 -17.47 -13.16 21.69
N ARG A 45 -18.52 -12.93 22.48
CA ARG A 45 -19.76 -13.63 22.26
C ARG A 45 -20.48 -12.96 21.08
N GLY A 46 -21.56 -13.57 20.61
CA GLY A 46 -22.25 -13.09 19.41
C GLY A 46 -22.71 -11.64 19.52
N ILE A 47 -22.33 -10.82 18.54
CA ILE A 47 -22.65 -9.38 18.59
C ILE A 47 -24.18 -9.17 18.50
N ASN A 48 -24.71 -8.42 19.47
CA ASN A 48 -26.15 -8.11 19.57
C ASN A 48 -26.43 -6.69 19.07
N LEU A 49 -27.44 -6.54 18.22
CA LEU A 49 -27.72 -5.25 17.57
C LEU A 49 -28.81 -4.46 18.27
N ALA A 50 -28.75 -3.13 18.11
CA ALA A 50 -29.79 -2.21 18.60
C ALA A 50 -31.16 -2.61 18.08
N THR A 51 -32.19 -2.34 18.87
CA THR A 51 -33.54 -2.67 18.45
C THR A 51 -34.25 -1.47 17.86
N SER A 52 -33.70 -0.27 18.08
CA SER A 52 -34.23 0.95 17.47
C SER A 52 -33.15 2.02 17.54
N ASP A 53 -33.45 3.19 16.98
CA ASP A 53 -32.52 4.32 16.99
C ASP A 53 -32.22 4.81 18.42
N THR A 54 -33.11 4.48 19.37
CA THR A 54 -32.93 4.95 20.75
C THR A 54 -32.68 3.82 21.77
N GLU A 55 -32.53 2.59 21.28
CA GLU A 55 -32.32 1.43 22.16
C GLU A 55 -31.13 0.58 21.70
N ASP A 56 -29.95 0.96 22.16
CA ASP A 56 -28.72 0.28 21.81
C ASP A 56 -28.01 -0.09 23.12
N SER A 57 -28.14 -1.36 23.52
CA SER A 57 -27.54 -1.83 24.77
CA SER A 57 -27.57 -1.85 24.78
C SER A 57 -26.66 -3.07 24.54
N PRO A 58 -25.39 -2.85 24.22
CA PRO A 58 -24.55 -4.01 23.94
C PRO A 58 -24.17 -4.75 25.22
N GLU A 59 -24.14 -6.08 25.16
CA GLU A 59 -23.73 -6.88 26.33
C GLU A 59 -22.23 -6.77 26.52
N ASN A 60 -21.78 -6.79 27.76
CA ASN A 60 -20.34 -6.65 28.03
C ASN A 60 -19.48 -7.69 27.31
N ASN A 61 -20.00 -8.93 27.21
CA ASN A 61 -19.23 -10.02 26.57
C ASN A 61 -19.17 -9.94 25.03
N THR A 62 -19.74 -8.87 24.46
CA THR A 62 -19.63 -8.60 23.02
C THR A 62 -18.67 -7.44 22.74
N LEU A 63 -18.14 -6.82 23.79
CA LEU A 63 -17.29 -5.62 23.64
C LEU A 63 -15.82 -5.92 23.93
N PRO A 64 -14.94 -5.79 22.91
CA PRO A 64 -13.52 -5.94 23.23
C PRO A 64 -13.04 -4.82 24.13
N THR A 65 -12.14 -5.16 25.04
CA THR A 65 -11.62 -4.21 26.00
C THR A 65 -10.10 -4.22 25.94
N TRP A 66 -9.46 -3.21 26.53
CA TRP A 66 -8.00 -3.16 26.62
C TRP A 66 -7.43 -4.29 27.47
N SER A 67 -6.32 -4.86 27.01
CA SER A 67 -5.49 -5.70 27.86
C SER A 67 -4.47 -4.81 28.55
N MET A 68 -4.14 -5.15 29.79
CA MET A 68 -3.05 -4.45 30.48
CA MET A 68 -3.14 -4.39 30.58
C MET A 68 -2.44 -5.31 31.58
N ALA A 69 -1.18 -5.03 31.87
CA ALA A 69 -0.43 -5.68 32.95
C ALA A 69 0.46 -4.64 33.58
N LYS A 70 0.59 -4.71 34.89
CA LYS A 70 1.60 -3.94 35.61
C LYS A 70 2.64 -4.93 36.09
N LEU A 71 3.88 -4.74 35.67
CA LEU A 71 4.98 -5.62 36.07
C LEU A 71 5.87 -4.95 37.09
N GLN A 72 6.22 -5.71 38.13
CA GLN A 72 7.08 -5.21 39.20
C GLN A 72 8.54 -5.33 38.76
N LEU A 73 9.31 -4.27 38.97
CA LEU A 73 10.74 -4.25 38.61
C LEU A 73 11.61 -4.43 39.85
N PRO A 74 12.90 -4.78 39.68
CA PRO A 74 13.76 -4.95 40.86
C PRO A 74 13.80 -3.69 41.73
N MET A 75 13.89 -3.90 43.06
CA MET A 75 13.90 -2.82 44.04
C MET A 75 15.06 -1.87 43.80
N LEU A 76 14.85 -0.59 44.10
N LEU A 76 14.89 -0.59 44.14
CA LEU A 76 15.88 0.44 43.93
CA LEU A 76 15.91 0.43 43.89
C LEU A 76 15.98 1.33 45.17
C LEU A 76 16.36 1.20 45.12
N ASN A 77 17.18 1.86 45.39
N ASN A 77 15.48 2.07 45.61
CA ASN A 77 17.41 2.85 46.44
CA ASN A 77 15.84 3.01 46.66
C ASN A 77 17.34 2.26 47.84
C ASN A 77 15.43 2.55 48.06
N THR A 84 21.82 10.59 45.20
CA THR A 84 20.50 10.85 44.65
C THR A 84 19.70 9.54 44.48
N LEU A 85 18.51 9.64 43.91
CA LEU A 85 17.67 8.48 43.66
C LEU A 85 17.89 7.86 42.28
N GLN A 86 17.44 6.61 42.13
CA GLN A 86 17.46 5.90 40.85
C GLN A 86 16.05 5.51 40.45
N MET A 87 15.80 5.44 39.14
CA MET A 87 14.55 4.97 38.60
C MET A 87 14.86 4.07 37.41
N TRP A 88 14.00 3.09 37.17
CA TRP A 88 14.09 2.28 35.96
C TRP A 88 13.58 3.06 34.76
N GLU A 89 14.31 2.96 33.65
CA GLU A 89 13.97 3.67 32.42
C GLU A 89 13.79 2.63 31.31
N ALA A 90 12.64 2.64 30.65
CA ALA A 90 12.39 1.71 29.56
C ALA A 90 13.02 2.27 28.28
N VAL A 91 13.93 1.51 27.67
CA VAL A 91 14.75 1.99 26.55
C VAL A 91 14.16 1.55 25.21
N SER A 92 13.66 0.32 25.17
CA SER A 92 13.20 -0.30 23.95
C SER A 92 12.31 -1.50 24.22
N VAL A 93 11.56 -1.89 23.20
CA VAL A 93 10.69 -3.05 23.32
C VAL A 93 10.70 -3.84 22.00
N LYS A 94 10.77 -5.16 22.11
CA LYS A 94 10.46 -6.03 20.99
C LYS A 94 9.07 -6.55 21.25
N THR A 95 8.15 -6.26 20.34
CA THR A 95 6.79 -6.74 20.54
C THR A 95 6.29 -7.46 19.27
N GLU A 96 5.43 -8.45 19.47
CA GLU A 96 4.96 -9.29 18.38
C GLU A 96 3.56 -9.79 18.69
N VAL A 97 2.68 -9.77 17.69
CA VAL A 97 1.35 -10.38 17.79
C VAL A 97 1.49 -11.80 17.28
N VAL A 98 1.08 -12.78 18.09
CA VAL A 98 1.33 -14.19 17.82
C VAL A 98 0.04 -14.91 17.41
N GLY A 99 0.17 -15.81 16.43
CA GLY A 99 -0.91 -16.72 16.06
C GLY A 99 -1.69 -16.37 14.80
N SER A 100 -1.17 -15.49 13.96
CA SER A 100 -1.92 -15.16 12.73
C SER A 100 -2.11 -16.40 11.82
N GLY A 101 -1.15 -17.33 11.86
CA GLY A 101 -1.28 -18.62 11.15
C GLY A 101 -2.55 -19.40 11.51
N SER A 102 -3.07 -19.21 12.72
CA SER A 102 -4.30 -19.91 13.14
C SER A 102 -5.51 -19.47 12.29
N LEU A 103 -5.41 -18.29 11.69
CA LEU A 103 -6.49 -17.80 10.83
C LEU A 103 -6.57 -18.55 9.49
N LEU A 104 -5.59 -19.42 9.24
CA LEU A 104 -5.59 -20.29 8.07
C LEU A 104 -6.48 -21.53 8.25
N ASP A 105 -7.07 -21.67 9.43
CA ASP A 105 -8.10 -22.69 9.65
C ASP A 105 -9.39 -22.29 8.91
N VAL A 106 -9.61 -22.88 7.73
CA VAL A 106 -10.81 -22.63 6.94
C VAL A 106 -11.61 -23.93 6.78
N HIS A 107 -11.45 -24.83 7.74
CA HIS A 107 -12.15 -26.11 7.70
C HIS A 107 -13.26 -26.22 8.76
N GLY A 108 -13.54 -25.12 9.46
CA GLY A 108 -14.55 -25.11 10.53
C GLY A 108 -15.99 -25.00 10.05
N PHE A 109 -16.87 -24.54 10.95
CA PHE A 109 -18.31 -24.52 10.68
C PHE A 109 -18.83 -23.09 10.53
N ASN A 110 -17.97 -22.15 10.13
CA ASN A 110 -18.41 -20.77 9.86
C ASN A 110 -19.31 -20.74 8.63
N LYS A 111 -19.94 -19.59 8.37
CA LYS A 111 -20.66 -19.37 7.12
C LYS A 111 -19.74 -19.79 5.97
N PRO A 112 -20.23 -20.68 5.08
CA PRO A 112 -19.37 -21.15 4.00
C PRO A 112 -19.29 -20.15 2.85
N THR A 113 -18.27 -20.26 2.02
CA THR A 113 -18.09 -19.35 0.88
C THR A 113 -19.07 -19.59 -0.27
N ASP A 114 -19.58 -20.82 -0.42
CA ASP A 114 -20.68 -21.13 -1.35
C ASP A 114 -21.98 -21.35 -0.55
N THR A 115 -22.82 -20.33 -0.46
CA THR A 115 -24.05 -20.45 0.33
C THR A 115 -25.21 -21.10 -0.44
N VAL A 116 -25.09 -21.21 -1.76
CA VAL A 116 -26.08 -21.92 -2.57
C VAL A 116 -26.13 -23.41 -2.21
N ASN A 117 -24.96 -24.05 -2.18
CA ASN A 117 -24.86 -25.48 -1.84
C ASN A 117 -24.36 -25.77 -0.42
N THR A 118 -24.03 -24.71 0.33
CA THR A 118 -23.40 -24.84 1.67
C THR A 118 -22.07 -25.59 1.53
N LYS A 119 -21.18 -25.06 0.68
CA LYS A 119 -19.91 -25.71 0.37
C LYS A 119 -18.79 -24.68 0.27
N GLY A 120 -17.65 -25.09 -0.25
CA GLY A 120 -16.51 -24.17 -0.36
C GLY A 120 -15.61 -24.33 0.84
N ILE A 121 -15.29 -23.22 1.48
CA ILE A 121 -14.53 -23.27 2.73
C ILE A 121 -15.30 -22.51 3.81
N SER A 122 -14.89 -22.73 5.05
CA SER A 122 -15.38 -21.96 6.18
C SER A 122 -14.74 -20.57 6.09
N THR A 123 -15.57 -19.54 5.96
CA THR A 123 -15.07 -18.18 5.71
C THR A 123 -14.11 -17.78 6.82
N PRO A 124 -12.90 -17.34 6.45
CA PRO A 124 -11.91 -16.95 7.45
C PRO A 124 -12.25 -15.60 8.06
N VAL A 125 -11.64 -15.31 9.20
CA VAL A 125 -11.78 -14.01 9.91
C VAL A 125 -11.44 -12.85 8.96
N GLU A 126 -12.33 -11.86 8.89
CA GLU A 126 -12.18 -10.69 8.01
C GLU A 126 -12.85 -9.50 8.68
N GLY A 127 -12.56 -8.31 8.18
CA GLY A 127 -13.28 -7.11 8.61
C GLY A 127 -12.37 -6.12 9.31
N SER A 128 -12.93 -5.44 10.30
CA SER A 128 -12.26 -4.32 10.97
C SER A 128 -11.16 -4.82 11.88
N GLN A 129 -10.03 -4.11 11.86
CA GLN A 129 -8.83 -4.52 12.58
C GLN A 129 -8.31 -3.35 13.39
N TYR A 130 -7.77 -3.64 14.57
CA TYR A 130 -7.33 -2.58 15.48
C TYR A 130 -6.17 -3.09 16.28
N HIS A 131 -5.03 -2.42 16.15
CA HIS A 131 -3.81 -2.87 16.83
C HIS A 131 -3.18 -1.68 17.53
N VAL A 132 -3.10 -1.76 18.86
CA VAL A 132 -2.47 -0.71 19.65
C VAL A 132 -1.62 -1.39 20.71
N PHE A 133 -0.43 -0.84 20.95
CA PHE A 133 0.32 -1.23 22.13
C PHE A 133 0.93 0.01 22.78
N ALA A 134 1.19 -0.10 24.07
CA ALA A 134 1.84 0.98 24.81
C ALA A 134 2.73 0.42 25.88
N VAL A 135 3.80 1.16 26.18
CA VAL A 135 4.70 0.85 27.28
C VAL A 135 4.92 2.15 28.04
N GLY A 136 4.71 2.12 29.35
CA GLY A 136 4.89 3.34 30.14
C GLY A 136 5.23 3.10 31.58
N GLY A 137 5.56 4.19 32.28
CA GLY A 137 5.95 4.13 33.68
C GLY A 137 4.79 4.40 34.62
N GLU A 138 3.60 4.51 34.04
CA GLU A 138 2.35 4.73 34.78
C GLU A 138 1.21 4.26 33.88
N PRO A 139 -0.02 4.14 34.40
CA PRO A 139 -1.12 3.66 33.55
C PRO A 139 -1.30 4.52 32.30
N LEU A 140 -1.70 3.89 31.19
CA LEU A 140 -2.06 4.59 29.96
C LEU A 140 -3.22 5.56 30.24
N ASP A 141 -3.03 6.83 29.86
CA ASP A 141 -4.08 7.85 29.99
C ASP A 141 -5.07 7.69 28.82
N LEU A 142 -6.36 7.68 29.15
CA LEU A 142 -7.44 7.41 28.19
C LEU A 142 -8.35 8.61 28.02
N GLN A 143 -8.79 8.81 26.77
CA GLN A 143 -9.76 9.84 26.43
C GLN A 143 -10.98 9.12 25.88
N GLY A 144 -12.14 9.42 26.44
CA GLY A 144 -13.39 8.80 25.97
C GLY A 144 -13.89 9.51 24.72
N LEU A 145 -14.40 8.72 23.78
CA LEU A 145 -15.10 9.26 22.62
C LEU A 145 -15.91 8.10 22.03
N VAL A 146 -17.20 8.31 21.81
CA VAL A 146 -18.06 7.23 21.33
C VAL A 146 -18.74 7.57 20.01
N THR A 147 -19.19 6.54 19.32
CA THR A 147 -20.06 6.68 18.17
C THR A 147 -21.39 7.37 18.52
N ASP A 148 -21.99 6.95 19.65
CA ASP A 148 -23.34 7.35 20.01
C ASP A 148 -23.42 7.57 21.52
N ALA A 149 -23.60 8.83 21.92
CA ALA A 149 -23.74 9.16 23.35
C ALA A 149 -25.02 8.60 23.98
N ARG A 150 -25.94 8.11 23.14
CA ARG A 150 -27.17 7.46 23.65
C ARG A 150 -27.00 5.96 23.96
N THR A 151 -25.84 5.39 23.61
CA THR A 151 -25.62 3.96 23.85
C THR A 151 -25.78 3.65 25.33
N LYS A 152 -26.57 2.62 25.61
CA LYS A 152 -26.85 2.21 26.98
C LYS A 152 -25.87 1.13 27.42
N TYR A 153 -24.64 1.51 27.70
CA TYR A 153 -23.67 0.54 28.20
C TYR A 153 -24.10 0.05 29.57
N LYS A 154 -23.74 -1.19 29.89
CA LYS A 154 -24.09 -1.76 31.19
C LYS A 154 -23.42 -0.95 32.31
N GLU A 155 -24.07 -0.92 33.47
CA GLU A 155 -23.54 -0.22 34.64
C GLU A 155 -22.70 -1.11 35.55
N GLU A 156 -22.67 -2.41 35.24
CA GLU A 156 -21.85 -3.36 35.99
C GLU A 156 -20.82 -3.99 35.07
N GLY A 157 -19.65 -4.28 35.61
CA GLY A 157 -18.69 -5.17 34.97
C GLY A 157 -17.87 -4.52 33.85
N VAL A 158 -17.97 -3.20 33.74
CA VAL A 158 -17.28 -2.47 32.67
C VAL A 158 -17.08 -1.00 33.10
N VAL A 159 -16.04 -0.34 32.61
CA VAL A 159 -15.81 1.08 32.94
C VAL A 159 -16.18 1.90 31.72
N THR A 160 -17.20 2.75 31.85
CA THR A 160 -17.61 3.60 30.74
C THR A 160 -17.48 5.07 31.14
N ILE A 161 -17.85 5.98 30.25
CA ILE A 161 -17.78 7.41 30.57
C ILE A 161 -18.62 7.77 31.81
N LYS A 162 -19.84 7.26 31.85
CA LYS A 162 -20.70 7.46 33.02
C LYS A 162 -20.11 6.93 34.34
N THR A 163 -19.35 5.83 34.28
CA THR A 163 -18.65 5.34 35.48
C THR A 163 -17.75 6.44 36.06
N ILE A 164 -17.10 7.20 35.18
CA ILE A 164 -16.16 8.24 35.61
C ILE A 164 -16.86 9.55 35.99
N THR A 165 -17.79 10.00 35.16
CA THR A 165 -18.39 11.31 35.40
C THR A 165 -19.54 11.29 36.40
N LYS A 166 -20.09 10.08 36.62
CA LYS A 166 -21.30 9.88 37.41
C LYS A 166 -22.55 10.53 36.80
N LYS A 167 -22.47 10.88 35.50
CA LYS A 167 -23.59 11.49 34.78
C LYS A 167 -23.73 10.80 33.43
N ASP A 168 -24.93 10.81 32.86
CA ASP A 168 -25.10 10.28 31.50
C ASP A 168 -24.19 11.01 30.51
N MET A 169 -23.84 10.33 29.43
CA MET A 169 -23.08 10.95 28.33
C MET A 169 -23.84 12.11 27.69
N VAL A 170 -23.08 13.06 27.15
CA VAL A 170 -23.67 14.25 26.50
C VAL A 170 -23.23 14.25 25.04
N ASN A 171 -23.81 15.11 24.20
CA ASN A 171 -23.46 15.10 22.78
C ASN A 171 -21.96 15.31 22.50
N LYS A 172 -21.28 16.08 23.36
CA LYS A 172 -19.83 16.32 23.21
C LYS A 172 -19.00 15.05 23.34
N ASP A 173 -19.57 14.00 23.91
CA ASP A 173 -18.86 12.71 24.00
C ASP A 173 -18.73 11.99 22.65
N GLN A 174 -19.43 12.49 21.64
CA GLN A 174 -19.26 11.99 20.25
C GLN A 174 -18.11 12.68 19.53
N VAL A 175 -17.58 13.73 20.15
CA VAL A 175 -16.34 14.35 19.69
C VAL A 175 -15.38 14.39 20.88
N LEU A 176 -14.52 15.40 20.97
CA LEU A 176 -13.56 15.46 22.08
C LEU A 176 -14.13 16.27 23.24
N ASN A 177 -14.50 15.57 24.31
CA ASN A 177 -14.96 16.20 25.54
C ASN A 177 -13.87 16.00 26.61
N PRO A 178 -13.15 17.08 27.00
CA PRO A 178 -12.00 16.94 27.91
CA PRO A 178 -12.01 16.95 27.91
C PRO A 178 -12.35 16.39 29.30
N ILE A 179 -13.62 16.43 29.68
CA ILE A 179 -14.07 15.86 30.97
C ILE A 179 -14.02 14.32 30.98
N SER A 180 -14.09 13.71 29.80
CA SER A 180 -14.26 12.26 29.72
C SER A 180 -12.90 11.56 29.62
N LYS A 181 -12.23 11.46 30.76
CA LYS A 181 -10.88 10.89 30.83
CA LYS A 181 -10.87 10.91 30.83
C LYS A 181 -10.80 9.79 31.86
N ALA A 182 -9.88 8.85 31.66
CA ALA A 182 -9.69 7.76 32.61
C ALA A 182 -8.25 7.26 32.52
N LYS A 183 -7.92 6.28 33.36
CA LYS A 183 -6.61 5.65 33.31
C LYS A 183 -6.81 4.16 33.14
N LEU A 184 -5.98 3.56 32.29
CA LEU A 184 -6.10 2.11 32.04
C LEU A 184 -5.46 1.35 33.20
N ASP A 185 -6.24 1.11 34.25
CA ASP A 185 -5.71 0.52 35.47
C ASP A 185 -6.23 -0.90 35.75
N LYS A 186 -7.00 -1.46 34.82
CA LYS A 186 -7.56 -2.80 35.02
C LYS A 186 -7.62 -3.47 33.67
N ASP A 187 -7.23 -4.74 33.64
CA ASP A 187 -7.32 -5.56 32.43
C ASP A 187 -8.78 -5.96 32.16
N GLY A 188 -9.18 -5.98 30.89
CA GLY A 188 -10.49 -6.49 30.47
C GLY A 188 -11.72 -5.71 30.93
N MET A 189 -11.60 -4.39 31.07
CA MET A 189 -12.64 -3.57 31.71
C MET A 189 -13.00 -2.29 30.94
N TYR A 190 -12.06 -1.80 30.13
CA TYR A 190 -12.23 -0.54 29.38
C TYR A 190 -12.46 -0.85 27.90
N PRO A 191 -13.71 -0.67 27.41
CA PRO A 191 -14.02 -1.00 25.99
C PRO A 191 -13.21 -0.14 25.04
N VAL A 192 -12.67 -0.78 24.00
CA VAL A 192 -11.88 -0.04 23.03
C VAL A 192 -12.71 0.89 22.12
N GLU A 193 -14.02 0.68 22.05
CA GLU A 193 -14.89 1.55 21.25
C GLU A 193 -15.23 2.83 22.03
N ILE A 194 -14.82 2.89 23.29
CA ILE A 194 -15.03 4.06 24.15
C ILE A 194 -13.73 4.79 24.47
N TRP A 195 -12.68 4.04 24.81
CA TRP A 195 -11.50 4.63 25.43
C TRP A 195 -10.28 4.60 24.50
N HIS A 196 -9.71 5.78 24.24
CA HIS A 196 -8.61 5.96 23.29
C HIS A 196 -7.40 6.51 24.02
N PRO A 197 -6.18 6.22 23.54
CA PRO A 197 -5.01 6.87 24.15
C PRO A 197 -5.18 8.39 24.11
N ASP A 198 -4.92 9.05 25.23
CA ASP A 198 -5.09 10.50 25.33
C ASP A 198 -3.80 11.21 24.90
N PRO A 199 -3.79 11.89 23.73
CA PRO A 199 -2.55 12.55 23.30
C PRO A 199 -2.23 13.81 24.11
N ALA A 200 -3.18 14.31 24.89
CA ALA A 200 -2.94 15.48 25.76
C ALA A 200 -2.23 15.11 27.07
N LYS A 201 -2.12 13.81 27.36
CA LYS A 201 -1.38 13.34 28.54
C LYS A 201 -0.31 12.33 28.10
N ASN A 202 -0.15 11.21 28.82
CA ASN A 202 0.84 10.19 28.40
C ASN A 202 2.27 10.68 28.18
N GLU A 203 2.73 11.61 29.01
CA GLU A 203 4.10 12.13 28.89
C GLU A 203 5.12 11.04 29.23
N ASN A 204 4.69 10.03 29.98
CA ASN A 204 5.59 8.99 30.47
C ASN A 204 5.25 7.61 29.89
N THR A 205 4.58 7.61 28.75
CA THR A 205 4.18 6.39 28.05
C THR A 205 4.40 6.63 26.55
N ARG A 206 4.77 5.57 25.81
CA ARG A 206 4.76 5.61 24.35
C ARG A 206 3.69 4.67 23.84
N TYR A 207 2.84 5.13 22.91
CA TYR A 207 1.82 4.26 22.33
C TYR A 207 1.82 4.34 20.82
N PHE A 208 1.40 3.26 20.18
CA PHE A 208 1.45 3.11 18.71
C PHE A 208 0.20 2.36 18.33
N GLY A 209 -0.62 2.98 17.47
CA GLY A 209 -1.89 2.35 17.08
C GLY A 209 -2.17 2.43 15.59
N ASN A 210 -2.94 1.47 15.09
CA ASN A 210 -3.50 1.58 13.75
C ASN A 210 -4.85 0.92 13.65
N TYR A 211 -5.67 1.49 12.78
CA TYR A 211 -7.05 1.04 12.59
C TYR A 211 -7.27 0.85 11.09
N THR A 212 -7.93 -0.26 10.75
CA THR A 212 -8.42 -0.50 9.39
C THR A 212 -9.86 -0.97 9.51
N GLY A 213 -10.78 -0.28 8.84
CA GLY A 213 -12.20 -0.57 8.98
C GLY A 213 -12.74 -1.54 7.94
N GLY A 214 -14.05 -1.47 7.70
CA GLY A 214 -14.71 -2.29 6.67
C GLY A 214 -15.33 -3.55 7.26
N THR A 215 -16.04 -4.30 6.43
CA THR A 215 -16.75 -5.50 6.89
C THR A 215 -16.11 -6.80 6.39
N THR A 216 -15.48 -6.76 5.23
CA THR A 216 -14.87 -7.97 4.66
C THR A 216 -13.37 -7.76 4.36
N THR A 217 -12.79 -6.73 4.95
CA THR A 217 -11.40 -6.35 4.69
C THR A 217 -10.43 -7.49 5.07
N PRO A 218 -9.52 -7.87 4.17
CA PRO A 218 -8.54 -8.92 4.51
CA PRO A 218 -8.55 -8.93 4.52
C PRO A 218 -7.66 -8.51 5.70
N PRO A 219 -7.48 -9.39 6.69
CA PRO A 219 -6.57 -9.04 7.78
C PRO A 219 -5.12 -9.16 7.32
N VAL A 220 -4.26 -8.29 7.83
CA VAL A 220 -2.86 -8.28 7.44
C VAL A 220 -2.02 -8.23 8.73
N LEU A 221 -0.94 -9.01 8.78
CA LEU A 221 -0.07 -8.96 9.96
C LEU A 221 1.35 -9.37 9.60
N GLN A 222 2.33 -8.68 10.17
CA GLN A 222 3.72 -9.10 10.03
CA GLN A 222 3.73 -9.08 10.04
C GLN A 222 4.23 -9.47 11.41
N PHE A 223 5.17 -10.41 11.47
CA PHE A 223 5.75 -10.84 12.75
C PHE A 223 7.19 -11.24 12.52
N THR A 224 8.08 -10.80 13.41
CA THR A 224 9.50 -11.12 13.30
C THR A 224 10.09 -10.93 14.69
N ASN A 225 11.20 -11.62 14.97
CA ASN A 225 11.91 -11.40 16.23
C ASN A 225 13.12 -10.48 16.04
N THR A 226 13.14 -9.74 14.91
CA THR A 226 14.30 -8.93 14.57
C THR A 226 14.07 -7.41 14.67
N LEU A 227 12.87 -7.01 15.08
CA LEU A 227 12.47 -5.60 15.12
CA LEU A 227 12.47 -5.60 15.12
C LEU A 227 12.38 -5.04 16.53
N THR A 228 13.16 -4.00 16.79
CA THR A 228 13.16 -3.32 18.07
C THR A 228 12.49 -1.95 17.91
N THR A 229 11.56 -1.66 18.82
CA THR A 229 10.94 -0.34 18.89
C THR A 229 11.64 0.50 19.96
N VAL A 230 12.22 1.63 19.57
CA VAL A 230 12.92 2.53 20.51
C VAL A 230 11.87 3.32 21.31
N LEU A 231 12.10 3.48 22.61
CA LEU A 231 11.09 4.13 23.48
C LEU A 231 11.59 5.48 24.00
N LEU A 232 12.82 5.83 23.64
CA LEU A 232 13.45 7.09 24.04
C LEU A 232 12.72 8.26 23.36
N ASP A 233 12.55 9.36 24.10
CA ASP A 233 11.88 10.54 23.54
C ASP A 233 12.89 11.40 22.79
N GLU A 234 12.44 12.55 22.29
CA GLU A 234 13.30 13.44 21.52
C GLU A 234 14.55 13.89 22.30
N ASN A 235 14.49 13.79 23.63
CA ASN A 235 15.63 14.13 24.49
C ASN A 235 16.48 12.92 24.92
N GLY A 236 16.16 11.74 24.41
CA GLY A 236 16.92 10.53 24.72
C GLY A 236 16.53 9.90 26.04
N VAL A 237 15.30 10.15 26.48
CA VAL A 237 14.80 9.64 27.76
C VAL A 237 13.60 8.73 27.55
N GLY A 238 13.68 7.51 28.08
CA GLY A 238 12.56 6.57 27.97
C GLY A 238 11.55 6.81 29.08
N PRO A 239 10.42 6.09 29.06
CA PRO A 239 9.48 6.06 30.18
C PRO A 239 10.19 5.73 31.50
N LEU A 240 9.90 6.50 32.55
CA LEU A 240 10.49 6.30 33.88
C LEU A 240 9.48 5.65 34.82
N CYS A 241 9.89 4.54 35.43
CA CYS A 241 8.92 3.69 36.10
C CYS A 241 8.70 4.12 37.54
N LYS A 242 7.54 4.72 37.79
CA LYS A 242 7.22 5.24 39.12
C LYS A 242 6.89 4.11 40.07
N GLY A 243 7.56 4.08 41.22
CA GLY A 243 7.42 2.99 42.17
C GLY A 243 7.81 1.64 41.59
N GLU A 244 8.73 1.65 40.63
CA GLU A 244 9.26 0.43 40.01
C GLU A 244 8.17 -0.42 39.34
N GLY A 245 7.15 0.26 38.80
CA GLY A 245 6.06 -0.39 38.09
C GLY A 245 6.13 -0.10 36.60
N LEU A 246 6.05 -1.14 35.79
CA LEU A 246 6.06 -1.00 34.33
C LEU A 246 4.69 -1.41 33.81
N TYR A 247 4.09 -0.56 32.99
CA TYR A 247 2.74 -0.80 32.47
C TYR A 247 2.77 -1.14 31.00
N LEU A 248 2.16 -2.27 30.67
CA LEU A 248 2.00 -2.73 29.29
C LEU A 248 0.51 -2.70 28.96
N SER A 249 0.19 -2.19 27.78
CA SER A 249 -1.21 -2.08 27.35
C SER A 249 -1.33 -2.46 25.90
N CYS A 250 -2.40 -3.16 25.54
CA CYS A 250 -2.60 -3.46 24.13
C CYS A 250 -4.01 -3.91 23.79
N VAL A 251 -4.29 -3.92 22.49
CA VAL A 251 -5.46 -4.58 21.92
C VAL A 251 -5.09 -4.96 20.49
N ASP A 252 -5.45 -6.17 20.09
CA ASP A 252 -5.12 -6.68 18.76
C ASP A 252 -6.29 -7.45 18.18
N ILE A 253 -7.19 -6.70 17.54
CA ILE A 253 -8.38 -7.24 16.90
C ILE A 253 -8.09 -7.56 15.42
N MET A 254 -8.41 -8.79 15.02
CA MET A 254 -8.14 -9.28 13.67
C MET A 254 -9.34 -9.20 12.73
N GLY A 255 -10.54 -9.05 13.29
CA GLY A 255 -11.76 -9.01 12.49
C GLY A 255 -12.84 -9.86 13.17
N TRP A 256 -13.79 -10.36 12.37
CA TRP A 256 -14.84 -11.22 12.90
C TRP A 256 -14.84 -12.55 12.16
N ARG A 257 -15.29 -13.61 12.85
CA ARG A 257 -15.85 -14.76 12.12
C ARG A 257 -17.37 -14.63 12.11
N VAL A 258 -18.00 -15.31 11.15
CA VAL A 258 -19.43 -15.18 10.93
C VAL A 258 -20.01 -16.60 10.94
N THR A 259 -21.03 -16.82 11.76
CA THR A 259 -21.64 -18.15 11.87
C THR A 259 -22.65 -18.45 10.77
N ARG A 260 -23.12 -19.70 10.75
CA ARG A 260 -24.14 -20.13 9.80
C ARG A 260 -25.56 -19.74 10.26
N ASN A 261 -25.68 -19.13 11.41
CA ASN A 261 -27.00 -18.83 11.97
C ASN A 261 -27.22 -17.33 12.00
N TYR A 262 -27.98 -16.82 11.04
CA TYR A 262 -28.29 -15.38 10.95
C TYR A 262 -27.05 -14.49 10.98
N ASP A 263 -25.98 -14.94 10.34
CA ASP A 263 -24.77 -14.14 10.21
C ASP A 263 -24.25 -13.55 11.53
N VAL A 264 -24.36 -14.30 12.63
CA VAL A 264 -23.81 -13.80 13.91
C VAL A 264 -22.30 -13.61 13.81
N HIS A 265 -21.83 -12.42 14.18
CA HIS A 265 -20.40 -12.10 14.17
C HIS A 265 -19.77 -12.25 15.56
N HIS A 266 -18.56 -12.81 15.61
CA HIS A 266 -17.74 -12.88 16.83
C HIS A 266 -16.40 -12.21 16.56
N TRP A 267 -16.02 -11.25 17.40
CA TRP A 267 -14.70 -10.62 17.28
C TRP A 267 -13.60 -11.65 17.54
N ARG A 268 -12.48 -11.53 16.84
CA ARG A 268 -11.28 -12.34 17.12
C ARG A 268 -10.11 -11.44 17.51
N GLY A 269 -9.45 -11.78 18.62
CA GLY A 269 -8.22 -11.12 19.04
C GLY A 269 -7.08 -12.11 19.16
N LEU A 270 -5.85 -11.59 19.15
CA LEU A 270 -4.68 -12.43 19.29
C LEU A 270 -3.79 -11.90 20.41
N PRO A 271 -2.98 -12.78 21.03
CA PRO A 271 -2.09 -12.33 22.12
C PRO A 271 -0.89 -11.55 21.61
N ARG A 272 -0.36 -10.67 22.46
CA ARG A 272 0.82 -9.87 22.13
C ARG A 272 1.95 -10.12 23.12
N TYR A 273 3.15 -10.35 22.57
CA TYR A 273 4.38 -10.55 23.33
C TYR A 273 5.13 -9.23 23.50
N PHE A 274 5.72 -9.01 24.67
CA PHE A 274 6.54 -7.82 24.94
C PHE A 274 7.85 -8.29 25.56
N LYS A 275 8.97 -7.79 25.05
CA LYS A 275 10.26 -7.95 25.73
C LYS A 275 10.86 -6.56 25.87
N ILE A 276 10.90 -6.05 27.10
CA ILE A 276 11.28 -4.66 27.35
C ILE A 276 12.69 -4.64 27.92
N THR A 277 13.53 -3.77 27.37
CA THR A 277 14.89 -3.56 27.91
C THR A 277 14.85 -2.29 28.75
N LEU A 278 15.34 -2.41 29.99
CA LEU A 278 15.37 -1.27 30.92
C LEU A 278 16.77 -1.03 31.50
N ARG A 279 17.03 0.23 31.82
CA ARG A 279 18.31 0.61 32.45
C ARG A 279 18.02 1.53 33.64
N LYS A 280 18.91 1.53 34.61
CA LYS A 280 18.76 2.43 35.76
C LYS A 280 19.22 3.83 35.38
N ARG A 281 18.49 4.83 35.85
CA ARG A 281 18.76 6.23 35.57
C ARG A 281 18.84 6.96 36.90
N TRP A 282 19.89 7.79 37.07
CA TRP A 282 19.99 8.70 38.21
C TRP A 282 19.00 9.85 38.02
N VAL A 283 18.24 10.19 39.06
CA VAL A 283 17.25 11.27 39.02
C VAL A 283 17.38 12.15 40.25
N LYS A 284 16.97 13.41 40.14
CA LYS A 284 17.00 14.35 41.27
C LYS A 284 15.64 15.00 41.46
N MET B 2 28.92 -19.85 24.49
CA MET B 2 28.18 -18.78 25.24
C MET B 2 28.86 -17.42 25.09
N GLU B 3 30.15 -17.34 25.44
CA GLU B 3 30.91 -16.10 25.28
C GLU B 3 31.45 -16.01 23.84
N VAL B 4 31.07 -14.94 23.15
CA VAL B 4 31.40 -14.76 21.74
C VAL B 4 32.65 -13.88 21.61
N LEU B 5 33.66 -14.39 20.91
CA LEU B 5 34.93 -13.68 20.79
C LEU B 5 35.14 -13.08 19.39
N ASP B 6 36.38 -13.12 18.90
CA ASP B 6 36.73 -12.58 17.60
C ASP B 6 36.28 -13.47 16.45
N LEU B 7 36.19 -12.89 15.26
CA LEU B 7 35.99 -13.66 14.02
C LEU B 7 37.27 -14.42 13.71
N VAL B 8 37.12 -15.64 13.20
CA VAL B 8 38.25 -16.46 12.78
C VAL B 8 38.70 -16.04 11.38
N THR B 9 40.00 -15.85 11.20
CA THR B 9 40.54 -15.54 9.87
C THR B 9 41.36 -16.70 9.29
N GLY B 10 41.63 -16.63 7.99
CA GLY B 10 42.48 -17.60 7.31
C GLY B 10 41.72 -18.46 6.31
N PRO B 11 42.38 -19.51 5.77
CA PRO B 11 41.81 -20.38 4.74
C PRO B 11 40.52 -21.06 5.20
N ASP B 12 39.48 -20.96 4.37
CA ASP B 12 38.19 -21.64 4.60
C ASP B 12 37.47 -21.15 5.87
N SER B 13 37.65 -19.89 6.23
CA SER B 13 36.98 -19.34 7.42
C SER B 13 35.58 -18.83 7.11
N VAL B 14 35.25 -18.72 5.82
CA VAL B 14 33.92 -18.33 5.36
C VAL B 14 33.40 -19.43 4.45
N THR B 15 32.09 -19.70 4.51
CA THR B 15 31.47 -20.68 3.64
C THR B 15 30.08 -20.21 3.23
N GLU B 16 29.56 -20.85 2.18
CA GLU B 16 28.27 -20.49 1.63
C GLU B 16 27.53 -21.79 1.36
N ILE B 17 26.28 -21.88 1.81
CA ILE B 17 25.49 -23.06 1.49
C ILE B 17 24.14 -22.70 0.94
N GLU B 18 23.67 -23.49 -0.02
CA GLU B 18 22.38 -23.24 -0.62
C GLU B 18 21.49 -24.47 -0.54
N ALA B 19 20.19 -24.23 -0.46
CA ALA B 19 19.20 -25.29 -0.43
C ALA B 19 17.87 -24.75 -0.92
N PHE B 20 17.05 -25.67 -1.42
CA PHE B 20 15.65 -25.35 -1.69
CA PHE B 20 15.63 -25.40 -1.74
C PHE B 20 14.77 -26.20 -0.79
N LEU B 21 13.70 -25.61 -0.28
CA LEU B 21 12.73 -26.31 0.52
C LEU B 21 11.43 -26.33 -0.26
N ASN B 22 10.98 -27.52 -0.65
CA ASN B 22 9.69 -27.66 -1.33
C ASN B 22 8.51 -27.51 -0.34
N PRO B 23 7.38 -26.98 -0.82
CA PRO B 23 6.23 -26.78 0.07
C PRO B 23 5.64 -28.12 0.54
N ARG B 24 4.97 -28.08 1.69
CA ARG B 24 4.33 -29.24 2.28
C ARG B 24 2.86 -28.89 2.50
N MET B 25 2.10 -28.83 1.41
CA MET B 25 0.71 -28.35 1.44
C MET B 25 -0.32 -29.41 1.82
N GLY B 26 0.06 -30.67 1.74
CA GLY B 26 -0.86 -31.75 2.14
C GLY B 26 -0.61 -33.05 1.41
N GLN B 27 -0.51 -32.98 0.09
CA GLN B 27 -0.18 -34.18 -0.69
C GLN B 27 1.32 -34.44 -0.59
N PRO B 28 1.72 -35.65 -0.11
CA PRO B 28 3.15 -36.00 -0.02
C PRO B 28 3.76 -36.14 -1.42
N PRO B 29 5.12 -36.15 -1.51
CA PRO B 29 5.80 -36.28 -2.81
C PRO B 29 5.44 -37.58 -3.55
N THR B 30 5.10 -38.62 -2.82
CA THR B 30 4.71 -39.91 -3.43
C THR B 30 3.29 -40.29 -2.99
N PRO B 31 2.55 -41.04 -3.82
CA PRO B 31 2.91 -41.63 -5.13
C PRO B 31 3.21 -40.57 -6.19
N GLU B 32 4.11 -40.89 -7.10
CA GLU B 32 4.52 -39.94 -8.14
C GLU B 32 3.55 -39.90 -9.31
N SER B 33 2.78 -40.97 -9.50
CA SER B 33 1.86 -41.06 -10.65
C SER B 33 0.85 -39.93 -10.70
N LEU B 34 0.68 -39.39 -11.91
CA LEU B 34 -0.19 -38.23 -12.12
C LEU B 34 -1.66 -38.62 -12.23
N THR B 35 -1.94 -39.91 -12.04
CA THR B 35 -3.32 -40.39 -11.92
C THR B 35 -3.65 -41.01 -10.55
N GLU B 36 -2.66 -41.10 -9.67
CA GLU B 36 -2.86 -41.73 -8.35
C GLU B 36 -2.73 -40.75 -7.19
N GLY B 37 -2.63 -39.45 -7.50
CA GLY B 37 -2.52 -38.45 -6.44
C GLY B 37 -1.34 -37.50 -6.59
N GLY B 38 -0.32 -37.93 -7.33
CA GLY B 38 0.85 -37.09 -7.62
C GLY B 38 0.53 -35.77 -8.30
N GLN B 39 -0.60 -35.72 -9.02
CA GLN B 39 -1.06 -34.50 -9.66
C GLN B 39 -1.41 -33.39 -8.66
N TYR B 40 -1.54 -33.73 -7.37
CA TYR B 40 -1.79 -32.74 -6.32
C TYR B 40 -0.52 -32.32 -5.58
N TYR B 41 0.64 -32.82 -5.98
CA TYR B 41 1.88 -32.44 -5.30
C TYR B 41 2.17 -30.96 -5.55
N GLY B 42 2.40 -30.21 -4.47
CA GLY B 42 2.51 -28.76 -4.52
C GLY B 42 1.22 -28.11 -4.03
N TRP B 43 0.21 -28.96 -3.80
CA TRP B 43 -1.12 -28.51 -3.39
C TRP B 43 -1.59 -29.33 -2.18
N SER B 44 -2.66 -28.88 -1.51
CA SER B 44 -3.37 -29.76 -0.57
C SER B 44 -4.36 -30.62 -1.35
N ARG B 45 -4.92 -31.63 -0.69
CA ARG B 45 -6.10 -32.29 -1.22
C ARG B 45 -7.30 -31.42 -0.87
N GLY B 46 -8.47 -31.75 -1.42
CA GLY B 46 -9.67 -30.92 -1.24
C GLY B 46 -10.01 -30.68 0.22
N ILE B 47 -10.09 -29.41 0.61
CA ILE B 47 -10.39 -29.04 1.99
C ILE B 47 -11.75 -29.59 2.41
N ASN B 48 -11.79 -30.31 3.53
CA ASN B 48 -13.03 -30.90 4.03
C ASN B 48 -13.53 -30.12 5.24
N LEU B 49 -14.84 -29.85 5.28
CA LEU B 49 -15.42 -28.99 6.31
C LEU B 49 -16.04 -29.73 7.48
N ALA B 50 -16.06 -29.06 8.63
CA ALA B 50 -16.76 -29.52 9.82
C ALA B 50 -18.22 -29.82 9.48
N THR B 51 -18.79 -30.81 10.16
CA THR B 51 -20.19 -31.19 9.93
C THR B 51 -21.14 -30.59 10.98
N SER B 52 -20.58 -30.02 12.04
CA SER B 52 -21.38 -29.33 13.08
C SER B 52 -20.44 -28.47 13.90
N ASP B 53 -20.99 -27.67 14.82
CA ASP B 53 -20.18 -26.87 15.72
C ASP B 53 -19.23 -27.70 16.58
N THR B 54 -19.55 -29.00 16.78
CA THR B 54 -18.76 -29.86 17.67
C THR B 54 -18.02 -30.99 16.95
N GLU B 55 -18.10 -31.00 15.62
CA GLU B 55 -17.50 -32.07 14.82
C GLU B 55 -16.66 -31.51 13.67
N ASP B 56 -15.40 -31.16 13.99
CA ASP B 56 -14.47 -30.62 13.02
C ASP B 56 -13.24 -31.54 12.97
N SER B 57 -13.17 -32.37 11.93
CA SER B 57 -12.12 -33.38 11.78
C SER B 57 -11.37 -33.25 10.45
N PRO B 58 -10.41 -32.33 10.37
CA PRO B 58 -9.68 -32.13 9.12
C PRO B 58 -8.77 -33.32 8.81
N GLU B 59 -8.72 -33.72 7.54
CA GLU B 59 -7.79 -34.77 7.12
C GLU B 59 -6.38 -34.21 7.03
N ASN B 60 -5.37 -35.03 7.35
CA ASN B 60 -3.98 -34.58 7.33
C ASN B 60 -3.55 -33.98 6.00
N ASN B 61 -4.02 -34.57 4.89
CA ASN B 61 -3.60 -34.11 3.57
C ASN B 61 -4.29 -32.82 3.10
N THR B 62 -5.09 -32.22 3.98
CA THR B 62 -5.70 -30.90 3.74
C THR B 62 -4.99 -29.78 4.52
N LEU B 63 -4.01 -30.14 5.34
CA LEU B 63 -3.40 -29.18 6.26
C LEU B 63 -1.97 -28.86 5.85
N PRO B 64 -1.70 -27.61 5.45
CA PRO B 64 -0.32 -27.24 5.15
C PRO B 64 0.54 -27.32 6.41
N THR B 65 1.75 -27.84 6.27
CA THR B 65 2.68 -27.97 7.39
C THR B 65 3.99 -27.22 7.09
N TRP B 66 4.78 -26.97 8.14
CA TRP B 66 6.08 -26.33 7.98
C TRP B 66 7.02 -27.20 7.15
N SER B 67 7.78 -26.56 6.26
CA SER B 67 8.95 -27.18 5.65
C SER B 67 10.15 -26.92 6.51
N MET B 68 11.04 -27.90 6.62
CA MET B 68 12.32 -27.67 7.30
C MET B 68 13.43 -28.55 6.77
N ALA B 69 14.67 -28.08 6.94
CA ALA B 69 15.85 -28.86 6.61
C ALA B 69 16.95 -28.55 7.60
N LYS B 70 17.73 -29.56 7.94
CA LYS B 70 18.92 -29.38 8.75
C LYS B 70 20.09 -29.69 7.83
N LEU B 71 20.98 -28.73 7.68
CA LEU B 71 22.11 -28.87 6.79
C LEU B 71 23.39 -29.04 7.59
N GLN B 72 24.24 -29.97 7.15
CA GLN B 72 25.50 -30.24 7.82
C GLN B 72 26.56 -29.25 7.35
N LEU B 73 27.26 -28.61 8.29
CA LEU B 73 28.32 -27.66 7.95
C LEU B 73 29.69 -28.34 8.09
N PRO B 74 30.75 -27.75 7.48
CA PRO B 74 32.11 -28.31 7.59
C PRO B 74 32.56 -28.52 9.04
N MET B 75 33.29 -29.61 9.27
CA MET B 75 33.78 -29.95 10.61
C MET B 75 34.71 -28.85 11.12
N LEU B 76 34.67 -28.59 12.43
N LEU B 76 34.63 -28.57 12.42
CA LEU B 76 35.47 -27.54 13.03
CA LEU B 76 35.43 -27.52 13.05
C LEU B 76 36.51 -28.06 14.01
C LEU B 76 36.29 -28.07 14.19
N ASN B 77 36.07 -28.27 15.25
N ASN B 77 37.32 -27.32 14.55
CA ASN B 77 36.96 -28.63 16.34
CA ASN B 77 38.11 -27.62 15.73
C ASN B 77 37.45 -30.07 16.24
C ASN B 77 39.00 -28.85 15.55
N THR B 84 39.91 -22.82 23.47
CA THR B 84 39.01 -21.97 22.69
C THR B 84 38.49 -22.71 21.47
N LEU B 85 37.18 -22.82 21.37
CA LEU B 85 36.54 -23.53 20.27
C LEU B 85 36.11 -22.54 19.17
N GLN B 86 35.72 -23.09 18.03
CA GLN B 86 35.14 -22.31 16.94
C GLN B 86 33.71 -22.78 16.68
N MET B 87 32.86 -21.86 16.25
CA MET B 87 31.51 -22.19 15.80
C MET B 87 31.23 -21.49 14.48
N TRP B 88 30.38 -22.09 13.67
CA TRP B 88 29.87 -21.42 12.48
C TRP B 88 28.81 -20.40 12.89
N GLU B 89 28.88 -19.23 12.25
CA GLU B 89 27.94 -18.13 12.51
C GLU B 89 27.28 -17.71 11.20
N ALA B 90 25.96 -17.78 11.14
CA ALA B 90 25.19 -17.38 9.96
C ALA B 90 25.09 -15.85 9.91
N VAL B 91 25.61 -15.26 8.85
CA VAL B 91 25.77 -13.81 8.75
C VAL B 91 24.61 -13.18 7.98
N SER B 92 24.23 -13.83 6.90
CA SER B 92 23.20 -13.30 6.03
C SER B 92 22.60 -14.41 5.19
N VAL B 93 21.44 -14.12 4.62
CA VAL B 93 20.78 -15.07 3.74
C VAL B 93 20.17 -14.32 2.56
N LYS B 94 20.30 -14.91 1.38
CA LYS B 94 19.49 -14.51 0.23
C LYS B 94 18.43 -15.57 0.06
N THR B 95 17.17 -15.14 0.09
CA THR B 95 16.07 -16.07 0.00
C THR B 95 15.04 -15.61 -1.03
N GLU B 96 14.42 -16.55 -1.72
CA GLU B 96 13.50 -16.24 -2.80
C GLU B 96 12.42 -17.30 -2.89
N VAL B 97 11.18 -16.89 -3.11
CA VAL B 97 10.10 -17.85 -3.39
C VAL B 97 10.00 -17.95 -4.90
N VAL B 98 10.06 -19.17 -5.42
CA VAL B 98 10.19 -19.38 -6.87
C VAL B 98 8.88 -19.90 -7.44
N GLY B 99 8.52 -19.41 -8.63
CA GLY B 99 7.44 -19.98 -9.41
C GLY B 99 6.14 -19.19 -9.45
N SER B 100 6.14 -17.93 -9.01
CA SER B 100 4.88 -17.17 -9.01
C SER B 100 4.31 -17.00 -10.43
N GLY B 101 5.20 -16.96 -11.43
CA GLY B 101 4.78 -16.97 -12.85
C GLY B 101 3.85 -18.12 -13.24
N SER B 102 3.97 -19.26 -12.53
CA SER B 102 3.10 -20.43 -12.78
C SER B 102 1.62 -20.12 -12.47
N LEU B 103 1.39 -19.11 -11.65
CA LEU B 103 0.01 -18.72 -11.29
C LEU B 103 -0.69 -17.98 -12.43
N LEU B 104 0.08 -17.65 -13.47
CA LEU B 104 -0.48 -17.08 -14.70
C LEU B 104 -1.11 -18.14 -15.62
N ASP B 105 -1.07 -19.41 -15.23
CA ASP B 105 -1.86 -20.44 -15.93
C ASP B 105 -3.34 -20.27 -15.57
N VAL B 106 -4.11 -19.68 -16.49
CA VAL B 106 -5.56 -19.49 -16.31
C VAL B 106 -6.31 -20.24 -17.44
N HIS B 107 -5.69 -21.30 -17.94
CA HIS B 107 -6.26 -22.07 -19.04
C HIS B 107 -6.72 -23.47 -18.62
N GLY B 108 -6.66 -23.76 -17.32
CA GLY B 108 -7.03 -25.09 -16.78
C GLY B 108 -8.52 -25.27 -16.55
N PHE B 109 -8.85 -26.15 -15.61
CA PHE B 109 -10.24 -26.59 -15.42
C PHE B 109 -10.80 -26.14 -14.07
N ASN B 110 -10.26 -25.04 -13.51
CA ASN B 110 -10.79 -24.49 -12.26
C ASN B 110 -12.18 -23.91 -12.49
N LYS B 111 -12.86 -23.54 -11.41
CA LYS B 111 -14.09 -22.74 -11.50
C LYS B 111 -13.85 -21.57 -12.48
N PRO B 112 -14.71 -21.42 -13.50
CA PRO B 112 -14.46 -20.36 -14.48
C PRO B 112 -14.94 -19.00 -13.96
N THR B 113 -14.43 -17.92 -14.56
CA THR B 113 -14.78 -16.57 -14.12
C THR B 113 -16.21 -16.18 -14.50
N ASP B 114 -16.74 -16.76 -15.58
CA ASP B 114 -18.14 -16.59 -15.93
C ASP B 114 -18.90 -17.88 -15.61
N THR B 115 -19.49 -17.94 -14.42
CA THR B 115 -20.15 -19.17 -13.98
C THR B 115 -21.52 -19.37 -14.61
N VAL B 116 -22.11 -18.29 -15.11
CA VAL B 116 -23.41 -18.37 -15.76
C VAL B 116 -23.35 -19.24 -17.02
N ASN B 117 -22.33 -18.99 -17.84
CA ASN B 117 -22.14 -19.72 -19.09
C ASN B 117 -21.01 -20.75 -19.05
N THR B 118 -20.29 -20.81 -17.93
CA THR B 118 -19.10 -21.67 -17.79
C THR B 118 -18.03 -21.29 -18.84
N LYS B 119 -17.67 -20.00 -18.83
CA LYS B 119 -16.76 -19.43 -19.84
C LYS B 119 -15.81 -18.48 -19.14
N GLY B 120 -15.07 -17.69 -19.91
CA GLY B 120 -14.08 -16.75 -19.36
C GLY B 120 -12.73 -17.44 -19.23
N ILE B 121 -12.13 -17.35 -18.05
CA ILE B 121 -10.88 -18.05 -17.78
C ILE B 121 -10.98 -18.94 -16.55
N SER B 122 -10.00 -19.83 -16.38
CA SER B 122 -9.91 -20.69 -15.21
C SER B 122 -9.42 -19.82 -14.07
N THR B 123 -10.25 -19.65 -13.02
CA THR B 123 -9.93 -18.68 -11.96
C THR B 123 -8.55 -18.98 -11.38
N PRO B 124 -7.64 -17.98 -11.37
CA PRO B 124 -6.32 -18.18 -10.78
C PRO B 124 -6.35 -18.30 -9.24
N VAL B 125 -5.26 -18.81 -8.69
CA VAL B 125 -5.08 -18.92 -7.24
C VAL B 125 -5.29 -17.54 -6.57
N GLU B 126 -6.13 -17.52 -5.54
CA GLU B 126 -6.43 -16.29 -4.77
C GLU B 126 -6.70 -16.65 -3.33
N GLY B 127 -6.71 -15.63 -2.47
CA GLY B 127 -7.16 -15.83 -1.09
C GLY B 127 -6.04 -15.62 -0.08
N SER B 128 -6.09 -16.38 1.00
CA SER B 128 -5.22 -16.19 2.16
C SER B 128 -3.79 -16.64 1.83
N GLN B 129 -2.82 -15.82 2.26
CA GLN B 129 -1.40 -16.04 1.93
C GLN B 129 -0.59 -15.96 3.20
N TYR B 130 0.47 -16.76 3.26
CA TYR B 130 1.24 -16.87 4.48
C TYR B 130 2.68 -17.18 4.10
N HIS B 131 3.60 -16.30 4.46
CA HIS B 131 5.01 -16.46 4.06
C HIS B 131 5.86 -16.29 5.29
N VAL B 132 6.55 -17.35 5.69
CA VAL B 132 7.46 -17.27 6.84
C VAL B 132 8.75 -17.98 6.47
N PHE B 133 9.88 -17.42 6.84
CA PHE B 133 11.13 -18.19 6.78
C PHE B 133 11.96 -17.93 8.04
N ALA B 134 12.85 -18.86 8.34
CA ALA B 134 13.68 -18.76 9.52
C ALA B 134 15.01 -19.44 9.24
N VAL B 135 16.07 -18.89 9.84
CA VAL B 135 17.41 -19.47 9.76
C VAL B 135 17.95 -19.47 11.19
N GLY B 136 18.43 -20.62 11.67
CA GLY B 136 18.93 -20.68 13.04
C GLY B 136 19.94 -21.77 13.27
N GLY B 137 20.54 -21.75 14.46
CA GLY B 137 21.57 -22.73 14.83
C GLY B 137 20.99 -23.89 15.60
N GLU B 138 19.67 -23.91 15.73
CA GLU B 138 18.94 -24.99 16.39
C GLU B 138 17.51 -24.96 15.83
N PRO B 139 16.70 -26.00 16.09
CA PRO B 139 15.34 -26.03 15.54
C PRO B 139 14.52 -24.81 15.95
N LEU B 140 13.65 -24.38 15.04
CA LEU B 140 12.75 -23.27 15.31
C LEU B 140 11.86 -23.63 16.49
N ASP B 141 11.81 -22.75 17.48
CA ASP B 141 10.93 -22.95 18.64
C ASP B 141 9.51 -22.54 18.25
N LEU B 142 8.54 -23.40 18.57
CA LEU B 142 7.16 -23.22 18.19
C LEU B 142 6.24 -23.02 19.39
N GLN B 143 5.26 -22.15 19.21
CA GLN B 143 4.20 -21.93 20.19
C GLN B 143 2.87 -22.32 19.54
N GLY B 144 2.12 -23.20 20.21
CA GLY B 144 0.80 -23.66 19.74
C GLY B 144 -0.24 -22.58 20.00
N LEU B 145 -1.12 -22.36 19.01
CA LEU B 145 -2.29 -21.48 19.16
C LEU B 145 -3.26 -21.84 18.05
N VAL B 146 -4.50 -22.16 18.42
CA VAL B 146 -5.48 -22.62 17.42
C VAL B 146 -6.74 -21.74 17.38
N THR B 147 -7.44 -21.84 16.27
CA THR B 147 -8.78 -21.24 16.12
C THR B 147 -9.78 -21.90 17.08
N ASP B 148 -9.74 -23.23 17.17
CA ASP B 148 -10.75 -23.97 17.92
C ASP B 148 -10.11 -25.14 18.66
N ALA B 149 -10.11 -25.07 20.00
CA ALA B 149 -9.51 -26.10 20.84
C ALA B 149 -10.30 -27.41 20.77
N ARG B 150 -11.46 -27.39 20.12
CA ARG B 150 -12.29 -28.59 19.99
C ARG B 150 -11.99 -29.35 18.70
N THR B 151 -11.15 -28.78 17.83
CA THR B 151 -10.82 -29.43 16.55
C THR B 151 -10.20 -30.81 16.82
N LYS B 152 -10.68 -31.81 16.08
CA LYS B 152 -10.24 -33.18 16.28
C LYS B 152 -9.20 -33.53 15.22
N TYR B 153 -7.97 -33.11 15.45
CA TYR B 153 -6.87 -33.49 14.54
C TYR B 153 -6.59 -34.98 14.67
N LYS B 154 -6.10 -35.58 13.59
CA LYS B 154 -5.67 -36.99 13.62
C LYS B 154 -4.55 -37.18 14.64
N GLU B 155 -4.53 -38.33 15.30
CA GLU B 155 -3.47 -38.62 16.28
C GLU B 155 -2.19 -39.07 15.58
N GLU B 156 -2.32 -39.68 14.41
CA GLU B 156 -1.15 -40.14 13.67
C GLU B 156 -0.92 -39.31 12.41
N GLY B 157 0.35 -39.07 12.07
CA GLY B 157 0.68 -38.42 10.80
C GLY B 157 0.83 -36.90 10.86
N VAL B 158 0.47 -36.30 11.99
CA VAL B 158 0.71 -34.88 12.25
C VAL B 158 1.14 -34.71 13.70
N VAL B 159 1.93 -33.68 13.96
CA VAL B 159 2.26 -33.32 15.33
C VAL B 159 1.37 -32.14 15.73
N THR B 160 0.52 -32.37 16.74
CA THR B 160 -0.42 -31.34 17.19
C THR B 160 -0.20 -31.11 18.70
N ILE B 161 -0.99 -30.21 19.30
CA ILE B 161 -0.78 -29.91 20.73
C ILE B 161 -0.91 -31.17 21.60
N LYS B 162 -1.93 -31.98 21.32
CA LYS B 162 -2.12 -33.25 22.03
C LYS B 162 -0.91 -34.20 21.94
N THR B 163 -0.22 -34.20 20.79
CA THR B 163 1.00 -35.01 20.63
C THR B 163 2.05 -34.66 21.70
N ILE B 164 2.18 -33.37 21.98
CA ILE B 164 3.14 -32.85 22.95
C ILE B 164 2.67 -33.03 24.40
N THR B 165 1.44 -32.61 24.69
CA THR B 165 0.97 -32.61 26.09
C THR B 165 0.41 -33.94 26.56
N LYS B 166 0.08 -34.82 25.62
CA LYS B 166 -0.61 -36.09 25.89
C LYS B 166 -2.03 -35.90 26.40
N LYS B 167 -2.55 -34.68 26.31
CA LYS B 167 -3.90 -34.36 26.78
C LYS B 167 -4.65 -33.56 25.72
N ASP B 168 -5.97 -33.63 25.75
CA ASP B 168 -6.81 -32.80 24.87
C ASP B 168 -6.46 -31.32 25.03
N MET B 169 -6.62 -30.55 23.95
CA MET B 169 -6.46 -29.10 24.03
C MET B 169 -7.44 -28.50 25.04
N VAL B 170 -7.04 -27.38 25.64
CA VAL B 170 -7.86 -26.64 26.61
C VAL B 170 -8.24 -25.28 26.00
N ASN B 171 -9.19 -24.57 26.61
CA ASN B 171 -9.62 -23.28 26.03
C ASN B 171 -8.48 -22.27 25.90
N LYS B 172 -7.51 -22.33 26.81
CA LYS B 172 -6.34 -21.45 26.76
C LYS B 172 -5.52 -21.61 25.48
N ASP B 173 -5.70 -22.74 24.78
CA ASP B 173 -5.01 -22.97 23.51
C ASP B 173 -5.52 -22.11 22.36
N GLN B 174 -6.64 -21.42 22.56
CA GLN B 174 -7.15 -20.45 21.58
C GLN B 174 -6.52 -19.08 21.77
N VAL B 175 -5.78 -18.90 22.87
CA VAL B 175 -4.97 -17.71 23.12
C VAL B 175 -3.53 -18.21 23.39
N LEU B 176 -2.74 -17.48 24.18
CA LEU B 176 -1.38 -17.94 24.48
C LEU B 176 -1.35 -18.80 25.75
N ASN B 177 -1.06 -20.10 25.57
CA ASN B 177 -0.88 -21.05 26.65
C ASN B 177 0.59 -21.52 26.60
N PRO B 178 1.43 -21.07 27.56
CA PRO B 178 2.87 -21.37 27.60
CA PRO B 178 2.87 -21.37 27.56
C PRO B 178 3.20 -22.87 27.64
N ILE B 179 2.23 -23.69 28.05
CA ILE B 179 2.42 -25.14 28.08
C ILE B 179 2.55 -25.76 26.68
N SER B 180 1.88 -25.14 25.71
CA SER B 180 1.77 -25.69 24.36
C SER B 180 2.95 -25.26 23.48
N LYS B 181 4.10 -25.90 23.70
CA LYS B 181 5.31 -25.56 22.96
CA LYS B 181 5.32 -25.56 22.98
C LYS B 181 5.91 -26.80 22.29
N ALA B 182 6.62 -26.60 21.19
CA ALA B 182 7.30 -27.68 20.48
C ALA B 182 8.50 -27.13 19.74
N LYS B 183 9.23 -28.02 19.07
CA LYS B 183 10.34 -27.63 18.22
C LYS B 183 10.12 -28.19 16.81
N LEU B 184 10.43 -27.36 15.83
CA LEU B 184 10.30 -27.77 14.44
C LEU B 184 11.45 -28.71 14.05
N ASP B 185 11.30 -29.99 14.36
CA ASP B 185 12.37 -30.96 14.15
C ASP B 185 12.09 -31.96 13.03
N LYS B 186 10.95 -31.81 12.35
CA LYS B 186 10.56 -32.73 11.27
C LYS B 186 9.88 -31.95 10.15
N ASP B 187 10.24 -32.26 8.90
CA ASP B 187 9.62 -31.66 7.71
C ASP B 187 8.22 -32.26 7.48
N GLY B 188 7.27 -31.45 7.03
CA GLY B 188 5.93 -31.91 6.65
C GLY B 188 5.06 -32.53 7.75
N MET B 189 5.21 -32.07 8.99
CA MET B 189 4.53 -32.71 10.14
C MET B 189 3.81 -31.74 11.09
N TYR B 190 4.26 -30.48 11.11
CA TYR B 190 3.72 -29.47 12.03
C TYR B 190 2.78 -28.49 11.31
N PRO B 191 1.44 -28.62 11.51
CA PRO B 191 0.47 -27.76 10.82
C PRO B 191 0.68 -26.29 11.11
N VAL B 192 0.67 -25.46 10.07
CA VAL B 192 0.89 -24.04 10.28
C VAL B 192 -0.32 -23.34 10.92
N GLU B 193 -1.50 -23.97 10.88
CA GLU B 193 -2.65 -23.40 11.59
C GLU B 193 -2.57 -23.63 13.12
N ILE B 194 -1.60 -24.43 13.56
CA ILE B 194 -1.41 -24.75 14.98
C ILE B 194 -0.12 -24.14 15.54
N TRP B 195 0.98 -24.25 14.79
CA TRP B 195 2.31 -23.95 15.31
C TRP B 195 2.94 -22.68 14.74
N HIS B 196 3.28 -21.76 15.64
CA HIS B 196 3.76 -20.41 15.29
C HIS B 196 5.15 -20.21 15.88
N PRO B 197 5.97 -19.33 15.25
CA PRO B 197 7.28 -19.07 15.86
C PRO B 197 7.08 -18.51 17.27
N ASP B 198 7.84 -19.02 18.24
CA ASP B 198 7.70 -18.62 19.64
C ASP B 198 8.60 -17.42 19.92
N PRO B 199 8.01 -16.22 20.14
CA PRO B 199 8.84 -15.05 20.38
C PRO B 199 9.52 -15.03 21.74
N ALA B 200 9.07 -15.91 22.64
CA ALA B 200 9.68 -16.01 23.98
C ALA B 200 10.95 -16.88 23.95
N LYS B 201 11.19 -17.58 22.86
CA LYS B 201 12.42 -18.40 22.72
C LYS B 201 13.17 -17.95 21.46
N ASN B 202 13.70 -18.87 20.66
CA ASN B 202 14.36 -18.50 19.40
C ASN B 202 15.46 -17.44 19.53
N GLU B 203 16.23 -17.53 20.61
CA GLU B 203 17.38 -16.63 20.82
C GLU B 203 18.45 -16.84 19.74
N ASN B 204 18.46 -18.03 19.16
CA ASN B 204 19.51 -18.44 18.21
C ASN B 204 18.95 -18.67 16.78
N THR B 205 17.81 -18.04 16.49
CA THR B 205 17.16 -18.14 15.20
C THR B 205 16.60 -16.78 14.86
N ARG B 206 16.63 -16.41 13.58
CA ARG B 206 15.90 -15.24 13.10
C ARG B 206 14.74 -15.70 12.24
N TYR B 207 13.55 -15.16 12.48
CA TYR B 207 12.40 -15.51 11.62
C TYR B 207 11.67 -14.25 11.16
N PHE B 208 10.98 -14.37 10.02
CA PHE B 208 10.34 -13.24 9.37
C PHE B 208 9.06 -13.77 8.76
N GLY B 209 7.91 -13.26 9.19
CA GLY B 209 6.63 -13.79 8.71
C GLY B 209 5.66 -12.71 8.28
N ASN B 210 4.78 -13.04 7.36
CA ASN B 210 3.66 -12.17 7.04
C ASN B 210 2.44 -12.94 6.59
N TYR B 211 1.27 -12.38 6.92
CA TYR B 211 0.00 -13.03 6.71
C TYR B 211 -0.93 -12.02 6.05
N THR B 212 -1.63 -12.45 5.00
CA THR B 212 -2.73 -11.66 4.42
C THR B 212 -3.92 -12.62 4.30
N GLY B 213 -5.08 -12.23 4.83
CA GLY B 213 -6.23 -13.16 4.84
C GLY B 213 -7.19 -12.94 3.68
N GLY B 214 -8.45 -13.28 3.91
CA GLY B 214 -9.51 -13.08 2.92
C GLY B 214 -9.74 -14.32 2.07
N THR B 215 -10.78 -14.29 1.24
CA THR B 215 -11.16 -15.45 0.42
C THR B 215 -10.80 -15.29 -1.05
N THR B 216 -10.83 -14.07 -1.55
CA THR B 216 -10.50 -13.81 -2.97
C THR B 216 -9.35 -12.82 -3.16
N THR B 217 -8.57 -12.61 -2.11
CA THR B 217 -7.49 -11.60 -2.11
C THR B 217 -6.45 -11.91 -3.20
N PRO B 218 -6.05 -10.89 -4.01
CA PRO B 218 -5.00 -11.17 -5.01
C PRO B 218 -3.67 -11.53 -4.34
N PRO B 219 -3.02 -12.63 -4.77
CA PRO B 219 -1.68 -12.91 -4.26
C PRO B 219 -0.67 -11.91 -4.80
N VAL B 220 0.30 -11.55 -3.95
CA VAL B 220 1.35 -10.61 -4.33
C VAL B 220 2.69 -11.25 -3.95
N LEU B 221 3.68 -11.12 -4.83
CA LEU B 221 5.00 -11.66 -4.54
C LEU B 221 6.05 -10.87 -5.30
N GLN B 222 7.17 -10.61 -4.64
CA GLN B 222 8.34 -10.02 -5.31
C GLN B 222 9.46 -11.04 -5.28
N PHE B 223 10.35 -10.97 -6.26
CA PHE B 223 11.49 -11.88 -6.31
C PHE B 223 12.65 -11.21 -7.02
N THR B 224 13.85 -11.40 -6.48
CA THR B 224 15.05 -10.80 -7.04
C THR B 224 16.26 -11.56 -6.49
N ASN B 225 17.36 -11.56 -7.22
CA ASN B 225 18.59 -12.16 -6.70
C ASN B 225 19.55 -11.10 -6.13
N THR B 226 19.02 -9.90 -5.87
CA THR B 226 19.85 -8.77 -5.43
C THR B 226 19.64 -8.41 -3.95
N LEU B 227 18.77 -9.13 -3.25
CA LEU B 227 18.37 -8.75 -1.90
C LEU B 227 19.01 -9.65 -0.85
N THR B 228 19.73 -9.05 0.09
CA THR B 228 20.33 -9.80 1.20
C THR B 228 19.63 -9.49 2.53
N THR B 229 19.24 -10.54 3.26
CA THR B 229 18.74 -10.38 4.63
C THR B 229 19.86 -10.56 5.66
N VAL B 230 20.16 -9.53 6.45
CA VAL B 230 21.18 -9.63 7.50
C VAL B 230 20.65 -10.47 8.67
N LEU B 231 21.48 -11.35 9.22
CA LEU B 231 21.03 -12.21 10.34
C LEU B 231 21.68 -11.84 11.68
N LEU B 232 22.59 -10.88 11.65
CA LEU B 232 23.26 -10.39 12.86
C LEU B 232 22.25 -9.71 13.79
N ASP B 233 22.38 -9.95 15.09
CA ASP B 233 21.52 -9.30 16.08
C ASP B 233 22.04 -7.89 16.40
N GLU B 234 21.49 -7.28 17.45
CA GLU B 234 21.86 -5.92 17.85
C GLU B 234 23.31 -5.80 18.33
N ASN B 235 23.92 -6.92 18.71
CA ASN B 235 25.33 -6.94 19.11
C ASN B 235 26.30 -7.37 17.99
N GLY B 236 25.77 -7.59 16.79
CA GLY B 236 26.58 -7.98 15.66
C GLY B 236 26.87 -9.48 15.57
N VAL B 237 26.01 -10.27 16.20
CA VAL B 237 26.22 -11.72 16.28
C VAL B 237 25.07 -12.44 15.58
N GLY B 238 25.42 -13.33 14.65
CA GLY B 238 24.41 -14.09 13.91
C GLY B 238 24.10 -15.38 14.65
N PRO B 239 23.12 -16.16 14.16
CA PRO B 239 22.84 -17.48 14.74
C PRO B 239 24.11 -18.35 14.77
N LEU B 240 24.33 -19.03 15.89
CA LEU B 240 25.51 -19.87 16.08
C LEU B 240 25.10 -21.33 15.98
N CYS B 241 25.78 -22.07 15.11
CA CYS B 241 25.36 -23.41 14.75
C CYS B 241 25.88 -24.48 15.70
N LYS B 242 24.98 -24.99 16.54
CA LYS B 242 25.32 -26.00 17.52
C LYS B 242 25.54 -27.36 16.85
N GLY B 243 26.70 -27.95 17.11
CA GLY B 243 27.07 -29.22 16.48
C GLY B 243 27.14 -29.11 14.97
N GLU B 244 27.47 -27.92 14.47
CA GLU B 244 27.65 -27.67 13.04
C GLU B 244 26.39 -28.03 12.22
N GLY B 245 25.23 -27.76 12.83
CA GLY B 245 23.94 -27.91 12.15
C GLY B 245 23.28 -26.57 11.91
N LEU B 246 22.81 -26.36 10.69
CA LEU B 246 22.10 -25.13 10.32
C LEU B 246 20.66 -25.49 10.02
N TYR B 247 19.72 -24.81 10.66
CA TYR B 247 18.31 -25.11 10.45
C TYR B 247 17.62 -24.07 9.59
N LEU B 248 16.92 -24.55 8.56
CA LEU B 248 16.12 -23.70 7.68
C LEU B 248 14.65 -24.11 7.78
N SER B 249 13.77 -23.14 7.92
CA SER B 249 12.35 -23.40 8.11
C SER B 249 11.55 -22.44 7.24
N CYS B 250 10.44 -22.92 6.67
CA CYS B 250 9.58 -22.01 5.92
C CYS B 250 8.19 -22.56 5.61
N VAL B 251 7.31 -21.65 5.23
CA VAL B 251 6.02 -21.97 4.62
C VAL B 251 5.69 -20.82 3.69
N ASP B 252 5.21 -21.15 2.49
CA ASP B 252 4.87 -20.14 1.50
C ASP B 252 3.58 -20.51 0.78
N ILE B 253 2.47 -20.06 1.37
CA ILE B 253 1.13 -20.34 0.89
C ILE B 253 0.68 -19.16 0.02
N MET B 254 0.21 -19.47 -1.18
CA MET B 254 -0.17 -18.44 -2.15
C MET B 254 -1.67 -18.20 -2.19
N GLY B 255 -2.46 -19.12 -1.61
CA GLY B 255 -3.91 -19.05 -1.71
C GLY B 255 -4.48 -20.41 -2.08
N TRP B 256 -5.68 -20.41 -2.65
CA TRP B 256 -6.36 -21.65 -3.07
C TRP B 256 -6.70 -21.59 -4.54
N ARG B 257 -6.73 -22.76 -5.18
CA ARG B 257 -7.53 -22.90 -6.40
C ARG B 257 -8.87 -23.50 -6.03
N VAL B 258 -9.89 -23.22 -6.84
CA VAL B 258 -11.26 -23.66 -6.57
C VAL B 258 -11.73 -24.50 -7.76
N THR B 259 -12.26 -25.69 -7.49
CA THR B 259 -12.70 -26.57 -8.58
C THR B 259 -14.11 -26.27 -9.06
N ARG B 260 -14.50 -26.95 -10.14
CA ARG B 260 -15.83 -26.82 -10.70
C ARG B 260 -16.86 -27.67 -9.95
N ASN B 261 -16.42 -28.42 -8.94
CA ASN B 261 -17.30 -29.37 -8.23
C ASN B 261 -17.49 -28.89 -6.80
N TYR B 262 -18.64 -28.26 -6.53
CA TYR B 262 -18.97 -27.76 -5.19
C TYR B 262 -17.90 -26.84 -4.57
N ASP B 263 -17.26 -26.02 -5.39
CA ASP B 263 -16.27 -25.06 -4.93
C ASP B 263 -15.19 -25.68 -4.03
N VAL B 264 -14.74 -26.90 -4.32
CA VAL B 264 -13.70 -27.51 -3.49
C VAL B 264 -12.41 -26.68 -3.63
N HIS B 265 -11.82 -26.29 -2.49
CA HIS B 265 -10.58 -25.52 -2.48
C HIS B 265 -9.37 -26.42 -2.23
N HIS B 266 -8.27 -26.12 -2.94
CA HIS B 266 -6.97 -26.74 -2.70
C HIS B 266 -5.95 -25.64 -2.43
N TRP B 267 -5.24 -25.72 -1.29
CA TRP B 267 -4.13 -24.80 -1.02
C TRP B 267 -3.02 -24.94 -2.06
N ARG B 268 -2.39 -23.82 -2.42
CA ARG B 268 -1.18 -23.84 -3.26
C ARG B 268 0.01 -23.29 -2.48
N GLY B 269 1.12 -24.02 -2.50
CA GLY B 269 2.39 -23.56 -1.95
C GLY B 269 3.47 -23.48 -3.00
N LEU B 270 4.50 -22.67 -2.75
CA LEU B 270 5.64 -22.59 -3.66
C LEU B 270 6.94 -22.87 -2.90
N PRO B 271 7.97 -23.34 -3.60
CA PRO B 271 9.27 -23.63 -3.00
C PRO B 271 10.06 -22.35 -2.68
N ARG B 272 10.95 -22.46 -1.69
CA ARG B 272 11.79 -21.34 -1.27
C ARG B 272 13.27 -21.72 -1.35
N TYR B 273 14.05 -20.82 -1.97
CA TYR B 273 15.50 -20.94 -2.09
C TYR B 273 16.17 -20.20 -0.94
N PHE B 274 17.25 -20.76 -0.42
CA PHE B 274 18.05 -20.11 0.62
C PHE B 274 19.51 -20.19 0.16
N LYS B 275 20.22 -19.08 0.28
CA LYS B 275 21.68 -19.13 0.17
C LYS B 275 22.23 -18.40 1.38
N ILE B 276 22.86 -19.16 2.28
CA ILE B 276 23.31 -18.65 3.58
C ILE B 276 24.82 -18.45 3.55
N THR B 277 25.26 -17.27 3.98
CA THR B 277 26.68 -17.01 4.15
C THR B 277 27.04 -17.19 5.62
N LEU B 278 28.07 -17.98 5.90
CA LEU B 278 28.50 -18.24 7.27
C LEU B 278 29.99 -17.97 7.47
N ARG B 279 30.36 -17.65 8.70
CA ARG B 279 31.75 -17.38 9.03
C ARG B 279 32.08 -18.08 10.34
N LYS B 280 33.35 -18.42 10.51
CA LYS B 280 33.78 -19.02 11.76
C LYS B 280 33.97 -17.96 12.84
N ARG B 281 33.51 -18.28 14.04
CA ARG B 281 33.60 -17.39 15.20
C ARG B 281 34.31 -18.10 16.34
N TRP B 282 35.28 -17.44 16.97
CA TRP B 282 35.89 -17.94 18.20
C TRP B 282 34.87 -17.80 19.34
N VAL B 283 34.74 -18.85 20.15
CA VAL B 283 33.80 -18.84 21.28
C VAL B 283 34.45 -19.43 22.53
N LYS B 284 33.91 -19.06 23.68
CA LYS B 284 34.46 -19.47 24.97
C LYS B 284 33.32 -19.92 25.90
N GLY C 1 37.88 -14.32 -17.20
CA GLY C 1 37.41 -13.17 -16.36
C GLY C 1 37.06 -13.56 -14.94
N MET C 2 37.80 -14.51 -14.39
CA MET C 2 37.56 -15.01 -13.03
C MET C 2 38.00 -14.01 -11.96
N GLU C 3 39.22 -13.49 -12.09
CA GLU C 3 39.75 -12.51 -11.14
C GLU C 3 39.50 -11.08 -11.63
N VAL C 4 38.70 -10.34 -10.85
CA VAL C 4 38.33 -8.96 -11.20
CA VAL C 4 38.33 -8.96 -11.20
CA VAL C 4 38.34 -8.96 -11.21
C VAL C 4 39.35 -7.96 -10.65
N LEU C 5 39.90 -7.13 -11.54
CA LEU C 5 40.91 -6.15 -11.14
C LEU C 5 40.37 -4.71 -11.17
N ASP C 6 41.22 -3.76 -11.52
CA ASP C 6 40.85 -2.33 -11.52
C ASP C 6 39.95 -1.97 -12.69
N LEU C 7 39.30 -0.82 -12.59
CA LEU C 7 38.54 -0.25 -13.70
C LEU C 7 39.50 0.32 -14.72
N VAL C 8 39.16 0.21 -15.99
CA VAL C 8 39.96 0.77 -17.09
C VAL C 8 39.62 2.25 -17.23
N THR C 9 40.64 3.09 -17.33
CA THR C 9 40.43 4.52 -17.58
C THR C 9 40.92 4.89 -18.97
N GLY C 10 40.51 6.07 -19.44
CA GLY C 10 40.95 6.58 -20.74
C GLY C 10 39.84 6.65 -21.78
N PRO C 11 40.21 6.91 -23.05
CA PRO C 11 39.23 7.15 -24.11
C PRO C 11 38.35 5.94 -24.36
N ASP C 12 37.04 6.17 -24.45
CA ASP C 12 36.04 5.13 -24.76
C ASP C 12 35.96 4.00 -23.73
N SER C 13 36.31 4.30 -22.47
CA SER C 13 36.28 3.27 -21.44
C SER C 13 34.89 3.09 -20.80
N VAL C 14 33.96 3.98 -21.12
CA VAL C 14 32.57 3.86 -20.69
C VAL C 14 31.67 3.95 -21.92
N THR C 15 30.59 3.19 -21.92
CA THR C 15 29.64 3.23 -23.01
C THR C 15 28.21 3.14 -22.47
N GLU C 16 27.26 3.60 -23.26
CA GLU C 16 25.87 3.36 -22.92
C GLU C 16 25.13 2.83 -24.13
N ILE C 17 24.29 1.84 -23.90
CA ILE C 17 23.48 1.28 -24.98
C ILE C 17 22.02 1.23 -24.59
N GLU C 18 21.17 1.48 -25.58
CA GLU C 18 19.74 1.49 -25.33
C GLU C 18 19.04 0.51 -26.25
N ALA C 19 17.93 -0.03 -25.77
CA ALA C 19 17.11 -0.95 -26.54
C ALA C 19 15.70 -0.95 -26.00
N PHE C 20 14.75 -1.28 -26.88
CA PHE C 20 13.36 -1.55 -26.50
CA PHE C 20 13.40 -1.57 -26.43
C PHE C 20 13.09 -3.02 -26.75
N LEU C 21 12.40 -3.68 -25.83
CA LEU C 21 11.94 -5.06 -26.08
C LEU C 21 10.42 -5.04 -26.16
N ASN C 22 9.89 -5.43 -27.31
CA ASN C 22 8.45 -5.53 -27.45
C ASN C 22 7.90 -6.78 -26.74
N PRO C 23 6.66 -6.69 -26.23
CA PRO C 23 6.08 -7.83 -25.52
C PRO C 23 5.82 -9.01 -26.47
N ARG C 24 5.74 -10.22 -25.91
CA ARG C 24 5.47 -11.42 -26.70
C ARG C 24 4.30 -12.16 -26.03
N MET C 25 3.11 -11.59 -26.18
CA MET C 25 1.91 -12.06 -25.50
C MET C 25 1.24 -13.25 -26.18
N GLY C 26 1.58 -13.50 -27.44
CA GLY C 26 1.03 -14.66 -28.14
C GLY C 26 0.86 -14.47 -29.64
N GLN C 27 0.29 -13.35 -30.05
CA GLN C 27 0.20 -13.07 -31.49
C GLN C 27 1.57 -12.59 -31.94
N PRO C 28 2.16 -13.25 -32.96
CA PRO C 28 3.45 -12.80 -33.52
C PRO C 28 3.31 -11.45 -34.24
N PRO C 29 4.46 -10.80 -34.55
CA PRO C 29 4.44 -9.51 -35.25
C PRO C 29 3.82 -9.54 -36.66
N THR C 30 3.92 -10.70 -37.33
CA THR C 30 3.32 -10.89 -38.65
C THR C 30 2.29 -12.02 -38.57
N PRO C 31 1.23 -12.00 -39.40
CA PRO C 31 0.89 -11.06 -40.49
C PRO C 31 0.61 -9.66 -39.95
N GLU C 32 0.96 -8.66 -40.74
CA GLU C 32 0.82 -7.27 -40.28
C GLU C 32 -0.61 -6.76 -40.44
N SER C 33 -1.35 -7.37 -41.35
CA SER C 33 -2.70 -6.91 -41.70
C SER C 33 -3.63 -6.86 -40.49
N LEU C 34 -4.37 -5.75 -40.38
CA LEU C 34 -5.27 -5.54 -39.26
C LEU C 34 -6.60 -6.31 -39.40
N THR C 35 -6.73 -7.09 -40.47
CA THR C 35 -7.92 -7.94 -40.65
C THR C 35 -7.55 -9.42 -40.72
N GLU C 36 -6.27 -9.74 -40.52
CA GLU C 36 -5.82 -11.12 -40.60
C GLU C 36 -5.05 -11.61 -39.36
N GLY C 37 -5.15 -10.86 -38.26
CA GLY C 37 -4.50 -11.27 -37.02
C GLY C 37 -3.57 -10.21 -36.44
N GLY C 38 -3.07 -9.33 -37.30
CA GLY C 38 -2.22 -8.23 -36.87
C GLY C 38 -2.86 -7.32 -35.83
N GLN C 39 -4.19 -7.22 -35.86
CA GLN C 39 -4.93 -6.44 -34.84
C GLN C 39 -4.76 -6.99 -33.42
N TYR C 40 -4.21 -8.20 -33.28
CA TYR C 40 -3.92 -8.75 -31.96
C TYR C 40 -2.47 -8.58 -31.50
N TYR C 41 -1.63 -7.91 -32.29
CA TYR C 41 -0.21 -7.79 -31.92
C TYR C 41 -0.11 -6.88 -30.70
N GLY C 42 0.62 -7.34 -29.67
CA GLY C 42 0.65 -6.69 -28.35
C GLY C 42 -0.26 -7.41 -27.38
N TRP C 43 -1.04 -8.38 -27.89
CA TRP C 43 -2.01 -9.13 -27.09
C TRP C 43 -1.82 -10.61 -27.35
N SER C 44 -2.40 -11.45 -26.50
CA SER C 44 -2.55 -12.87 -26.84
C SER C 44 -3.79 -13.03 -27.74
N ARG C 45 -3.91 -14.19 -28.37
CA ARG C 45 -5.19 -14.60 -28.93
C ARG C 45 -6.08 -15.10 -27.78
N GLY C 46 -7.36 -15.36 -28.08
CA GLY C 46 -8.33 -15.65 -27.03
C GLY C 46 -7.97 -16.91 -26.25
N ILE C 47 -7.89 -16.78 -24.93
CA ILE C 47 -7.45 -17.87 -24.05
C ILE C 47 -8.43 -19.05 -24.15
N ASN C 48 -7.90 -20.24 -24.45
CA ASN C 48 -8.72 -21.43 -24.58
C ASN C 48 -8.57 -22.31 -23.33
N LEU C 49 -9.71 -22.82 -22.85
CA LEU C 49 -9.73 -23.54 -21.57
C LEU C 49 -9.70 -25.05 -21.74
N ALA C 50 -9.18 -25.74 -20.72
CA ALA C 50 -9.24 -27.19 -20.63
C ALA C 50 -10.65 -27.70 -20.78
N THR C 51 -10.81 -28.89 -21.37
CA THR C 51 -12.13 -29.46 -21.56
C THR C 51 -12.48 -30.46 -20.47
N SER C 52 -11.48 -30.86 -19.69
CA SER C 52 -11.69 -31.72 -18.52
C SER C 52 -10.45 -31.66 -17.63
N ASP C 53 -10.50 -32.32 -16.48
CA ASP C 53 -9.36 -32.40 -15.57
C ASP C 53 -8.11 -33.01 -16.21
N THR C 54 -8.29 -33.83 -17.25
CA THR C 54 -7.15 -34.50 -17.89
C THR C 54 -6.82 -33.99 -19.30
N GLU C 55 -7.56 -32.99 -19.78
CA GLU C 55 -7.39 -32.47 -21.15
C GLU C 55 -7.18 -30.95 -21.19
N ASP C 56 -5.93 -30.53 -21.02
CA ASP C 56 -5.56 -29.12 -20.98
C ASP C 56 -4.50 -28.89 -22.05
N SER C 57 -4.94 -28.33 -23.18
CA SER C 57 -4.08 -28.16 -24.36
C SER C 57 -4.06 -26.69 -24.81
N PRO C 58 -3.27 -25.84 -24.14
CA PRO C 58 -3.30 -24.43 -24.54
C PRO C 58 -2.62 -24.21 -25.88
N GLU C 59 -3.17 -23.33 -26.70
CA GLU C 59 -2.56 -23.03 -28.00
C GLU C 59 -1.38 -22.09 -27.77
N ASN C 60 -0.33 -22.22 -28.57
CA ASN C 60 0.87 -21.38 -28.41
C ASN C 60 0.57 -19.89 -28.42
N ASN C 61 -0.34 -19.46 -29.30
CA ASN C 61 -0.67 -18.04 -29.38
C ASN C 61 -1.54 -17.49 -28.23
N THR C 62 -1.79 -18.33 -27.23
CA THR C 62 -2.48 -17.89 -26.02
C THR C 62 -1.53 -17.76 -24.81
N LEU C 63 -0.26 -18.08 -25.04
CA LEU C 63 0.73 -18.17 -23.95
C LEU C 63 1.79 -17.07 -24.04
N PRO C 64 1.77 -16.10 -23.09
CA PRO C 64 2.85 -15.11 -23.05
C PRO C 64 4.21 -15.75 -22.84
N THR C 65 5.20 -15.26 -23.58
CA THR C 65 6.57 -15.78 -23.48
C THR C 65 7.55 -14.66 -23.10
N TRP C 66 8.73 -15.05 -22.63
CA TRP C 66 9.79 -14.08 -22.33
C TRP C 66 10.22 -13.31 -23.57
N SER C 67 10.44 -12.01 -23.40
CA SER C 67 11.16 -11.22 -24.43
C SER C 67 12.64 -11.26 -24.09
N MET C 68 13.49 -11.30 -25.11
CA MET C 68 14.93 -11.19 -24.88
C MET C 68 15.66 -10.62 -26.08
N ALA C 69 16.81 -10.04 -25.81
CA ALA C 69 17.66 -9.54 -26.86
C ALA C 69 19.10 -9.71 -26.40
N LYS C 70 19.97 -10.07 -27.34
CA LYS C 70 21.40 -10.05 -27.10
C LYS C 70 22.00 -8.87 -27.85
N LEU C 71 22.66 -7.97 -27.13
CA LEU C 71 23.26 -6.79 -27.74
C LEU C 71 24.77 -6.92 -27.85
N GLN C 72 25.31 -6.57 -29.01
CA GLN C 72 26.75 -6.61 -29.25
C GLN C 72 27.41 -5.34 -28.73
N LEU C 73 28.47 -5.53 -27.95
CA LEU C 73 29.22 -4.41 -27.39
C LEU C 73 30.49 -4.15 -28.20
N PRO C 74 31.10 -2.95 -28.06
CA PRO C 74 32.37 -2.66 -28.75
C PRO C 74 33.45 -3.71 -28.47
N MET C 75 34.25 -4.02 -29.50
CA MET C 75 35.33 -5.02 -29.40
C MET C 75 36.39 -4.54 -28.41
N LEU C 76 37.04 -5.49 -27.72
CA LEU C 76 37.94 -5.14 -26.61
C LEU C 76 39.41 -5.56 -26.75
N ASN C 77 39.65 -6.85 -26.94
CA ASN C 77 41.01 -7.38 -26.84
C ASN C 77 41.59 -7.81 -28.18
N THR C 84 46.61 -9.83 -19.15
CA THR C 84 45.48 -9.08 -18.60
C THR C 84 44.52 -8.65 -19.72
N LEU C 85 43.29 -9.13 -19.63
CA LEU C 85 42.26 -8.85 -20.61
C LEU C 85 41.29 -7.78 -20.07
N GLN C 86 40.48 -7.23 -20.96
CA GLN C 86 39.41 -6.35 -20.55
C GLN C 86 38.06 -7.03 -20.77
N MET C 87 37.08 -6.66 -19.95
CA MET C 87 35.70 -7.07 -20.15
C MET C 87 34.77 -5.89 -19.93
N TRP C 88 33.65 -5.85 -20.62
CA TRP C 88 32.60 -4.88 -20.33
C TRP C 88 31.85 -5.27 -19.06
N GLU C 89 31.60 -4.29 -18.20
CA GLU C 89 30.92 -4.50 -16.93
C GLU C 89 29.68 -3.62 -16.92
N ALA C 90 28.51 -4.22 -16.75
CA ALA C 90 27.28 -3.44 -16.65
C ALA C 90 27.17 -2.85 -15.24
N VAL C 91 27.06 -1.53 -15.15
CA VAL C 91 27.09 -0.81 -13.87
C VAL C 91 25.68 -0.51 -13.37
N SER C 92 24.83 -0.07 -14.29
CA SER C 92 23.49 0.39 -13.93
C SER C 92 22.59 0.36 -15.14
N VAL C 93 21.30 0.38 -14.87
CA VAL C 93 20.31 0.43 -15.94
C VAL C 93 19.17 1.37 -15.58
N LYS C 94 18.73 2.16 -16.56
CA LYS C 94 17.47 2.87 -16.46
C LYS C 94 16.48 2.12 -17.33
N THR C 95 15.42 1.63 -16.71
CA THR C 95 14.41 0.86 -17.43
C THR C 95 13.00 1.38 -17.16
N GLU C 96 12.12 1.27 -18.14
CA GLU C 96 10.79 1.85 -18.06
C GLU C 96 9.84 1.06 -18.93
N VAL C 97 8.63 0.83 -18.42
CA VAL C 97 7.58 0.18 -19.20
C VAL C 97 6.73 1.30 -19.79
N VAL C 98 6.54 1.27 -21.11
CA VAL C 98 5.96 2.38 -21.84
C VAL C 98 4.56 2.06 -22.31
N GLY C 99 3.66 3.05 -22.19
CA GLY C 99 2.35 2.93 -22.81
C GLY C 99 1.19 2.64 -21.89
N SER C 100 1.37 2.79 -20.56
CA SER C 100 0.25 2.56 -19.64
C SER C 100 -0.93 3.49 -19.92
N GLY C 101 -0.66 4.69 -20.43
CA GLY C 101 -1.71 5.63 -20.82
C GLY C 101 -2.68 5.05 -21.85
N SER C 102 -2.22 4.10 -22.66
CA SER C 102 -3.09 3.49 -23.68
C SER C 102 -4.21 2.69 -23.06
N LEU C 103 -4.03 2.28 -21.81
CA LEU C 103 -5.08 1.55 -21.09
C LEU C 103 -6.26 2.44 -20.70
N LEU C 104 -6.10 3.75 -20.86
CA LEU C 104 -7.20 4.71 -20.67
C LEU C 104 -8.21 4.73 -21.84
N ASP C 105 -7.95 3.94 -22.89
CA ASP C 105 -8.95 3.75 -23.95
C ASP C 105 -10.07 2.87 -23.41
N VAL C 106 -11.21 3.48 -23.08
CA VAL C 106 -12.40 2.75 -22.62
C VAL C 106 -13.58 3.00 -23.55
N HIS C 107 -13.27 3.27 -24.82
CA HIS C 107 -14.29 3.58 -25.82
C HIS C 107 -14.44 2.46 -26.86
N GLY C 108 -13.74 1.34 -26.67
CA GLY C 108 -13.82 0.22 -27.63
C GLY C 108 -15.00 -0.70 -27.42
N PHE C 109 -14.85 -1.95 -27.86
CA PHE C 109 -15.96 -2.90 -27.93
C PHE C 109 -15.76 -4.08 -26.97
N ASN C 110 -15.02 -3.87 -25.87
CA ASN C 110 -14.89 -4.87 -24.81
C ASN C 110 -16.22 -5.07 -24.08
N LYS C 111 -16.28 -6.09 -23.24
CA LYS C 111 -17.40 -6.29 -22.32
C LYS C 111 -17.70 -4.96 -21.64
N PRO C 112 -18.96 -4.49 -21.72
CA PRO C 112 -19.27 -3.18 -21.13
C PRO C 112 -19.43 -3.24 -19.61
N THR C 113 -19.30 -2.09 -18.95
CA THR C 113 -19.45 -2.08 -17.48
C THR C 113 -20.89 -2.31 -16.99
N ASP C 114 -21.89 -1.93 -17.79
CA ASP C 114 -23.29 -2.27 -17.47
C ASP C 114 -23.75 -3.38 -18.42
N THR C 115 -23.69 -4.62 -17.96
CA THR C 115 -24.03 -5.75 -18.82
C THR C 115 -25.54 -5.98 -18.88
N VAL C 116 -26.27 -5.43 -17.93
CA VAL C 116 -27.73 -5.59 -17.90
C VAL C 116 -28.37 -4.86 -19.10
N ASN C 117 -27.85 -3.67 -19.39
CA ASN C 117 -28.36 -2.85 -20.51
C ASN C 117 -27.40 -2.71 -21.67
N THR C 118 -26.20 -3.26 -21.52
CA THR C 118 -25.13 -3.18 -22.54
C THR C 118 -24.72 -1.72 -22.74
N LYS C 119 -24.29 -1.09 -21.65
CA LYS C 119 -24.01 0.35 -21.65
C LYS C 119 -22.78 0.63 -20.78
N GLY C 120 -22.44 1.91 -20.64
CA GLY C 120 -21.37 2.31 -19.72
C GLY C 120 -20.12 2.61 -20.49
N ILE C 121 -19.02 1.97 -20.11
CA ILE C 121 -17.79 2.08 -20.91
C ILE C 121 -17.26 0.69 -21.25
N SER C 122 -16.31 0.64 -22.18
CA SER C 122 -15.60 -0.59 -22.52
C SER C 122 -14.64 -0.92 -21.36
N THR C 123 -14.85 -2.05 -20.70
CA THR C 123 -14.08 -2.39 -19.50
C THR C 123 -12.59 -2.36 -19.82
N PRO C 124 -11.81 -1.59 -19.05
CA PRO C 124 -10.37 -1.51 -19.32
C PRO C 124 -9.65 -2.80 -18.89
N VAL C 125 -8.39 -2.93 -19.29
CA VAL C 125 -7.56 -4.10 -18.93
C VAL C 125 -7.46 -4.21 -17.40
N GLU C 126 -7.66 -5.41 -16.87
CA GLU C 126 -7.61 -5.67 -15.43
C GLU C 126 -7.11 -7.09 -15.21
N GLY C 127 -6.69 -7.38 -13.99
CA GLY C 127 -6.40 -8.76 -13.60
C GLY C 127 -4.95 -8.97 -13.21
N SER C 128 -4.45 -10.17 -13.51
CA SER C 128 -3.11 -10.57 -13.08
C SER C 128 -2.02 -9.80 -13.84
N GLN C 129 -0.99 -9.41 -13.11
CA GLN C 129 0.09 -8.58 -13.65
C GLN C 129 1.42 -9.21 -13.27
N TYR C 130 2.39 -9.10 -14.16
CA TYR C 130 3.65 -9.79 -13.98
C TYR C 130 4.71 -8.94 -14.66
N HIS C 131 5.67 -8.47 -13.88
CA HIS C 131 6.72 -7.59 -14.40
C HIS C 131 8.07 -8.13 -13.96
N VAL C 132 8.88 -8.55 -14.91
CA VAL C 132 10.23 -9.02 -14.61
C VAL C 132 11.19 -8.42 -15.62
N PHE C 133 12.34 -7.97 -15.17
CA PHE C 133 13.41 -7.64 -16.10
C PHE C 133 14.75 -8.13 -15.55
N ALA C 134 15.68 -8.38 -16.47
CA ALA C 134 17.01 -8.86 -16.12
C ALA C 134 18.04 -8.28 -17.08
N VAL C 135 19.25 -8.10 -16.55
CA VAL C 135 20.38 -7.63 -17.34
C VAL C 135 21.54 -8.53 -16.93
N GLY C 136 22.20 -9.16 -17.91
CA GLY C 136 23.31 -10.04 -17.57
C GLY C 136 24.36 -10.17 -18.66
N GLY C 137 25.46 -10.82 -18.31
CA GLY C 137 26.56 -11.02 -19.26
C GLY C 137 26.47 -12.36 -19.96
N GLU C 138 25.36 -13.07 -19.73
CA GLU C 138 25.07 -14.35 -20.38
C GLU C 138 23.55 -14.57 -20.30
N PRO C 139 23.02 -15.58 -21.03
CA PRO C 139 21.55 -15.75 -20.99
C PRO C 139 21.01 -15.92 -19.57
N LEU C 140 19.81 -15.43 -19.32
CA LEU C 140 19.12 -15.68 -18.07
C LEU C 140 18.93 -17.18 -17.86
N ASP C 141 19.35 -17.67 -16.68
CA ASP C 141 19.13 -19.07 -16.30
C ASP C 141 17.69 -19.25 -15.84
N LEU C 142 17.02 -20.28 -16.35
CA LEU C 142 15.61 -20.54 -16.09
C LEU C 142 15.40 -21.83 -15.32
N GLN C 143 14.45 -21.77 -14.39
CA GLN C 143 14.01 -22.96 -13.66
C GLN C 143 12.56 -23.21 -14.04
N GLY C 144 12.27 -24.44 -14.47
CA GLY C 144 10.89 -24.82 -14.78
C GLY C 144 10.07 -25.08 -13.52
N LEU C 145 8.82 -24.64 -13.52
CA LEU C 145 7.84 -24.97 -12.47
C LEU C 145 6.45 -24.65 -13.02
N VAL C 146 5.55 -25.62 -12.96
CA VAL C 146 4.22 -25.46 -13.57
C VAL C 146 3.08 -25.62 -12.55
N THR C 147 1.91 -25.08 -12.89
CA THR C 147 0.67 -25.35 -12.19
C THR C 147 0.28 -26.85 -12.28
N ASP C 148 0.38 -27.40 -13.48
CA ASP C 148 -0.10 -28.76 -13.74
C ASP C 148 0.86 -29.49 -14.66
N ALA C 149 1.49 -30.55 -14.12
CA ALA C 149 2.43 -31.37 -14.89
C ALA C 149 1.73 -32.18 -15.99
N ARG C 150 0.40 -32.20 -15.96
CA ARG C 150 -0.39 -32.90 -17.00
C ARG C 150 -0.72 -32.04 -18.23
N THR C 151 -0.41 -30.74 -18.17
CA THR C 151 -0.70 -29.82 -19.27
C THR C 151 -0.02 -30.31 -20.55
N LYS C 152 -0.80 -30.40 -21.62
CA LYS C 152 -0.30 -30.86 -22.92
C LYS C 152 0.10 -29.68 -23.80
N TYR C 153 1.28 -29.13 -23.54
CA TYR C 153 1.81 -28.04 -24.38
C TYR C 153 2.15 -28.58 -25.76
N LYS C 154 2.05 -27.73 -26.78
CA LYS C 154 2.49 -28.11 -28.13
C LYS C 154 3.99 -28.47 -28.14
N GLU C 155 4.37 -29.44 -28.97
CA GLU C 155 5.78 -29.82 -29.10
C GLU C 155 6.58 -28.84 -29.96
N GLU C 156 5.92 -28.23 -30.95
CA GLU C 156 6.58 -27.26 -31.83
C GLU C 156 6.08 -25.85 -31.53
N GLY C 157 6.99 -24.88 -31.63
CA GLY C 157 6.62 -23.47 -31.53
C GLY C 157 6.80 -22.85 -30.15
N VAL C 158 7.01 -23.69 -29.13
CA VAL C 158 7.34 -23.24 -27.78
C VAL C 158 8.43 -24.14 -27.19
N VAL C 159 9.24 -23.59 -26.29
CA VAL C 159 10.21 -24.40 -25.55
C VAL C 159 9.61 -24.69 -24.18
N THR C 160 9.39 -25.96 -23.87
CA THR C 160 8.78 -26.35 -22.60
C THR C 160 9.70 -27.32 -21.88
N ILE C 161 9.28 -27.83 -20.73
CA ILE C 161 10.13 -28.75 -19.95
C ILE C 161 10.45 -30.01 -20.76
N LYS C 162 9.45 -30.53 -21.47
CA LYS C 162 9.66 -31.72 -22.31
C LYS C 162 10.67 -31.48 -23.45
N THR C 163 10.72 -30.26 -23.98
CA THR C 163 11.70 -29.90 -25.00
C THR C 163 13.12 -30.18 -24.46
N ILE C 164 13.34 -29.82 -23.20
CA ILE C 164 14.65 -29.94 -22.57
C ILE C 164 14.95 -31.38 -22.15
N THR C 165 14.01 -32.02 -21.45
CA THR C 165 14.28 -33.33 -20.87
C THR C 165 14.02 -34.50 -21.83
N LYS C 166 13.29 -34.24 -22.91
CA LYS C 166 12.86 -35.27 -23.87
C LYS C 166 11.89 -36.29 -23.26
N LYS C 167 11.34 -35.94 -22.09
CA LYS C 167 10.39 -36.81 -21.39
C LYS C 167 9.22 -35.98 -20.90
N ASP C 168 8.10 -36.64 -20.66
CA ASP C 168 6.92 -35.96 -20.10
C ASP C 168 7.27 -35.33 -18.75
N MET C 169 6.51 -34.30 -18.38
CA MET C 169 6.69 -33.70 -17.07
C MET C 169 6.35 -34.71 -15.97
N VAL C 170 7.00 -34.57 -14.83
CA VAL C 170 6.71 -35.41 -13.66
C VAL C 170 6.05 -34.57 -12.57
N ASN C 171 5.53 -35.23 -11.53
CA ASN C 171 4.83 -34.49 -10.48
C ASN C 171 5.71 -33.47 -9.76
N LYS C 172 7.01 -33.74 -9.69
CA LYS C 172 7.99 -32.83 -9.08
C LYS C 172 8.08 -31.50 -9.82
N ASP C 173 7.67 -31.47 -11.09
CA ASP C 173 7.67 -30.21 -11.86
C ASP C 173 6.65 -29.20 -11.36
N GLN C 174 5.77 -29.63 -10.46
CA GLN C 174 4.82 -28.73 -9.82
C GLN C 174 5.42 -28.06 -8.59
N VAL C 175 6.56 -28.56 -8.14
CA VAL C 175 7.38 -27.88 -7.12
C VAL C 175 8.75 -27.61 -7.73
N LEU C 176 9.82 -27.60 -6.93
CA LEU C 176 11.16 -27.37 -7.50
C LEU C 176 11.83 -28.69 -7.88
N ASN C 177 11.95 -28.93 -9.19
CA ASN C 177 12.69 -30.07 -9.71
C ASN C 177 13.95 -29.56 -10.41
N PRO C 178 15.13 -29.80 -9.80
CA PRO C 178 16.36 -29.21 -10.36
C PRO C 178 16.77 -29.73 -11.74
N ILE C 179 16.16 -30.84 -12.19
CA ILE C 179 16.36 -31.35 -13.55
C ILE C 179 15.80 -30.39 -14.61
N SER C 180 14.72 -29.68 -14.26
CA SER C 180 13.98 -28.88 -15.23
C SER C 180 14.57 -27.48 -15.39
N LYS C 181 15.71 -27.39 -16.06
CA LYS C 181 16.41 -26.14 -16.25
C LYS C 181 16.65 -25.81 -17.73
N ALA C 182 16.70 -24.53 -18.03
CA ALA C 182 16.98 -24.05 -19.38
C ALA C 182 17.64 -22.69 -19.33
N LYS C 183 17.97 -22.15 -20.50
CA LYS C 183 18.51 -20.81 -20.63
C LYS C 183 17.66 -20.00 -21.59
N LEU C 184 17.47 -18.73 -21.28
CA LEU C 184 16.65 -17.86 -22.13
C LEU C 184 17.47 -17.37 -23.32
N ASP C 185 17.49 -18.18 -24.38
CA ASP C 185 18.36 -17.91 -25.52
C ASP C 185 17.61 -17.53 -26.80
N LYS C 186 16.29 -17.40 -26.70
CA LYS C 186 15.44 -17.03 -27.84
C LYS C 186 14.26 -16.17 -27.37
N ASP C 187 13.96 -15.14 -28.14
CA ASP C 187 12.82 -14.26 -27.92
C ASP C 187 11.53 -14.98 -28.33
N GLY C 188 10.46 -14.80 -27.53
CA GLY C 188 9.12 -15.26 -27.91
C GLY C 188 8.90 -16.77 -27.95
N MET C 189 9.64 -17.52 -27.13
CA MET C 189 9.62 -18.99 -27.20
C MET C 189 9.41 -19.70 -25.83
N TYR C 190 9.85 -19.06 -24.75
CA TYR C 190 9.79 -19.64 -23.38
C TYR C 190 8.59 -19.09 -22.60
N PRO C 191 7.54 -19.92 -22.37
CA PRO C 191 6.33 -19.45 -21.64
C PRO C 191 6.62 -19.02 -20.19
N VAL C 192 6.04 -17.89 -19.79
CA VAL C 192 6.33 -17.37 -18.46
C VAL C 192 5.59 -18.16 -17.38
N GLU C 193 4.58 -18.94 -17.77
CA GLU C 193 3.90 -19.83 -16.82
C GLU C 193 4.72 -21.10 -16.51
N ILE C 194 5.78 -21.33 -17.28
CA ILE C 194 6.65 -22.50 -17.08
C ILE C 194 8.02 -22.09 -16.51
N TRP C 195 8.60 -21.03 -17.06
CA TRP C 195 10.01 -20.74 -16.85
C TRP C 195 10.26 -19.50 -16.00
N HIS C 196 10.97 -19.70 -14.90
CA HIS C 196 11.21 -18.66 -13.89
C HIS C 196 12.70 -18.41 -13.74
N PRO C 197 13.11 -17.19 -13.34
CA PRO C 197 14.54 -16.99 -13.09
C PRO C 197 15.06 -17.99 -12.05
N ASP C 198 16.20 -18.61 -12.32
CA ASP C 198 16.76 -19.63 -11.43
C ASP C 198 17.62 -18.95 -10.36
N PRO C 199 17.16 -18.96 -9.09
CA PRO C 199 17.98 -18.33 -8.04
C PRO C 199 19.27 -19.11 -7.70
N ALA C 200 19.35 -20.37 -8.12
CA ALA C 200 20.54 -21.19 -7.84
C ALA C 200 21.64 -20.96 -8.85
N LYS C 201 21.35 -20.20 -9.90
CA LYS C 201 22.34 -19.84 -10.89
C LYS C 201 22.34 -18.32 -11.06
N ASN C 202 22.47 -17.82 -12.29
CA ASN C 202 22.42 -16.37 -12.54
C ASN C 202 23.43 -15.55 -11.75
N GLU C 203 24.63 -16.09 -11.59
CA GLU C 203 25.69 -15.38 -10.87
C GLU C 203 26.12 -14.13 -11.62
N ASN C 204 25.86 -14.08 -12.92
CA ASN C 204 26.34 -13.00 -13.77
C ASN C 204 25.17 -12.21 -14.39
N THR C 205 24.03 -12.27 -13.71
CA THR C 205 22.81 -11.57 -14.14
C THR C 205 22.14 -10.99 -12.89
N ARG C 206 21.53 -9.82 -13.04
CA ARG C 206 20.63 -9.32 -12.00
C ARG C 206 19.21 -9.37 -12.54
N TYR C 207 18.27 -9.92 -11.77
CA TYR C 207 16.85 -9.89 -12.19
C TYR C 207 15.96 -9.35 -11.07
N PHE C 208 14.83 -8.77 -11.48
CA PHE C 208 13.91 -8.11 -10.55
C PHE C 208 12.50 -8.42 -11.04
N GLY C 209 11.70 -9.06 -10.19
CA GLY C 209 10.38 -9.50 -10.60
C GLY C 209 9.30 -9.19 -9.57
N ASN C 210 8.08 -8.99 -10.05
CA ASN C 210 6.93 -8.92 -9.15
C ASN C 210 5.67 -9.42 -9.82
N TYR C 211 4.81 -9.99 -9.00
CA TYR C 211 3.59 -10.64 -9.45
C TYR C 211 2.44 -10.10 -8.61
N THR C 212 1.34 -9.75 -9.27
CA THR C 212 0.08 -9.47 -8.58
C THR C 212 -1.00 -10.28 -9.30
N GLY C 213 -1.76 -11.08 -8.56
CA GLY C 213 -2.74 -11.99 -9.17
C GLY C 213 -4.16 -11.41 -9.24
N GLY C 214 -5.15 -12.29 -9.20
CA GLY C 214 -6.57 -11.91 -9.24
C GLY C 214 -7.14 -11.83 -10.64
N THR C 215 -8.46 -11.58 -10.75
CA THR C 215 -9.14 -11.55 -12.05
C THR C 215 -9.58 -10.14 -12.45
N THR C 216 -9.88 -9.28 -11.47
CA THR C 216 -10.30 -7.91 -11.81
C THR C 216 -9.42 -6.86 -11.13
N THR C 217 -8.24 -7.29 -10.67
CA THR C 217 -7.31 -6.40 -9.97
C THR C 217 -6.94 -5.17 -10.82
N PRO C 218 -7.02 -3.96 -10.24
CA PRO C 218 -6.60 -2.79 -11.05
C PRO C 218 -5.09 -2.85 -11.38
N PRO C 219 -4.72 -2.59 -12.64
CA PRO C 219 -3.29 -2.54 -12.97
C PRO C 219 -2.69 -1.25 -12.42
N VAL C 220 -1.45 -1.36 -11.95
CA VAL C 220 -0.71 -0.22 -11.40
CA VAL C 220 -0.73 -0.19 -11.45
CA VAL C 220 -0.72 -0.21 -11.41
C VAL C 220 0.64 -0.14 -12.09
N LEU C 221 1.05 1.05 -12.48
CA LEU C 221 2.36 1.22 -13.09
C LEU C 221 2.90 2.60 -12.81
N GLN C 222 4.19 2.67 -12.48
CA GLN C 222 4.89 3.96 -12.36
C GLN C 222 5.89 4.03 -13.49
N PHE C 223 6.18 5.24 -13.97
CA PHE C 223 7.16 5.43 -15.05
C PHE C 223 7.81 6.79 -14.89
N THR C 224 9.14 6.82 -15.02
CA THR C 224 9.90 8.05 -14.87
C THR C 224 11.23 7.83 -15.56
N ASN C 225 11.86 8.92 -15.99
CA ASN C 225 13.20 8.84 -16.57
C ASN C 225 14.27 9.25 -15.54
N THR C 226 13.92 9.26 -14.26
CA THR C 226 14.81 9.76 -13.19
C THR C 226 15.34 8.65 -12.27
N LEU C 227 14.95 7.40 -12.53
CA LEU C 227 15.28 6.28 -11.64
CA LEU C 227 15.32 6.31 -11.63
C LEU C 227 16.36 5.37 -12.23
N THR C 228 17.43 5.16 -11.47
CA THR C 228 18.53 4.29 -11.89
C THR C 228 18.57 3.03 -11.02
N THR C 229 18.68 1.87 -11.66
CA THR C 229 18.86 0.61 -10.94
C THR C 229 20.34 0.25 -10.98
N VAL C 230 20.97 0.16 -9.81
CA VAL C 230 22.37 -0.24 -9.72
C VAL C 230 22.48 -1.76 -9.98
N LEU C 231 23.49 -2.18 -10.76
CA LEU C 231 23.67 -3.60 -11.10
C LEU C 231 24.89 -4.23 -10.40
N LEU C 232 25.62 -3.42 -9.64
CA LEU C 232 26.80 -3.87 -8.90
C LEU C 232 26.37 -4.81 -7.78
N ASP C 233 27.14 -5.88 -7.57
CA ASP C 233 26.89 -6.82 -6.46
C ASP C 233 27.44 -6.30 -5.13
N GLU C 234 27.42 -7.15 -4.11
CA GLU C 234 27.94 -6.79 -2.78
C GLU C 234 29.43 -6.48 -2.77
N ASN C 235 30.14 -6.94 -3.79
CA ASN C 235 31.58 -6.66 -3.93
C ASN C 235 31.86 -5.50 -4.88
N GLY C 236 30.82 -4.83 -5.34
CA GLY C 236 30.98 -3.68 -6.24
C GLY C 236 31.22 -4.05 -7.69
N VAL C 237 30.87 -5.29 -8.07
CA VAL C 237 31.08 -5.76 -9.44
C VAL C 237 29.74 -6.00 -10.12
N GLY C 238 29.56 -5.42 -11.30
CA GLY C 238 28.36 -5.68 -12.10
C GLY C 238 28.53 -6.90 -13.00
N PRO C 239 27.48 -7.30 -13.73
CA PRO C 239 27.58 -8.39 -14.71
C PRO C 239 28.72 -8.17 -15.70
N LEU C 240 29.53 -9.21 -15.90
CA LEU C 240 30.63 -9.15 -16.85
C LEU C 240 30.22 -9.80 -18.16
N CYS C 241 30.36 -9.07 -19.26
CA CYS C 241 29.85 -9.53 -20.54
C CYS C 241 30.83 -10.46 -21.26
N LYS C 242 30.49 -11.74 -21.27
CA LYS C 242 31.31 -12.76 -21.90
C LYS C 242 31.21 -12.64 -23.42
N GLY C 243 32.36 -12.52 -24.07
CA GLY C 243 32.41 -12.31 -25.53
C GLY C 243 31.69 -11.07 -26.00
N GLU C 244 31.70 -10.03 -25.17
CA GLU C 244 31.08 -8.73 -25.49
C GLU C 244 29.59 -8.82 -25.87
N GLY C 245 28.87 -9.74 -25.24
CA GLY C 245 27.42 -9.86 -25.42
C GLY C 245 26.68 -9.44 -24.16
N LEU C 246 25.67 -8.59 -24.31
CA LEU C 246 24.84 -8.14 -23.18
C LEU C 246 23.43 -8.68 -23.39
N TYR C 247 22.90 -9.37 -22.39
CA TYR C 247 21.60 -10.01 -22.48
C TYR C 247 20.57 -9.24 -21.69
N LEU C 248 19.48 -8.87 -22.36
CA LEU C 248 18.34 -8.20 -21.76
C LEU C 248 17.14 -9.12 -21.85
N SER C 249 16.38 -9.24 -20.77
CA SER C 249 15.25 -10.17 -20.69
C SER C 249 14.12 -9.47 -19.97
N CYS C 250 12.88 -9.71 -20.39
CA CYS C 250 11.74 -9.15 -19.65
C CYS C 250 10.40 -9.75 -20.02
N VAL C 251 9.42 -9.47 -19.16
CA VAL C 251 8.02 -9.71 -19.47
C VAL C 251 7.20 -8.67 -18.70
N ASP C 252 6.20 -8.08 -19.36
CA ASP C 252 5.39 -7.05 -18.71
C ASP C 252 3.93 -7.19 -19.06
N ILE C 253 3.25 -8.02 -18.28
CA ILE C 253 1.84 -8.34 -18.45
C ILE C 253 1.01 -7.40 -17.58
N MET C 254 0.04 -6.73 -18.21
CA MET C 254 -0.79 -5.71 -17.55
C MET C 254 -2.14 -6.27 -17.08
N GLY C 255 -2.52 -7.43 -17.60
CA GLY C 255 -3.81 -8.07 -17.27
C GLY C 255 -4.47 -8.56 -18.55
N TRP C 256 -5.81 -8.61 -18.57
CA TRP C 256 -6.56 -9.05 -19.75
C TRP C 256 -7.64 -8.04 -20.14
N ARG C 257 -7.94 -7.98 -21.43
CA ARG C 257 -9.20 -7.38 -21.89
CA ARG C 257 -9.21 -7.39 -21.85
C ARG C 257 -10.20 -8.53 -22.05
N VAL C 258 -11.49 -8.23 -21.91
CA VAL C 258 -12.53 -9.26 -21.99
C VAL C 258 -13.53 -8.85 -23.07
N THR C 259 -13.84 -9.77 -23.98
CA THR C 259 -14.69 -9.43 -25.10
C THR C 259 -16.17 -9.57 -24.75
N ARG C 260 -17.03 -9.17 -25.67
CA ARG C 260 -18.47 -9.32 -25.49
C ARG C 260 -18.97 -10.73 -25.86
N ASN C 261 -18.07 -11.61 -26.29
CA ASN C 261 -18.48 -12.95 -26.74
C ASN C 261 -17.95 -14.01 -25.77
N TYR C 262 -18.83 -14.52 -24.92
CA TYR C 262 -18.46 -15.54 -23.93
C TYR C 262 -17.25 -15.16 -23.08
N ASP C 263 -17.12 -13.88 -22.73
CA ASP C 263 -16.06 -13.40 -21.84
C ASP C 263 -14.66 -13.90 -22.25
N VAL C 264 -14.38 -13.97 -23.54
CA VAL C 264 -13.04 -14.39 -24.00
C VAL C 264 -11.99 -13.36 -23.52
N HIS C 265 -10.91 -13.86 -22.91
CA HIS C 265 -9.86 -13.00 -22.39
C HIS C 265 -8.67 -12.97 -23.33
N HIS C 266 -8.06 -11.79 -23.47
CA HIS C 266 -6.82 -11.62 -24.21
C HIS C 266 -5.79 -10.96 -23.30
N TRP C 267 -4.63 -11.58 -23.13
CA TRP C 267 -3.53 -10.96 -22.38
C TRP C 267 -3.09 -9.67 -23.05
N ARG C 268 -2.74 -8.65 -22.25
CA ARG C 268 -2.11 -7.43 -22.76
C ARG C 268 -0.68 -7.28 -22.19
N GLY C 269 0.27 -7.02 -23.08
CA GLY C 269 1.66 -6.74 -22.69
C GLY C 269 2.07 -5.35 -23.17
N LEU C 270 3.10 -4.79 -22.53
CA LEU C 270 3.64 -3.49 -22.94
C LEU C 270 5.15 -3.59 -23.12
N PRO C 271 5.71 -2.74 -24.00
CA PRO C 271 7.16 -2.78 -24.26
C PRO C 271 7.95 -2.22 -23.10
N ARG C 272 9.20 -2.65 -22.99
CA ARG C 272 10.13 -2.15 -21.97
C ARG C 272 11.37 -1.52 -22.61
N TYR C 273 11.72 -0.34 -22.13
CA TYR C 273 12.91 0.38 -22.56
C TYR C 273 14.05 0.06 -21.59
N PHE C 274 15.27 -0.07 -22.12
CA PHE C 274 16.47 -0.27 -21.29
C PHE C 274 17.53 0.71 -21.77
N LYS C 275 18.19 1.39 -20.83
CA LYS C 275 19.43 2.10 -21.12
C LYS C 275 20.47 1.66 -20.11
N ILE C 276 21.50 0.96 -20.59
CA ILE C 276 22.49 0.33 -19.73
C ILE C 276 23.81 1.11 -19.80
N THR C 277 24.36 1.44 -18.64
CA THR C 277 25.69 2.05 -18.59
C THR C 277 26.70 0.95 -18.31
N LEU C 278 27.76 0.92 -19.11
CA LEU C 278 28.80 -0.10 -18.99
C LEU C 278 30.18 0.54 -18.91
N ARG C 279 31.09 -0.14 -18.23
CA ARG C 279 32.48 0.33 -18.11
C ARG C 279 33.44 -0.84 -18.34
N LYS C 280 34.62 -0.53 -18.85
CA LYS C 280 35.64 -1.56 -19.05
C LYS C 280 36.30 -1.92 -17.73
N ARG C 281 36.54 -3.22 -17.53
CA ARG C 281 37.14 -3.72 -16.31
C ARG C 281 38.34 -4.60 -16.67
N TRP C 282 39.46 -4.39 -16.00
CA TRP C 282 40.61 -5.30 -16.13
C TRP C 282 40.28 -6.62 -15.43
N VAL C 283 40.57 -7.74 -16.10
CA VAL C 283 40.37 -9.06 -15.51
C VAL C 283 41.58 -9.97 -15.77
N LYS C 284 41.79 -10.96 -14.90
CA LYS C 284 42.92 -11.89 -15.04
C LYS C 284 42.48 -13.35 -14.91
N MET D 2 27.01 20.47 -25.55
CA MET D 2 27.10 21.66 -24.64
C MET D 2 27.77 21.31 -23.31
N GLU D 3 28.86 22.01 -23.00
CA GLU D 3 29.64 21.76 -21.79
C GLU D 3 29.13 22.59 -20.62
N VAL D 4 28.74 21.93 -19.54
CA VAL D 4 28.15 22.58 -18.37
C VAL D 4 29.25 22.99 -17.39
N LEU D 5 29.31 24.28 -17.03
CA LEU D 5 30.38 24.78 -16.14
C LEU D 5 29.84 25.12 -14.74
N ASP D 6 30.38 26.20 -14.14
CA ASP D 6 30.00 26.66 -12.80
C ASP D 6 28.64 27.32 -12.72
N LEU D 7 28.10 27.40 -11.51
CA LEU D 7 26.88 28.18 -11.26
C LEU D 7 27.22 29.66 -11.27
N VAL D 8 26.34 30.47 -11.84
CA VAL D 8 26.47 31.93 -11.87
C VAL D 8 26.06 32.48 -10.50
N THR D 9 26.85 33.39 -9.97
CA THR D 9 26.51 34.04 -8.70
C THR D 9 26.19 35.52 -8.90
N GLY D 10 25.66 36.15 -7.86
CA GLY D 10 25.35 37.58 -7.90
C GLY D 10 23.86 37.89 -7.94
N PRO D 11 23.53 39.19 -7.99
CA PRO D 11 22.15 39.67 -8.00
C PRO D 11 21.30 39.00 -9.08
N ASP D 12 20.13 38.50 -8.68
CA ASP D 12 19.17 37.90 -9.60
C ASP D 12 19.66 36.64 -10.31
N SER D 13 20.60 35.92 -9.68
CA SER D 13 21.13 34.67 -10.26
C SER D 13 20.18 33.46 -10.06
N VAL D 14 19.23 33.61 -9.14
CA VAL D 14 18.24 32.57 -8.87
C VAL D 14 16.86 33.20 -8.96
N THR D 15 15.92 32.47 -9.54
CA THR D 15 14.53 32.94 -9.67
C THR D 15 13.54 31.81 -9.37
N GLU D 16 12.31 32.19 -9.05
CA GLU D 16 11.22 31.23 -8.90
C GLU D 16 10.09 31.64 -9.83
N ILE D 17 9.51 30.69 -10.55
CA ILE D 17 8.35 31.02 -11.36
C ILE D 17 7.23 30.03 -11.09
N GLU D 18 6.01 30.51 -11.24
CA GLU D 18 4.88 29.65 -10.91
C GLU D 18 3.85 29.68 -12.00
N ALA D 19 3.11 28.59 -12.13
CA ALA D 19 2.07 28.47 -13.13
C ALA D 19 1.08 27.41 -12.69
N PHE D 20 -0.18 27.58 -13.11
CA PHE D 20 -1.20 26.55 -12.99
CA PHE D 20 -1.13 26.50 -12.99
C PHE D 20 -1.52 26.04 -14.39
N LEU D 21 -1.68 24.74 -14.54
CA LEU D 21 -2.14 24.17 -15.82
C LEU D 21 -3.49 23.53 -15.57
N ASN D 22 -4.52 24.06 -16.23
CA ASN D 22 -5.86 23.50 -16.10
C ASN D 22 -6.00 22.22 -16.91
N PRO D 23 -6.87 21.28 -16.46
CA PRO D 23 -6.98 20.01 -17.18
C PRO D 23 -7.63 20.15 -18.56
N ARG D 24 -7.34 19.19 -19.45
CA ARG D 24 -7.91 19.20 -20.80
C ARG D 24 -8.62 17.87 -21.05
N MET D 25 -9.75 17.71 -20.39
CA MET D 25 -10.47 16.43 -20.37
C MET D 25 -11.35 16.19 -21.59
N GLY D 26 -11.63 17.24 -22.35
CA GLY D 26 -12.43 17.07 -23.57
C GLY D 26 -13.31 18.25 -23.88
N GLN D 27 -14.03 18.77 -22.87
CA GLN D 27 -14.79 20.00 -23.10
C GLN D 27 -13.83 21.19 -23.04
N PRO D 28 -13.78 22.01 -24.11
CA PRO D 28 -12.93 23.22 -24.10
C PRO D 28 -13.43 24.28 -23.10
N PRO D 29 -12.59 25.28 -22.79
CA PRO D 29 -12.98 26.35 -21.85
C PRO D 29 -14.18 27.17 -22.31
N THR D 30 -14.36 27.30 -23.63
CA THR D 30 -15.53 27.97 -24.19
C THR D 30 -16.37 26.96 -24.99
N PRO D 31 -17.71 27.17 -25.09
CA PRO D 31 -18.49 28.30 -24.52
C PRO D 31 -18.54 28.29 -23.00
N GLU D 32 -18.63 29.48 -22.41
CA GLU D 32 -18.59 29.61 -20.96
C GLU D 32 -19.96 29.37 -20.32
N SER D 33 -21.03 29.54 -21.09
CA SER D 33 -22.38 29.38 -20.56
C SER D 33 -22.62 28.01 -19.92
N LEU D 34 -23.24 28.02 -18.75
CA LEU D 34 -23.49 26.79 -18.01
C LEU D 34 -24.71 26.02 -18.52
N THR D 35 -25.34 26.53 -19.57
CA THR D 35 -26.38 25.76 -20.26
C THR D 35 -26.00 25.35 -21.69
N GLU D 36 -24.83 25.77 -22.18
CA GLU D 36 -24.44 25.49 -23.56
C GLU D 36 -23.22 24.57 -23.69
N GLY D 37 -22.77 23.99 -22.58
CA GLY D 37 -21.62 23.09 -22.62
C GLY D 37 -20.56 23.42 -21.58
N GLY D 38 -20.54 24.68 -21.13
CA GLY D 38 -19.60 25.15 -20.12
C GLY D 38 -19.69 24.40 -18.79
N GLN D 39 -20.87 23.84 -18.50
CA GLN D 39 -21.07 23.02 -17.30
C GLN D 39 -20.20 21.75 -17.30
N TYR D 40 -19.67 21.37 -18.46
CA TYR D 40 -18.78 20.20 -18.57
C TYR D 40 -17.29 20.56 -18.49
N TYR D 41 -16.96 21.85 -18.33
CA TYR D 41 -15.55 22.22 -18.30
C TYR D 41 -14.86 21.66 -17.04
N GLY D 42 -13.70 21.03 -17.23
CA GLY D 42 -13.06 20.23 -16.19
C GLY D 42 -13.38 18.74 -16.36
N TRP D 43 -14.27 18.44 -17.30
CA TRP D 43 -14.74 17.07 -17.54
C TRP D 43 -14.66 16.76 -19.04
N SER D 44 -14.79 15.48 -19.39
CA SER D 44 -15.01 15.15 -20.79
C SER D 44 -16.51 15.25 -21.05
N ARG D 45 -16.89 15.19 -22.33
CA ARG D 45 -18.28 14.94 -22.67
C ARG D 45 -18.50 13.42 -22.56
N GLY D 46 -19.75 12.99 -22.67
CA GLY D 46 -20.13 11.59 -22.39
C GLY D 46 -19.40 10.64 -23.31
N ILE D 47 -18.66 9.68 -22.74
CA ILE D 47 -17.82 8.76 -23.50
C ILE D 47 -18.70 7.92 -24.44
N ASN D 48 -18.38 7.96 -25.73
CA ASN D 48 -19.13 7.19 -26.74
C ASN D 48 -18.38 5.93 -27.13
N LEU D 49 -19.12 4.82 -27.27
CA LEU D 49 -18.51 3.51 -27.44
C LEU D 49 -18.53 3.03 -28.88
N ALA D 50 -17.58 2.16 -29.22
CA ALA D 50 -17.58 1.47 -30.52
C ALA D 50 -18.90 0.74 -30.77
N THR D 51 -19.28 0.63 -32.03
CA THR D 51 -20.51 -0.07 -32.40
C THR D 51 -20.25 -1.50 -32.87
N SER D 52 -18.99 -1.82 -33.16
CA SER D 52 -18.60 -3.18 -33.51
C SER D 52 -17.10 -3.32 -33.32
N ASP D 53 -16.56 -4.52 -33.52
CA ASP D 53 -15.11 -4.75 -33.42
C ASP D 53 -14.32 -3.90 -34.44
N THR D 54 -14.98 -3.46 -35.52
CA THR D 54 -14.30 -2.71 -36.57
C THR D 54 -14.74 -1.25 -36.70
N GLU D 55 -15.57 -0.77 -35.76
CA GLU D 55 -16.11 0.58 -35.84
C GLU D 55 -15.99 1.30 -34.50
N ASP D 56 -14.80 1.87 -34.26
CA ASP D 56 -14.47 2.58 -33.02
C ASP D 56 -14.10 4.00 -33.40
N SER D 57 -15.07 4.92 -33.26
CA SER D 57 -14.88 6.31 -33.64
C SER D 57 -15.14 7.26 -32.46
N PRO D 58 -14.14 7.44 -31.58
CA PRO D 58 -14.38 8.30 -30.42
C PRO D 58 -14.45 9.77 -30.82
N GLU D 59 -15.33 10.53 -30.16
CA GLU D 59 -15.41 11.95 -30.45
C GLU D 59 -14.27 12.66 -29.73
N ASN D 60 -13.74 13.72 -30.34
CA ASN D 60 -12.65 14.49 -29.75
C ASN D 60 -12.91 14.98 -28.31
N ASN D 61 -14.14 15.42 -28.05
CA ASN D 61 -14.47 15.95 -26.71
C ASN D 61 -14.68 14.87 -25.64
N THR D 62 -14.42 13.60 -26.01
CA THR D 62 -14.41 12.50 -25.06
C THR D 62 -13.00 12.03 -24.72
N LEU D 63 -11.97 12.61 -25.34
CA LEU D 63 -10.59 12.14 -25.18
C LEU D 63 -9.74 13.15 -24.39
N PRO D 64 -9.32 12.78 -23.17
CA PRO D 64 -8.41 13.66 -22.43
C PRO D 64 -7.08 13.84 -23.17
N THR D 65 -6.57 15.07 -23.14
CA THR D 65 -5.33 15.40 -23.83
C THR D 65 -4.33 15.99 -22.83
N TRP D 66 -3.06 16.03 -23.22
CA TRP D 66 -2.02 16.62 -22.38
C TRP D 66 -2.25 18.10 -22.18
N SER D 67 -2.00 18.58 -20.97
CA SER D 67 -1.87 20.02 -20.74
C SER D 67 -0.41 20.41 -20.92
N MET D 68 -0.18 21.59 -21.46
CA MET D 68 1.18 22.10 -21.54
C MET D 68 1.23 23.61 -21.54
N ALA D 69 2.36 24.15 -21.10
CA ALA D 69 2.60 25.58 -21.15
C ALA D 69 4.07 25.81 -21.35
N LYS D 70 4.40 26.82 -22.13
CA LYS D 70 5.77 27.25 -22.32
C LYS D 70 5.90 28.59 -21.62
N LEU D 71 6.83 28.67 -20.68
CA LEU D 71 7.10 29.93 -19.97
C LEU D 71 8.38 30.57 -20.49
N GLN D 72 8.32 31.86 -20.77
CA GLN D 72 9.50 32.57 -21.27
C GLN D 72 10.25 33.19 -20.09
N LEU D 73 11.52 32.82 -19.96
CA LEU D 73 12.37 33.32 -18.89
C LEU D 73 13.11 34.58 -19.35
N PRO D 74 13.70 35.36 -18.42
CA PRO D 74 14.47 36.55 -18.80
C PRO D 74 15.70 36.23 -19.66
N MET D 75 15.95 37.05 -20.69
CA MET D 75 17.07 36.82 -21.59
C MET D 75 18.40 36.97 -20.86
N LEU D 76 19.34 36.07 -21.12
CA LEU D 76 20.63 36.10 -20.42
C LEU D 76 21.80 36.58 -21.26
N ASN D 77 21.75 36.33 -22.56
CA ASN D 77 22.90 36.56 -23.43
C ASN D 77 22.64 37.61 -24.50
N GLU D 78 23.35 38.74 -24.40
CA GLU D 78 23.28 39.78 -25.42
C GLU D 78 23.87 39.30 -26.76
N ASP D 79 24.93 38.49 -26.67
CA ASP D 79 25.62 38.00 -27.86
C ASP D 79 25.83 36.49 -27.77
N LEU D 80 25.12 35.75 -28.62
CA LEU D 80 25.20 34.29 -28.65
C LEU D 80 26.51 33.72 -29.26
N THR D 81 27.34 34.58 -29.82
CA THR D 81 28.66 34.18 -30.34
C THR D 81 29.76 34.17 -29.27
N CYS D 82 29.44 34.57 -28.04
CA CYS D 82 30.40 34.53 -26.94
CA CYS D 82 30.39 34.53 -26.93
C CYS D 82 30.76 33.08 -26.62
N ASP D 83 32.04 32.86 -26.33
CA ASP D 83 32.57 31.52 -26.02
C ASP D 83 31.86 30.85 -24.84
N THR D 84 31.64 31.62 -23.77
CA THR D 84 30.90 31.13 -22.61
C THR D 84 29.59 31.90 -22.46
N LEU D 85 28.50 31.17 -22.27
CA LEU D 85 27.16 31.76 -22.19
C LEU D 85 26.52 31.37 -20.88
N GLN D 86 25.36 31.94 -20.58
CA GLN D 86 24.56 31.54 -19.43
C GLN D 86 23.25 30.91 -19.88
N MET D 87 22.76 29.95 -19.12
CA MET D 87 21.46 29.35 -19.37
C MET D 87 20.73 29.21 -18.06
N TRP D 88 19.40 29.29 -18.11
CA TRP D 88 18.58 28.98 -16.96
C TRP D 88 18.53 27.46 -16.76
N GLU D 89 18.71 27.05 -15.52
CA GLU D 89 18.72 25.64 -15.15
C GLU D 89 17.62 25.41 -14.12
N ALA D 90 16.68 24.51 -14.41
CA ALA D 90 15.62 24.18 -13.43
C ALA D 90 16.17 23.20 -12.38
N VAL D 91 16.17 23.63 -11.12
CA VAL D 91 16.81 22.92 -10.01
C VAL D 91 15.82 22.00 -9.31
N SER D 92 14.60 22.48 -9.13
CA SER D 92 13.59 21.78 -8.35
C SER D 92 12.22 22.37 -8.64
N VAL D 93 11.19 21.61 -8.29
CA VAL D 93 9.83 22.06 -8.49
C VAL D 93 8.97 21.59 -7.33
N LYS D 94 8.10 22.49 -6.86
CA LYS D 94 7.03 22.12 -5.95
C LYS D 94 5.78 22.04 -6.80
N THR D 95 5.20 20.85 -6.86
CA THR D 95 4.00 20.67 -7.68
C THR D 95 2.87 20.06 -6.84
N GLU D 96 1.64 20.42 -7.15
CA GLU D 96 0.49 19.97 -6.37
C GLU D 96 -0.72 19.88 -7.28
N VAL D 97 -1.50 18.81 -7.15
CA VAL D 97 -2.79 18.70 -7.83
C VAL D 97 -3.84 19.26 -6.88
N VAL D 98 -4.57 20.28 -7.34
CA VAL D 98 -5.49 21.03 -6.46
C VAL D 98 -6.93 20.62 -6.69
N GLY D 99 -7.69 20.50 -5.60
CA GLY D 99 -9.14 20.34 -5.69
C GLY D 99 -9.70 18.97 -5.38
N SER D 100 -8.88 18.05 -4.85
CA SER D 100 -9.41 16.72 -4.52
C SER D 100 -10.59 16.78 -3.56
N GLY D 101 -10.60 17.78 -2.67
CA GLY D 101 -11.74 18.01 -1.78
C GLY D 101 -13.08 18.17 -2.50
N SER D 102 -13.05 18.68 -3.74
CA SER D 102 -14.30 18.83 -4.52
C SER D 102 -14.98 17.49 -4.83
N LEU D 103 -14.21 16.41 -4.81
CA LEU D 103 -14.75 15.05 -5.04
C LEU D 103 -15.62 14.56 -3.88
N LEU D 104 -15.61 15.32 -2.78
CA LEU D 104 -16.50 15.06 -1.62
C LEU D 104 -17.94 15.55 -1.86
N ASP D 105 -18.18 16.24 -2.97
CA ASP D 105 -19.56 16.52 -3.39
C ASP D 105 -20.27 15.21 -3.83
N VAL D 106 -21.08 14.64 -2.94
CA VAL D 106 -21.86 13.44 -3.24
C VAL D 106 -23.36 13.78 -3.14
N HIS D 107 -23.70 15.03 -3.38
CA HIS D 107 -25.08 15.49 -3.28
C HIS D 107 -25.70 15.84 -4.64
N GLY D 108 -24.98 15.54 -5.73
CA GLY D 108 -25.44 15.88 -7.08
C GLY D 108 -26.38 14.86 -7.69
N PHE D 109 -26.43 14.83 -9.02
CA PHE D 109 -27.43 14.04 -9.74
C PHE D 109 -26.78 12.87 -10.50
N ASN D 110 -25.63 12.38 -10.04
CA ASN D 110 -25.00 11.19 -10.65
C ASN D 110 -25.85 9.95 -10.37
N LYS D 111 -25.52 8.83 -11.01
CA LYS D 111 -26.08 7.55 -10.62
C LYS D 111 -26.05 7.40 -9.08
N PRO D 112 -27.20 7.11 -8.47
CA PRO D 112 -27.22 7.07 -7.02
C PRO D 112 -26.75 5.70 -6.50
N THR D 113 -26.34 5.63 -5.25
CA THR D 113 -25.87 4.37 -4.69
C THR D 113 -27.02 3.41 -4.33
N ASP D 114 -28.22 3.94 -4.07
CA ASP D 114 -29.42 3.09 -3.84
C ASP D 114 -30.30 3.15 -5.10
N THR D 115 -30.10 2.20 -6.00
CA THR D 115 -30.80 2.23 -7.29
C THR D 115 -32.25 1.76 -7.19
N VAL D 116 -32.58 0.99 -6.14
CA VAL D 116 -33.95 0.53 -5.97
C VAL D 116 -34.89 1.72 -5.73
N ASN D 117 -34.47 2.63 -4.86
CA ASN D 117 -35.31 3.76 -4.47
C ASN D 117 -34.83 5.08 -5.09
N THR D 118 -33.70 5.04 -5.80
CA THR D 118 -33.05 6.26 -6.34
C THR D 118 -32.69 7.20 -5.17
N LYS D 119 -31.92 6.66 -4.24
CA LYS D 119 -31.57 7.35 -2.99
C LYS D 119 -30.12 7.05 -2.65
N GLY D 120 -29.73 7.25 -1.40
CA GLY D 120 -28.33 7.03 -1.03
C GLY D 120 -27.57 8.32 -1.27
N ILE D 121 -26.43 8.24 -1.95
CA ILE D 121 -25.69 9.44 -2.33
C ILE D 121 -25.42 9.42 -3.82
N SER D 122 -25.02 10.57 -4.34
CA SER D 122 -24.60 10.69 -5.73
C SER D 122 -23.22 10.03 -5.82
N THR D 123 -23.11 8.96 -6.60
CA THR D 123 -21.85 8.20 -6.63
C THR D 123 -20.66 9.11 -6.94
N PRO D 124 -19.61 9.09 -6.09
CA PRO D 124 -18.49 9.97 -6.35
C PRO D 124 -17.59 9.44 -7.48
N VAL D 125 -16.71 10.31 -7.96
CA VAL D 125 -15.76 9.97 -9.04
C VAL D 125 -14.93 8.75 -8.62
N GLU D 126 -14.82 7.76 -9.49
CA GLU D 126 -14.04 6.53 -9.23
C GLU D 126 -13.47 6.02 -10.54
N GLY D 127 -12.54 5.08 -10.44
CA GLY D 127 -12.08 4.38 -11.63
C GLY D 127 -10.63 4.67 -11.93
N SER D 128 -10.30 4.68 -13.23
CA SER D 128 -8.92 4.77 -13.67
C SER D 128 -8.37 6.18 -13.44
N GLN D 129 -7.12 6.23 -13.01
CA GLN D 129 -6.42 7.47 -12.65
C GLN D 129 -5.07 7.52 -13.32
N TYR D 130 -4.64 8.72 -13.67
CA TYR D 130 -3.42 8.89 -14.45
C TYR D 130 -2.87 10.24 -14.09
N HIS D 131 -1.66 10.24 -13.55
CA HIS D 131 -1.02 11.49 -13.09
C HIS D 131 0.38 11.50 -13.64
N VAL D 132 0.65 12.46 -14.52
CA VAL D 132 1.99 12.64 -15.05
C VAL D 132 2.32 14.12 -15.00
N PHE D 133 3.54 14.46 -14.62
CA PHE D 133 4.03 15.82 -14.84
C PHE D 133 5.46 15.79 -15.35
N ALA D 134 5.83 16.85 -16.06
CA ALA D 134 7.17 16.97 -16.62
C ALA D 134 7.60 18.44 -16.58
N VAL D 135 8.89 18.66 -16.39
CA VAL D 135 9.51 19.97 -16.45
C VAL D 135 10.75 19.80 -17.32
N GLY D 136 10.90 20.63 -18.34
CA GLY D 136 12.03 20.50 -19.23
C GLY D 136 12.40 21.80 -19.93
N GLY D 137 13.56 21.78 -20.59
CA GLY D 137 14.04 22.97 -21.30
C GLY D 137 13.70 22.97 -22.77
N GLU D 138 12.86 22.03 -23.18
CA GLU D 138 12.36 21.90 -24.56
C GLU D 138 11.05 21.08 -24.46
N PRO D 139 10.29 20.96 -25.57
CA PRO D 139 9.03 20.23 -25.46
C PRO D 139 9.23 18.77 -25.04
N LEU D 140 8.25 18.23 -24.33
CA LEU D 140 8.27 16.83 -23.94
C LEU D 140 8.25 15.99 -25.21
N ASP D 141 9.20 15.07 -25.34
CA ASP D 141 9.21 14.10 -26.46
C ASP D 141 8.17 13.02 -26.20
N LEU D 142 7.37 12.72 -27.23
CA LEU D 142 6.27 11.78 -27.12
C LEU D 142 6.46 10.55 -28.02
N GLN D 143 6.05 9.40 -27.51
CA GLN D 143 6.07 8.15 -28.24
C GLN D 143 4.63 7.66 -28.32
N GLY D 144 4.18 7.37 -29.53
CA GLY D 144 2.82 6.88 -29.75
C GLY D 144 2.72 5.40 -29.44
N LEU D 145 1.59 4.99 -28.86
CA LEU D 145 1.28 3.58 -28.63
C LEU D 145 -0.18 3.51 -28.25
N VAL D 146 -0.93 2.69 -28.97
CA VAL D 146 -2.37 2.64 -28.77
C VAL D 146 -2.86 1.25 -28.40
N THR D 147 -4.05 1.21 -27.80
CA THR D 147 -4.78 -0.03 -27.60
C THR D 147 -5.12 -0.72 -28.94
N ASP D 148 -5.63 0.07 -29.90
CA ASP D 148 -6.16 -0.50 -31.14
C ASP D 148 -5.77 0.37 -32.34
N ALA D 149 -4.91 -0.15 -33.20
CA ALA D 149 -4.46 0.55 -34.42
C ALA D 149 -5.60 0.78 -35.42
N ARG D 150 -6.75 0.14 -35.18
CA ARG D 150 -7.93 0.33 -36.05
C ARG D 150 -8.83 1.49 -35.61
N THR D 151 -8.55 2.09 -34.45
CA THR D 151 -9.40 3.18 -33.93
C THR D 151 -9.45 4.32 -34.95
N LYS D 152 -10.65 4.79 -35.26
CA LYS D 152 -10.82 5.85 -36.24
C LYS D 152 -10.90 7.21 -35.54
N TYR D 153 -9.75 7.74 -35.14
CA TYR D 153 -9.69 9.06 -34.56
C TYR D 153 -10.06 10.10 -35.61
N LYS D 154 -10.68 11.19 -35.18
CA LYS D 154 -10.97 12.31 -36.10
C LYS D 154 -9.65 12.81 -36.70
N GLU D 155 -9.70 13.27 -37.95
CA GLU D 155 -8.52 13.82 -38.59
C GLU D 155 -8.28 15.28 -38.25
N GLU D 156 -9.33 15.99 -37.84
CA GLU D 156 -9.21 17.38 -37.42
C GLU D 156 -9.56 17.48 -35.95
N GLY D 157 -8.83 18.32 -35.21
CA GLY D 157 -9.14 18.58 -33.80
C GLY D 157 -8.32 17.85 -32.73
N VAL D 158 -7.58 16.80 -33.11
CA VAL D 158 -6.62 16.11 -32.24
C VAL D 158 -5.39 15.76 -33.07
N VAL D 159 -4.24 15.70 -32.43
CA VAL D 159 -3.01 15.25 -33.11
C VAL D 159 -2.86 13.76 -32.80
N THR D 160 -2.93 12.92 -33.82
CA THR D 160 -2.83 11.46 -33.61
C THR D 160 -1.63 10.94 -34.42
N ILE D 161 -1.40 9.62 -34.38
CA ILE D 161 -0.23 9.06 -35.11
C ILE D 161 -0.28 9.39 -36.60
N LYS D 162 -1.46 9.23 -37.20
CA LYS D 162 -1.68 9.56 -38.60
C LYS D 162 -1.38 11.03 -38.92
N THR D 163 -1.72 11.95 -38.01
CA THR D 163 -1.37 13.36 -38.19
C THR D 163 0.13 13.51 -38.46
N ILE D 164 0.94 12.72 -37.76
CA ILE D 164 2.40 12.80 -37.87
C ILE D 164 2.92 12.06 -39.11
N THR D 165 2.48 10.82 -39.29
CA THR D 165 3.05 9.97 -40.35
C THR D 165 2.41 10.17 -41.71
N LYS D 166 1.25 10.81 -41.73
CA LYS D 166 0.42 10.98 -42.94
C LYS D 166 -0.12 9.65 -43.49
N LYS D 167 -0.09 8.61 -42.66
CA LYS D 167 -0.55 7.30 -43.06
C LYS D 167 -1.32 6.65 -41.92
N ASP D 168 -2.20 5.72 -42.26
CA ASP D 168 -2.94 4.97 -41.26
C ASP D 168 -2.01 4.26 -40.29
N MET D 169 -2.47 4.07 -39.05
CA MET D 169 -1.71 3.30 -38.07
C MET D 169 -1.47 1.87 -38.57
N VAL D 170 -0.34 1.30 -38.17
CA VAL D 170 -0.02 -0.10 -38.46
C VAL D 170 -0.10 -0.93 -37.17
N ASN D 171 -0.04 -2.25 -37.31
CA ASN D 171 -0.12 -3.11 -36.12
C ASN D 171 0.98 -2.88 -35.06
N LYS D 172 2.16 -2.47 -35.52
CA LYS D 172 3.30 -2.11 -34.65
C LYS D 172 2.98 -0.96 -33.70
N ASP D 173 1.99 -0.13 -34.03
CA ASP D 173 1.58 0.98 -33.15
C ASP D 173 0.87 0.51 -31.89
N GLN D 174 0.53 -0.76 -31.82
CA GLN D 174 -0.01 -1.36 -30.58
C GLN D 174 1.12 -1.78 -29.62
N VAL D 175 2.35 -1.74 -30.12
CA VAL D 175 3.54 -1.95 -29.27
C VAL D 175 4.46 -0.76 -29.51
N LEU D 176 5.78 -0.93 -29.41
CA LEU D 176 6.68 0.20 -29.62
C LEU D 176 7.10 0.29 -31.08
N ASN D 177 6.59 1.30 -31.78
CA ASN D 177 6.98 1.61 -33.15
C ASN D 177 7.76 2.93 -33.13
N PRO D 178 9.10 2.87 -33.33
CA PRO D 178 9.95 4.07 -33.24
C PRO D 178 9.61 5.17 -34.24
N ILE D 179 8.85 4.84 -35.29
CA ILE D 179 8.40 5.84 -36.27
C ILE D 179 7.35 6.78 -35.67
N SER D 180 6.57 6.30 -34.71
CA SER D 180 5.42 7.06 -34.21
C SER D 180 5.83 7.99 -33.07
N LYS D 181 6.44 9.12 -33.42
CA LYS D 181 6.98 10.07 -32.43
C LYS D 181 6.45 11.45 -32.68
N ALA D 182 6.35 12.25 -31.61
CA ALA D 182 5.93 13.64 -31.70
C ALA D 182 6.54 14.44 -30.55
N LYS D 183 6.24 15.72 -30.51
CA LYS D 183 6.63 16.59 -29.40
C LYS D 183 5.39 17.26 -28.87
N LEU D 184 5.31 17.41 -27.56
CA LEU D 184 4.17 18.08 -26.93
C LEU D 184 4.32 19.60 -27.07
N ASP D 185 3.86 20.12 -28.21
CA ASP D 185 4.09 21.52 -28.55
C ASP D 185 2.81 22.34 -28.53
N LYS D 186 1.71 21.73 -28.10
CA LYS D 186 0.40 22.39 -28.05
C LYS D 186 -0.49 21.83 -26.93
N ASP D 187 -1.15 22.73 -26.20
CA ASP D 187 -2.05 22.38 -25.10
C ASP D 187 -3.39 21.83 -25.63
N GLY D 188 -3.91 20.81 -24.97
CA GLY D 188 -5.26 20.31 -25.27
C GLY D 188 -5.45 19.67 -26.65
N MET D 189 -4.40 19.02 -27.17
CA MET D 189 -4.45 18.48 -28.55
C MET D 189 -3.95 17.05 -28.71
N TYR D 190 -3.05 16.62 -27.80
CA TYR D 190 -2.42 15.30 -27.88
C TYR D 190 -3.10 14.33 -26.91
N PRO D 191 -3.88 13.35 -27.43
CA PRO D 191 -4.59 12.45 -26.50
C PRO D 191 -3.65 11.58 -25.66
N VAL D 192 -3.97 11.45 -24.38
CA VAL D 192 -3.11 10.71 -23.45
C VAL D 192 -3.22 9.20 -23.67
N GLU D 193 -4.29 8.74 -24.36
CA GLU D 193 -4.38 7.32 -24.69
C GLU D 193 -3.50 6.94 -25.90
N ILE D 194 -2.93 7.95 -26.56
CA ILE D 194 -2.05 7.75 -27.72
C ILE D 194 -0.57 8.07 -27.42
N TRP D 195 -0.34 9.17 -26.71
CA TRP D 195 0.99 9.76 -26.61
C TRP D 195 1.59 9.67 -25.21
N HIS D 196 2.76 9.01 -25.14
CA HIS D 196 3.44 8.71 -23.88
C HIS D 196 4.81 9.38 -23.87
N PRO D 197 5.32 9.73 -22.67
CA PRO D 197 6.68 10.28 -22.63
C PRO D 197 7.64 9.28 -23.27
N ASP D 198 8.51 9.75 -24.16
CA ASP D 198 9.44 8.90 -24.89
C ASP D 198 10.72 8.70 -24.05
N PRO D 199 10.92 7.47 -23.53
CA PRO D 199 12.09 7.24 -22.68
C PRO D 199 13.41 7.23 -23.47
N ALA D 200 13.32 7.10 -24.80
CA ALA D 200 14.52 7.11 -25.65
C ALA D 200 15.02 8.53 -25.94
N LYS D 201 14.23 9.54 -25.60
CA LYS D 201 14.66 10.92 -25.78
C LYS D 201 14.53 11.63 -24.42
N ASN D 202 13.98 12.85 -24.38
CA ASN D 202 13.78 13.57 -23.11
C ASN D 202 15.04 13.71 -22.23
N GLU D 203 16.19 13.92 -22.85
CA GLU D 203 17.45 14.07 -22.10
C GLU D 203 17.48 15.39 -21.32
N ASN D 204 16.63 16.35 -21.73
CA ASN D 204 16.61 17.67 -21.13
C ASN D 204 15.28 17.96 -20.44
N THR D 205 14.58 16.89 -20.05
CA THR D 205 13.29 16.97 -19.38
C THR D 205 13.27 15.90 -18.28
N ARG D 206 12.60 16.19 -17.16
CA ARG D 206 12.33 15.15 -16.16
C ARG D 206 10.82 14.90 -16.12
N TYR D 207 10.40 13.64 -16.22
CA TYR D 207 8.99 13.34 -16.11
C TYR D 207 8.73 12.25 -15.07
N PHE D 208 7.53 12.29 -14.50
CA PHE D 208 7.17 11.42 -13.39
C PHE D 208 5.72 11.04 -13.63
N GLY D 209 5.47 9.75 -13.82
CA GLY D 209 4.10 9.29 -14.13
C GLY D 209 3.63 8.14 -13.25
N ASN D 210 2.31 8.06 -13.06
CA ASN D 210 1.74 6.88 -12.45
C ASN D 210 0.34 6.60 -12.97
N TYR D 211 0.02 5.33 -13.07
CA TYR D 211 -1.25 4.87 -13.62
C TYR D 211 -1.86 3.87 -12.64
N THR D 212 -3.15 4.03 -12.37
CA THR D 212 -3.94 3.02 -11.65
C THR D 212 -5.21 2.78 -12.46
N GLY D 213 -5.46 1.53 -12.83
CA GLY D 213 -6.63 1.21 -13.65
C GLY D 213 -7.90 0.85 -12.87
N GLY D 214 -8.77 0.08 -13.53
CA GLY D 214 -10.01 -0.41 -12.93
C GLY D 214 -11.20 0.49 -13.21
N THR D 215 -12.39 0.05 -12.81
CA THR D 215 -13.61 0.80 -13.12
C THR D 215 -14.23 1.50 -11.92
N THR D 216 -14.02 0.96 -10.72
CA THR D 216 -14.61 1.54 -9.52
C THR D 216 -13.53 1.81 -8.47
N THR D 217 -12.27 1.87 -8.90
CA THR D 217 -11.11 2.05 -8.03
C THR D 217 -11.20 3.38 -7.28
N PRO D 218 -11.00 3.36 -5.93
CA PRO D 218 -11.05 4.64 -5.22
C PRO D 218 -9.90 5.57 -5.65
N PRO D 219 -10.20 6.84 -5.89
CA PRO D 219 -9.09 7.74 -6.22
C PRO D 219 -8.34 8.13 -4.96
N VAL D 220 -7.03 8.27 -5.09
CA VAL D 220 -6.15 8.59 -3.96
C VAL D 220 -5.30 9.79 -4.39
N LEU D 221 -5.14 10.77 -3.50
CA LEU D 221 -4.28 11.91 -3.81
C LEU D 221 -3.69 12.46 -2.52
N GLN D 222 -2.43 12.88 -2.58
CA GLN D 222 -1.82 13.60 -1.45
C GLN D 222 -1.49 15.00 -1.94
N PHE D 223 -1.49 15.96 -1.02
CA PHE D 223 -1.16 17.34 -1.39
C PHE D 223 -0.53 18.03 -0.17
N THR D 224 0.56 18.77 -0.41
CA THR D 224 1.24 19.51 0.66
C THR D 224 2.03 20.64 0.00
N ASN D 225 2.35 21.68 0.76
CA ASN D 225 3.24 22.70 0.21
C ASN D 225 4.67 22.53 0.74
N THR D 226 4.96 21.33 1.27
CA THR D 226 6.26 21.07 1.92
C THR D 226 7.17 20.13 1.13
N LEU D 227 6.70 19.66 -0.02
CA LEU D 227 7.42 18.64 -0.78
C LEU D 227 8.09 19.22 -2.00
N THR D 228 9.41 19.07 -2.08
CA THR D 228 10.18 19.54 -3.23
C THR D 228 10.64 18.35 -4.08
N THR D 229 10.38 18.41 -5.37
CA THR D 229 10.90 17.44 -6.33
C THR D 229 12.21 17.95 -6.94
N VAL D 230 13.30 17.21 -6.76
CA VAL D 230 14.61 17.57 -7.32
C VAL D 230 14.61 17.27 -8.82
N LEU D 231 15.16 18.19 -9.61
CA LEU D 231 15.19 18.01 -11.06
C LEU D 231 16.62 17.79 -11.60
N LEU D 232 17.59 17.79 -10.69
CA LEU D 232 18.98 17.55 -11.06
C LEU D 232 19.17 16.09 -11.45
N ASP D 233 19.98 15.86 -12.49
CA ASP D 233 20.29 14.51 -12.91
C ASP D 233 21.40 13.91 -12.05
N GLU D 234 21.90 12.75 -12.45
CA GLU D 234 22.94 12.06 -11.68
C GLU D 234 24.28 12.83 -11.67
N ASN D 235 24.43 13.79 -12.57
CA ASN D 235 25.62 14.65 -12.60
C ASN D 235 25.44 16.02 -11.93
N GLY D 236 24.29 16.23 -11.30
CA GLY D 236 23.99 17.49 -10.63
C GLY D 236 23.49 18.60 -11.56
N VAL D 237 23.01 18.23 -12.74
CA VAL D 237 22.55 19.24 -13.72
C VAL D 237 21.04 19.10 -13.97
N GLY D 238 20.33 20.21 -13.84
CA GLY D 238 18.89 20.24 -14.15
C GLY D 238 18.63 20.51 -15.62
N PRO D 239 17.35 20.46 -16.03
CA PRO D 239 17.00 20.85 -17.40
C PRO D 239 17.50 22.27 -17.70
N LEU D 240 18.09 22.43 -18.88
CA LEU D 240 18.65 23.71 -19.32
C LEU D 240 17.74 24.33 -20.37
N CYS D 241 17.33 25.58 -20.13
CA CYS D 241 16.25 26.19 -20.90
C CYS D 241 16.71 26.75 -22.22
N LYS D 242 16.45 26.00 -23.29
CA LYS D 242 16.87 26.38 -24.64
C LYS D 242 16.13 27.63 -25.09
N GLY D 243 16.88 28.66 -25.48
CA GLY D 243 16.30 29.97 -25.79
C GLY D 243 15.43 30.53 -24.67
N GLU D 244 15.81 30.23 -23.43
CA GLU D 244 15.12 30.70 -22.23
C GLU D 244 13.67 30.22 -22.13
N GLY D 245 13.36 29.10 -22.77
CA GLY D 245 12.01 28.56 -22.72
C GLY D 245 11.92 27.40 -21.72
N LEU D 246 10.89 27.43 -20.89
CA LEU D 246 10.69 26.40 -19.90
C LEU D 246 9.35 25.73 -20.19
N TYR D 247 9.37 24.41 -20.29
CA TYR D 247 8.17 23.66 -20.67
C TYR D 247 7.62 22.89 -19.51
N LEU D 248 6.33 23.08 -19.27
CA LEU D 248 5.59 22.36 -18.23
C LEU D 248 4.54 21.51 -18.92
N SER D 249 4.42 20.24 -18.52
CA SER D 249 3.48 19.32 -19.14
C SER D 249 2.83 18.48 -18.07
N CYS D 250 1.54 18.21 -18.19
CA CYS D 250 0.88 17.32 -17.21
C CYS D 250 -0.44 16.76 -17.67
N VAL D 251 -0.87 15.73 -16.95
CA VAL D 251 -2.25 15.26 -17.04
C VAL D 251 -2.60 14.69 -15.68
N ASP D 252 -3.82 14.99 -15.20
CA ASP D 252 -4.23 14.52 -13.88
C ASP D 252 -5.68 14.07 -13.89
N ILE D 253 -5.87 12.81 -14.27
CA ILE D 253 -7.20 12.20 -14.37
C ILE D 253 -7.52 11.51 -13.07
N MET D 254 -8.70 11.81 -12.53
CA MET D 254 -9.13 11.30 -11.22
C MET D 254 -10.06 10.09 -11.32
N GLY D 255 -10.59 9.85 -12.52
CA GLY D 255 -11.58 8.79 -12.74
C GLY D 255 -12.76 9.32 -13.53
N TRP D 256 -13.93 8.69 -13.36
CA TRP D 256 -15.16 9.13 -14.04
C TRP D 256 -16.28 9.42 -13.06
N ARG D 257 -17.19 10.31 -13.44
CA ARG D 257 -18.53 10.27 -12.86
C ARG D 257 -19.46 9.52 -13.83
N VAL D 258 -20.52 8.94 -13.27
CA VAL D 258 -21.46 8.12 -14.05
C VAL D 258 -22.85 8.74 -13.89
N THR D 259 -23.51 8.99 -15.01
CA THR D 259 -24.81 9.67 -14.97
C THR D 259 -25.95 8.68 -14.75
N ARG D 260 -27.16 9.23 -14.58
CA ARG D 260 -28.36 8.41 -14.42
C ARG D 260 -28.96 7.94 -15.74
N ASN D 261 -28.32 8.28 -16.86
CA ASN D 261 -28.85 7.93 -18.18
C ASN D 261 -27.89 6.97 -18.85
N TYR D 262 -28.24 5.68 -18.86
CA TYR D 262 -27.44 4.66 -19.54
C TYR D 262 -25.98 4.59 -19.07
N ASP D 263 -25.77 4.83 -17.77
CA ASP D 263 -24.42 4.78 -17.19
C ASP D 263 -23.36 5.55 -18.01
N VAL D 264 -23.72 6.68 -18.61
CA VAL D 264 -22.73 7.46 -19.37
C VAL D 264 -21.62 7.95 -18.42
N HIS D 265 -20.36 7.76 -18.83
CA HIS D 265 -19.22 8.17 -18.04
C HIS D 265 -18.65 9.48 -18.57
N HIS D 266 -18.21 10.35 -17.65
CA HIS D 266 -17.46 11.57 -17.98
C HIS D 266 -16.16 11.55 -17.18
N TRP D 267 -15.03 11.71 -17.86
CA TRP D 267 -13.73 11.83 -17.20
C TRP D 267 -13.69 13.09 -16.34
N ARG D 268 -13.01 13.01 -15.20
CA ARG D 268 -12.72 14.19 -14.37
C ARG D 268 -11.22 14.43 -14.32
N GLY D 269 -10.82 15.68 -14.56
CA GLY D 269 -9.43 16.09 -14.35
C GLY D 269 -9.33 17.21 -13.33
N LEU D 270 -8.15 17.39 -12.75
CA LEU D 270 -7.92 18.49 -11.81
C LEU D 270 -6.71 19.29 -12.26
N PRO D 271 -6.67 20.58 -11.90
CA PRO D 271 -5.54 21.44 -12.26
C PRO D 271 -4.28 21.13 -11.44
N ARG D 272 -3.13 21.46 -12.03
CA ARG D 272 -1.85 21.23 -11.36
C ARG D 272 -1.06 22.52 -11.23
N TYR D 273 -0.58 22.78 -10.03
CA TYR D 273 0.30 23.92 -9.74
C TYR D 273 1.77 23.54 -9.88
N PHE D 274 2.60 24.44 -10.40
CA PHE D 274 4.04 24.26 -10.45
C PHE D 274 4.71 25.51 -9.91
N LYS D 275 5.67 25.34 -9.01
CA LYS D 275 6.57 26.42 -8.65
C LYS D 275 8.01 25.93 -8.85
N ILE D 276 8.67 26.47 -9.87
CA ILE D 276 9.97 25.96 -10.30
C ILE D 276 11.04 26.94 -9.85
N THR D 277 12.06 26.41 -9.17
CA THR D 277 13.25 27.19 -8.83
C THR D 277 14.29 27.02 -9.92
N LEU D 278 14.79 28.15 -10.44
CA LEU D 278 15.80 28.13 -11.49
C LEU D 278 17.01 28.94 -11.09
N ARG D 279 18.17 28.53 -11.59
CA ARG D 279 19.41 29.27 -11.32
C ARG D 279 20.16 29.43 -12.63
N LYS D 280 21.05 30.42 -12.70
CA LYS D 280 21.82 30.61 -13.93
C LYS D 280 23.04 29.71 -13.89
N ARG D 281 23.34 29.08 -15.02
CA ARG D 281 24.48 28.19 -15.17
C ARG D 281 25.37 28.67 -16.33
N TRP D 282 26.69 28.69 -16.10
CA TRP D 282 27.64 28.96 -17.18
C TRP D 282 27.76 27.72 -18.08
N VAL D 283 27.72 27.92 -19.39
CA VAL D 283 27.87 26.82 -20.35
C VAL D 283 28.85 27.21 -21.45
N LYS D 284 29.48 26.21 -22.06
CA LYS D 284 30.38 26.43 -23.19
C LYS D 284 29.90 25.63 -24.40
N GLY E 1 8.36 42.36 10.61
CA GLY E 1 9.76 42.12 10.14
C GLY E 1 9.84 40.99 9.13
N MET E 2 10.49 41.25 8.01
CA MET E 2 10.64 40.27 6.94
C MET E 2 12.02 39.60 6.96
N GLU E 3 13.03 40.28 7.49
CA GLU E 3 14.37 39.70 7.58
C GLU E 3 14.56 38.91 8.87
N VAL E 4 14.80 37.61 8.72
CA VAL E 4 14.90 36.66 9.81
C VAL E 4 16.35 36.61 10.33
N LEU E 5 16.53 36.83 11.64
CA LEU E 5 17.88 36.86 12.22
C LEU E 5 18.13 35.63 13.12
N ASP E 6 18.85 35.80 14.23
CA ASP E 6 19.17 34.67 15.12
C ASP E 6 18.00 34.26 16.01
N LEU E 7 18.09 33.05 16.56
CA LEU E 7 17.14 32.57 17.55
C LEU E 7 17.38 33.30 18.87
N VAL E 8 16.30 33.62 19.57
CA VAL E 8 16.37 34.27 20.88
C VAL E 8 16.64 33.20 21.95
N THR E 9 17.54 33.50 22.86
CA THR E 9 17.83 32.59 23.98
C THR E 9 17.46 33.22 25.32
N GLY E 10 17.42 32.40 26.36
CA GLY E 10 17.14 32.88 27.70
C GLY E 10 15.81 32.39 28.23
N PRO E 11 15.43 32.85 29.43
CA PRO E 11 14.19 32.45 30.10
C PRO E 11 12.96 32.65 29.22
N ASP E 12 12.13 31.59 29.13
CA ASP E 12 10.88 31.57 28.37
C ASP E 12 10.99 31.87 26.87
N SER E 13 12.13 31.53 26.27
CA SER E 13 12.35 31.75 24.82
C SER E 13 11.72 30.65 23.96
N VAL E 14 11.29 29.56 24.60
CA VAL E 14 10.59 28.45 23.92
C VAL E 14 9.27 28.20 24.65
N THR E 15 8.24 27.83 23.91
CA THR E 15 6.93 27.55 24.51
C THR E 15 6.26 26.40 23.75
N GLU E 16 5.40 25.66 24.44
CA GLU E 16 4.57 24.64 23.80
C GLU E 16 3.13 25.02 24.03
N ILE E 17 2.30 24.92 22.99
CA ILE E 17 0.88 25.09 23.19
C ILE E 17 0.11 23.93 22.58
N GLU E 18 -0.98 23.55 23.24
CA GLU E 18 -1.75 22.44 22.75
C GLU E 18 -3.20 22.83 22.58
N ALA E 19 -3.86 22.18 21.64
CA ALA E 19 -5.26 22.43 21.39
C ALA E 19 -5.88 21.20 20.72
N PHE E 20 -7.19 21.06 20.89
CA PHE E 20 -7.99 20.11 20.14
CA PHE E 20 -7.95 20.11 20.10
C PHE E 20 -8.95 20.90 19.25
N LEU E 21 -9.12 20.46 18.01
CA LEU E 21 -10.14 21.04 17.14
C LEU E 21 -11.19 19.97 16.88
N ASN E 22 -12.42 20.24 17.30
CA ASN E 22 -13.53 19.34 17.02
C ASN E 22 -13.97 19.42 15.57
N PRO E 23 -14.46 18.29 15.00
CA PRO E 23 -14.87 18.30 13.59
C PRO E 23 -16.11 19.16 13.37
N ARG E 24 -16.28 19.64 12.14
CA ARG E 24 -17.45 20.45 11.75
C ARG E 24 -18.15 19.79 10.57
N MET E 25 -18.80 18.67 10.84
CA MET E 25 -19.39 17.83 9.78
C MET E 25 -20.76 18.29 9.28
N GLY E 26 -21.40 19.17 10.04
CA GLY E 26 -22.66 19.75 9.58
C GLY E 26 -23.63 20.07 10.71
N GLN E 27 -23.80 19.14 11.64
CA GLN E 27 -24.60 19.45 12.83
C GLN E 27 -23.75 20.31 13.77
N PRO E 28 -24.28 21.49 14.17
CA PRO E 28 -23.54 22.37 15.08
C PRO E 28 -23.49 21.78 16.49
N PRO E 29 -22.59 22.31 17.35
CA PRO E 29 -22.50 21.82 18.75
C PRO E 29 -23.78 21.96 19.56
N THR E 30 -24.61 22.94 19.23
CA THR E 30 -25.88 23.11 19.91
C THR E 30 -27.01 23.01 18.88
N PRO E 31 -28.23 22.59 19.28
CA PRO E 31 -28.69 22.21 20.64
C PRO E 31 -27.95 20.98 21.16
N GLU E 32 -27.66 20.96 22.45
CA GLU E 32 -26.95 19.83 23.05
C GLU E 32 -27.85 18.57 23.13
N SER E 33 -29.17 18.78 23.16
CA SER E 33 -30.14 17.70 23.35
C SER E 33 -29.91 16.49 22.45
N LEU E 34 -29.88 15.30 23.05
CA LEU E 34 -29.72 14.05 22.29
C LEU E 34 -31.00 13.58 21.60
N THR E 35 -32.06 14.38 21.67
CA THR E 35 -33.26 14.10 20.90
C THR E 35 -33.55 15.18 19.86
N GLU E 36 -33.06 16.40 20.08
CA GLU E 36 -33.42 17.52 19.19
C GLU E 36 -32.34 17.88 18.16
N GLY E 37 -31.35 17.01 17.98
CA GLY E 37 -30.32 17.24 16.96
C GLY E 37 -28.91 16.98 17.45
N GLY E 38 -28.70 17.13 18.77
CA GLY E 38 -27.38 16.94 19.38
C GLY E 38 -26.82 15.54 19.16
N GLN E 39 -27.73 14.57 18.92
CA GLN E 39 -27.30 13.20 18.64
C GLN E 39 -26.54 13.07 17.33
N TYR E 40 -26.61 14.10 16.47
CA TYR E 40 -25.81 14.12 15.24
C TYR E 40 -24.49 14.90 15.35
N TYR E 41 -24.17 15.40 16.54
CA TYR E 41 -22.93 16.16 16.69
C TYR E 41 -21.71 15.26 16.49
N GLY E 42 -20.80 15.68 15.62
CA GLY E 42 -19.69 14.83 15.16
C GLY E 42 -20.00 14.20 13.80
N TRP E 43 -21.21 14.44 13.30
CA TRP E 43 -21.72 13.88 12.05
C TRP E 43 -22.39 14.99 11.22
N SER E 44 -22.61 14.75 9.93
CA SER E 44 -23.53 15.61 9.18
C SER E 44 -24.97 15.16 9.44
N ARG E 45 -25.93 15.99 9.07
CA ARG E 45 -27.30 15.53 8.94
C ARG E 45 -27.40 14.76 7.61
N GLY E 46 -28.53 14.11 7.39
CA GLY E 46 -28.68 13.19 6.24
C GLY E 46 -28.48 13.91 4.92
N ILE E 47 -27.58 13.39 4.10
CA ILE E 47 -27.21 14.03 2.82
C ILE E 47 -28.42 14.06 1.89
N ASN E 48 -28.74 15.24 1.35
CA ASN E 48 -29.89 15.43 0.47
C ASN E 48 -29.39 15.60 -0.96
N LEU E 49 -30.03 14.91 -1.89
CA LEU E 49 -29.56 14.89 -3.29
C LEU E 49 -30.30 15.87 -4.19
N ALA E 50 -29.62 16.27 -5.26
CA ALA E 50 -30.20 17.05 -6.34
C ALA E 50 -31.47 16.40 -6.89
N THR E 51 -32.42 17.23 -7.33
CA THR E 51 -33.67 16.72 -7.87
C THR E 51 -33.66 16.69 -9.41
N SER E 52 -32.67 17.33 -10.01
CA SER E 52 -32.48 17.29 -11.46
C SER E 52 -31.06 17.75 -11.78
N ASP E 53 -30.68 17.71 -13.05
CA ASP E 53 -29.36 18.17 -13.48
C ASP E 53 -29.15 19.66 -13.21
N THR E 54 -30.24 20.43 -13.08
CA THR E 54 -30.10 21.87 -12.87
C THR E 54 -30.56 22.36 -11.49
N GLU E 55 -30.91 21.41 -10.62
CA GLU E 55 -31.42 21.73 -9.28
C GLU E 55 -30.68 20.96 -8.18
N ASP E 56 -29.54 21.49 -7.76
CA ASP E 56 -28.71 20.86 -6.73
C ASP E 56 -28.60 21.88 -5.59
N SER E 57 -29.38 21.65 -4.51
CA SER E 57 -29.43 22.61 -3.40
C SER E 57 -29.10 21.95 -2.06
N PRO E 58 -27.80 21.78 -1.74
CA PRO E 58 -27.47 21.07 -0.50
C PRO E 58 -27.75 21.93 0.73
N GLU E 59 -28.27 21.32 1.79
CA GLU E 59 -28.49 22.04 3.05
C GLU E 59 -27.17 22.23 3.78
N ASN E 60 -27.03 23.35 4.49
CA ASN E 60 -25.78 23.67 5.17
C ASN E 60 -25.35 22.59 6.14
N ASN E 61 -26.31 22.00 6.86
CA ASN E 61 -25.97 20.97 7.85
C ASN E 61 -25.62 19.60 7.26
N THR E 62 -25.55 19.53 5.93
CA THR E 62 -25.07 18.34 5.25
C THR E 62 -23.66 18.51 4.68
N LEU E 63 -23.06 19.69 4.86
CA LEU E 63 -21.77 20.01 4.24
C LEU E 63 -20.65 20.12 5.28
N PRO E 64 -19.69 19.18 5.27
CA PRO E 64 -18.56 19.37 6.18
C PRO E 64 -17.76 20.64 5.83
N THR E 65 -17.33 21.34 6.87
CA THR E 65 -16.57 22.57 6.72
C THR E 65 -15.23 22.44 7.45
N TRP E 66 -14.31 23.34 7.14
CA TRP E 66 -13.03 23.43 7.83
C TRP E 66 -13.21 23.74 9.30
N SER E 67 -12.41 23.09 10.15
CA SER E 67 -12.23 23.52 11.53
C SER E 67 -11.06 24.50 11.58
N MET E 68 -11.17 25.51 12.42
CA MET E 68 -10.01 26.38 12.65
C MET E 68 -10.01 27.00 14.02
N ALA E 69 -8.83 27.38 14.47
CA ALA E 69 -8.72 28.10 15.73
C ALA E 69 -7.53 29.03 15.61
N LYS E 70 -7.70 30.22 16.18
CA LYS E 70 -6.59 31.16 16.30
C LYS E 70 -6.19 31.20 17.78
N LEU E 71 -4.94 30.85 18.06
CA LEU E 71 -4.44 30.80 19.42
C LEU E 71 -3.55 31.99 19.73
N GLN E 72 -3.77 32.60 20.89
CA GLN E 72 -2.97 33.75 21.34
C GLN E 72 -1.68 33.26 22.01
N LEU E 73 -0.55 33.81 21.56
CA LEU E 73 0.75 33.45 22.12
C LEU E 73 1.20 34.50 23.13
N PRO E 74 2.20 34.19 23.97
CA PRO E 74 2.71 35.18 24.93
C PRO E 74 3.18 36.49 24.29
N MET E 75 2.90 37.61 24.98
CA MET E 75 3.28 38.94 24.49
C MET E 75 4.79 39.02 24.28
N LEU E 76 5.20 39.76 23.26
N LEU E 76 5.19 39.73 23.23
CA LEU E 76 6.60 39.83 22.87
CA LEU E 76 6.60 39.94 22.93
C LEU E 76 7.19 41.23 22.93
C LEU E 76 6.89 41.43 22.81
N ASN E 77 6.66 42.12 22.10
N ASN E 77 8.15 41.80 22.97
CA ASN E 77 7.23 43.46 21.94
CA ASN E 77 8.59 43.18 22.78
C ASN E 77 6.45 44.53 22.69
C ASN E 77 7.90 44.15 23.74
N THR E 84 15.00 46.16 16.59
CA THR E 84 14.94 44.73 16.30
C THR E 84 13.87 44.08 17.16
N LEU E 85 12.90 43.47 16.49
CA LEU E 85 11.75 42.86 17.15
C LEU E 85 11.95 41.36 17.30
N GLN E 86 11.06 40.74 18.07
CA GLN E 86 10.98 39.29 18.17
C GLN E 86 9.64 38.83 17.64
N MET E 87 9.61 37.62 17.06
CA MET E 87 8.40 36.97 16.63
C MET E 87 8.45 35.51 17.10
N TRP E 88 7.28 34.95 17.38
CA TRP E 88 7.18 33.53 17.66
C TRP E 88 7.27 32.77 16.34
N GLU E 89 8.04 31.68 16.36
CA GLU E 89 8.27 30.84 15.18
C GLU E 89 7.85 29.42 15.51
N ALA E 90 6.93 28.86 14.72
CA ALA E 90 6.48 27.48 14.95
C ALA E 90 7.51 26.51 14.39
N VAL E 91 8.07 25.66 15.26
CA VAL E 91 9.20 24.79 14.90
C VAL E 91 8.72 23.40 14.45
N SER E 92 7.75 22.86 15.18
CA SER E 92 7.30 21.51 14.95
C SER E 92 5.93 21.33 15.57
N VAL E 93 5.24 20.28 15.15
CA VAL E 93 3.94 19.94 15.71
C VAL E 93 3.81 18.43 15.86
N LYS E 94 3.28 18.01 17.00
CA LYS E 94 2.78 16.65 17.14
C LYS E 94 1.27 16.71 17.00
N THR E 95 0.75 15.98 16.01
CA THR E 95 -0.68 16.01 15.74
C THR E 95 -1.23 14.59 15.65
N GLU E 96 -2.47 14.42 16.09
CA GLU E 96 -3.09 13.11 16.14
C GLU E 96 -4.59 13.25 15.97
N VAL E 97 -5.18 12.34 15.19
CA VAL E 97 -6.63 12.26 15.03
C VAL E 97 -7.11 11.24 16.06
N VAL E 98 -8.02 11.64 16.91
CA VAL E 98 -8.38 10.83 18.07
C VAL E 98 -9.74 10.16 17.87
N GLY E 99 -9.84 8.90 18.27
CA GLY E 99 -11.13 8.24 18.33
C GLY E 99 -11.45 7.20 17.28
N SER E 100 -10.45 6.75 16.51
CA SER E 100 -10.75 5.75 15.46
C SER E 100 -11.34 4.44 16.03
N GLY E 101 -10.94 4.11 17.25
CA GLY E 101 -11.48 2.95 17.97
C GLY E 101 -12.99 3.00 18.08
N SER E 102 -13.58 4.20 18.12
CA SER E 102 -15.04 4.34 18.21
C SER E 102 -15.75 3.76 16.99
N LEU E 103 -15.04 3.67 15.87
CA LEU E 103 -15.60 3.07 14.65
C LEU E 103 -15.80 1.55 14.75
N LEU E 104 -15.26 0.96 15.82
CA LEU E 104 -15.47 -0.46 16.12
C LEU E 104 -16.85 -0.73 16.73
N ASP E 105 -17.64 0.31 16.96
CA ASP E 105 -19.04 0.11 17.37
C ASP E 105 -19.82 -0.39 16.16
N VAL E 106 -20.12 -1.68 16.14
CA VAL E 106 -20.93 -2.28 15.06
C VAL E 106 -22.20 -2.89 15.64
N HIS E 107 -22.64 -2.36 16.78
CA HIS E 107 -23.81 -2.88 17.47
C HIS E 107 -25.03 -1.96 17.39
N GLY E 108 -24.90 -0.90 16.61
CA GLY E 108 -25.94 0.11 16.47
C GLY E 108 -27.07 -0.24 15.51
N PHE E 109 -27.77 0.78 15.03
CA PHE E 109 -28.98 0.59 14.21
C PHE E 109 -28.76 1.03 12.76
N ASN E 110 -27.49 1.03 12.30
CA ASN E 110 -27.22 1.33 10.89
C ASN E 110 -27.77 0.22 10.00
N LYS E 111 -27.76 0.47 8.69
CA LYS E 111 -28.00 -0.59 7.71
C LYS E 111 -27.21 -1.86 8.09
N PRO E 112 -27.90 -3.00 8.22
CA PRO E 112 -27.18 -4.19 8.69
C PRO E 112 -26.46 -4.89 7.54
N THR E 113 -25.47 -5.70 7.88
CA THR E 113 -24.75 -6.44 6.84
C THR E 113 -25.59 -7.54 6.18
N ASP E 114 -26.58 -8.10 6.89
CA ASP E 114 -27.55 -9.01 6.27
C ASP E 114 -28.92 -8.32 6.19
N THR E 115 -29.21 -7.72 5.02
CA THR E 115 -30.43 -6.90 4.89
C THR E 115 -31.68 -7.72 4.67
N VAL E 116 -31.53 -8.92 4.12
CA VAL E 116 -32.68 -9.80 3.92
C VAL E 116 -33.36 -10.10 5.26
N ASN E 117 -32.58 -10.48 6.26
CA ASN E 117 -33.14 -10.92 7.55
C ASN E 117 -33.01 -9.90 8.66
N THR E 118 -32.33 -8.80 8.37
CA THR E 118 -32.03 -7.72 9.34
C THR E 118 -31.14 -8.29 10.44
N LYS E 119 -29.98 -8.78 10.03
CA LYS E 119 -29.08 -9.51 10.92
C LYS E 119 -27.64 -9.14 10.58
N GLY E 120 -26.69 -9.83 11.20
CA GLY E 120 -25.26 -9.53 10.97
C GLY E 120 -24.78 -8.49 11.97
N ILE E 121 -24.10 -7.47 11.46
CA ILE E 121 -23.68 -6.34 12.28
C ILE E 121 -24.19 -5.02 11.70
N SER E 122 -24.14 -3.97 12.51
CA SER E 122 -24.46 -2.62 12.06
C SER E 122 -23.29 -2.13 11.21
N THR E 123 -23.52 -1.85 9.92
CA THR E 123 -22.43 -1.54 8.99
C THR E 123 -21.58 -0.39 9.54
N PRO E 124 -20.25 -0.61 9.69
CA PRO E 124 -19.43 0.47 10.24
C PRO E 124 -19.19 1.57 9.19
N VAL E 125 -18.66 2.71 9.63
CA VAL E 125 -18.33 3.84 8.78
C VAL E 125 -17.36 3.41 7.66
N GLU E 126 -17.69 3.79 6.41
CA GLU E 126 -16.88 3.43 5.24
C GLU E 126 -17.03 4.55 4.21
N GLY E 127 -16.14 4.55 3.21
CA GLY E 127 -16.30 5.44 2.06
C GLY E 127 -15.18 6.47 1.98
N SER E 128 -15.53 7.66 1.48
CA SER E 128 -14.52 8.68 1.17
C SER E 128 -13.94 9.30 2.43
N GLN E 129 -12.62 9.50 2.44
CA GLN E 129 -11.90 10.01 3.61
C GLN E 129 -11.04 11.18 3.20
N TYR E 130 -10.88 12.15 4.10
CA TYR E 130 -10.19 13.39 3.75
C TYR E 130 -9.55 13.89 5.02
N HIS E 131 -8.23 14.02 5.01
CA HIS E 131 -7.49 14.43 6.22
C HIS E 131 -6.53 15.55 5.81
N VAL E 132 -6.73 16.73 6.37
CA VAL E 132 -5.84 17.85 6.09
C VAL E 132 -5.59 18.56 7.41
N PHE E 133 -4.34 18.94 7.65
CA PHE E 133 -4.08 19.87 8.77
C PHE E 133 -3.09 20.93 8.33
N ALA E 134 -3.11 22.07 9.02
CA ALA E 134 -2.25 23.20 8.69
C ALA E 134 -1.89 23.94 9.96
N VAL E 135 -0.67 24.46 9.99
CA VAL E 135 -0.19 25.32 11.06
C VAL E 135 0.45 26.52 10.38
N GLY E 136 0.03 27.72 10.76
CA GLY E 136 0.64 28.93 10.18
C GLY E 136 0.56 30.15 11.06
N GLY E 137 1.21 31.23 10.62
CA GLY E 137 1.23 32.48 11.38
C GLY E 137 0.19 33.47 10.93
N GLU E 138 -0.69 33.01 10.03
CA GLU E 138 -1.82 33.79 9.52
C GLU E 138 -2.84 32.78 8.98
N PRO E 139 -4.06 33.24 8.63
CA PRO E 139 -5.08 32.28 8.21
C PRO E 139 -4.64 31.50 6.98
N LEU E 140 -5.11 30.25 6.90
CA LEU E 140 -4.86 29.42 5.74
C LEU E 140 -5.46 30.11 4.51
N ASP E 141 -4.66 30.28 3.46
CA ASP E 141 -5.17 30.81 2.18
C ASP E 141 -5.91 29.70 1.42
N LEU E 142 -7.10 30.05 0.91
CA LEU E 142 -8.00 29.09 0.27
C LEU E 142 -8.21 29.42 -1.20
N GLN E 143 -8.31 28.37 -2.01
CA GLN E 143 -8.58 28.45 -3.44
C GLN E 143 -9.88 27.67 -3.68
N GLY E 144 -10.86 28.32 -4.28
CA GLY E 144 -12.14 27.69 -4.58
C GLY E 144 -12.04 26.81 -5.81
N LEU E 145 -12.67 25.63 -5.74
CA LEU E 145 -12.84 24.76 -6.91
C LEU E 145 -13.96 23.79 -6.59
N VAL E 146 -14.94 23.69 -7.50
CA VAL E 146 -16.13 22.89 -7.23
C VAL E 146 -16.36 21.82 -8.29
N THR E 147 -17.15 20.81 -7.92
CA THR E 147 -17.64 19.81 -8.87
C THR E 147 -18.58 20.43 -9.89
N ASP E 148 -19.48 21.31 -9.42
CA ASP E 148 -20.51 21.88 -10.28
C ASP E 148 -20.71 23.37 -9.99
N ALA E 149 -20.37 24.23 -10.95
CA ALA E 149 -20.60 25.66 -10.82
C ALA E 149 -22.08 26.06 -10.72
N ARG E 150 -22.98 25.14 -11.05
CA ARG E 150 -24.42 25.39 -10.96
C ARG E 150 -25.01 25.08 -9.57
N THR E 151 -24.22 24.49 -8.68
CA THR E 151 -24.73 24.12 -7.34
C THR E 151 -25.26 25.37 -6.64
N LYS E 152 -26.47 25.26 -6.08
CA LYS E 152 -27.11 26.38 -5.44
C LYS E 152 -26.88 26.29 -3.94
N TYR E 153 -25.71 26.73 -3.49
CA TYR E 153 -25.43 26.81 -2.05
C TYR E 153 -26.29 27.88 -1.38
N LYS E 154 -26.61 27.70 -0.10
CA LYS E 154 -27.34 28.73 0.66
C LYS E 154 -26.49 29.99 0.72
N GLU E 155 -27.16 31.14 0.77
CA GLU E 155 -26.46 32.43 0.87
C GLU E 155 -26.03 32.77 2.28
N GLU E 156 -26.79 32.31 3.27
CA GLU E 156 -26.48 32.57 4.67
C GLU E 156 -26.07 31.28 5.33
N GLY E 157 -25.14 31.38 6.28
CA GLY E 157 -24.74 30.22 7.09
C GLY E 157 -23.51 29.47 6.61
N VAL E 158 -23.08 29.73 5.38
CA VAL E 158 -21.84 29.17 4.80
C VAL E 158 -21.15 30.23 3.96
N VAL E 159 -19.83 30.13 3.87
CA VAL E 159 -19.06 31.02 2.99
C VAL E 159 -18.72 30.23 1.73
N THR E 160 -19.22 30.71 0.60
CA THR E 160 -18.99 30.04 -0.68
C THR E 160 -18.39 31.03 -1.67
N ILE E 161 -18.14 30.58 -2.89
CA ILE E 161 -17.48 31.44 -3.90
C ILE E 161 -18.27 32.73 -4.14
N LYS E 162 -19.59 32.60 -4.25
CA LYS E 162 -20.47 33.77 -4.40
C LYS E 162 -20.39 34.75 -3.23
N THR E 163 -20.18 34.26 -2.01
CA THR E 163 -19.99 35.13 -0.84
C THR E 163 -18.82 36.10 -1.08
N ILE E 164 -17.76 35.58 -1.68
CA ILE E 164 -16.54 36.36 -1.93
C ILE E 164 -16.65 37.25 -3.17
N THR E 165 -17.14 36.71 -4.27
CA THR E 165 -17.14 37.45 -5.54
C THR E 165 -18.38 38.32 -5.72
N LYS E 166 -19.41 38.06 -4.93
CA LYS E 166 -20.73 38.73 -5.08
C LYS E 166 -21.44 38.39 -6.40
N LYS E 167 -20.96 37.36 -7.08
CA LYS E 167 -21.52 36.95 -8.38
C LYS E 167 -21.66 35.44 -8.40
N ASP E 168 -22.57 34.94 -9.25
CA ASP E 168 -22.70 33.49 -9.43
C ASP E 168 -21.38 32.88 -9.87
N MET E 169 -21.16 31.62 -9.51
CA MET E 169 -20.00 30.87 -9.99
C MET E 169 -20.02 30.82 -11.51
N VAL E 170 -18.83 30.73 -12.11
CA VAL E 170 -18.67 30.60 -13.56
C VAL E 170 -18.08 29.23 -13.89
N ASN E 171 -18.07 28.84 -15.16
CA ASN E 171 -17.57 27.50 -15.51
C ASN E 171 -16.10 27.26 -15.09
N LYS E 172 -15.29 28.33 -15.11
CA LYS E 172 -13.89 28.26 -14.65
C LYS E 172 -13.72 27.84 -13.17
N ASP E 173 -14.78 27.96 -12.39
CA ASP E 173 -14.75 27.52 -10.99
C ASP E 173 -14.72 25.98 -10.84
N GLN E 174 -14.94 25.27 -11.94
CA GLN E 174 -14.80 23.80 -11.95
C GLN E 174 -13.36 23.38 -12.20
N VAL E 175 -12.53 24.34 -12.57
CA VAL E 175 -11.08 24.16 -12.66
C VAL E 175 -10.43 25.22 -11.77
N LEU E 176 -9.24 25.70 -12.12
CA LEU E 176 -8.57 26.70 -11.29
C LEU E 176 -8.88 28.10 -11.81
N ASN E 177 -9.69 28.83 -11.05
CA ASN E 177 -10.01 30.22 -11.36
C ASN E 177 -9.37 31.09 -10.26
N PRO E 178 -8.28 31.84 -10.60
CA PRO E 178 -7.53 32.61 -9.60
CA PRO E 178 -7.53 32.58 -9.58
C PRO E 178 -8.35 33.67 -8.88
N ILE E 179 -9.50 34.05 -9.45
CA ILE E 179 -10.42 35.00 -8.80
C ILE E 179 -11.07 34.42 -7.54
N SER E 180 -11.24 33.10 -7.51
CA SER E 180 -12.01 32.47 -6.43
C SER E 180 -11.13 32.12 -5.25
N LYS E 181 -10.79 33.13 -4.44
CA LYS E 181 -9.88 32.95 -3.30
CA LYS E 181 -9.87 32.96 -3.31
C LYS E 181 -10.48 33.48 -2.01
N ALA E 182 -10.11 32.87 -0.89
CA ALA E 182 -10.57 33.31 0.42
C ALA E 182 -9.51 32.99 1.47
N LYS E 183 -9.76 33.38 2.72
CA LYS E 183 -8.91 33.02 3.84
C LYS E 183 -9.75 32.30 4.88
N LEU E 184 -9.16 31.29 5.50
CA LEU E 184 -9.87 30.47 6.48
C LEU E 184 -9.89 31.21 7.83
N ASP E 185 -10.87 32.09 7.99
CA ASP E 185 -10.86 33.00 9.13
C ASP E 185 -11.99 32.72 10.10
N LYS E 186 -12.82 31.71 9.82
CA LYS E 186 -13.91 31.32 10.73
C LYS E 186 -14.03 29.81 10.76
N ASP E 187 -14.32 29.27 11.94
CA ASP E 187 -14.52 27.84 12.15
C ASP E 187 -15.92 27.45 11.68
N GLY E 188 -16.05 26.26 11.09
CA GLY E 188 -17.37 25.72 10.73
C GLY E 188 -18.19 26.48 9.69
N MET E 189 -17.50 27.13 8.74
CA MET E 189 -18.17 28.01 7.75
C MET E 189 -17.78 27.79 6.29
N TYR E 190 -16.57 27.26 6.07
CA TYR E 190 -16.01 27.08 4.72
C TYR E 190 -16.09 25.62 4.29
N PRO E 191 -17.01 25.28 3.36
CA PRO E 191 -17.15 23.88 2.97
C PRO E 191 -15.90 23.32 2.32
N VAL E 192 -15.55 22.09 2.70
CA VAL E 192 -14.33 21.45 2.18
C VAL E 192 -14.52 20.99 0.73
N GLU E 193 -15.76 20.88 0.28
CA GLU E 193 -16.00 20.54 -1.14
C GLU E 193 -15.79 21.75 -2.05
N ILE E 194 -15.64 22.93 -1.45
CA ILE E 194 -15.43 24.18 -2.22
C ILE E 194 -14.00 24.73 -2.06
N TRP E 195 -13.49 24.71 -0.83
CA TRP E 195 -12.28 25.46 -0.48
C TRP E 195 -11.09 24.58 -0.19
N HIS E 196 -10.00 24.81 -0.92
CA HIS E 196 -8.79 23.96 -0.89
C HIS E 196 -7.60 24.82 -0.49
N PRO E 197 -6.56 24.23 0.11
CA PRO E 197 -5.37 25.04 0.40
C PRO E 197 -4.84 25.62 -0.90
N ASP E 198 -4.49 26.91 -0.89
CA ASP E 198 -4.00 27.57 -2.08
C ASP E 198 -2.47 27.41 -2.17
N PRO E 199 -1.99 26.58 -3.12
CA PRO E 199 -0.54 26.37 -3.26
C PRO E 199 0.22 27.62 -3.75
N ALA E 200 -0.50 28.57 -4.34
CA ALA E 200 0.13 29.81 -4.84
C ALA E 200 0.35 30.86 -3.74
N LYS E 201 -0.22 30.63 -2.56
CA LYS E 201 -0.03 31.51 -1.40
C LYS E 201 0.53 30.69 -0.23
N ASN E 202 0.04 30.89 0.98
CA ASN E 202 0.49 30.09 2.14
C ASN E 202 2.01 30.03 2.34
N GLU E 203 2.68 31.16 2.12
CA GLU E 203 4.12 31.23 2.35
C GLU E 203 4.46 31.12 3.83
N ASN E 204 3.47 31.39 4.69
CA ASN E 204 3.69 31.43 6.14
C ASN E 204 2.87 30.35 6.85
N THR E 205 2.50 29.31 6.11
CA THR E 205 1.70 28.19 6.65
C THR E 205 2.25 26.90 6.05
N ARG E 206 2.27 25.81 6.84
CA ARG E 206 2.52 24.48 6.28
C ARG E 206 1.23 23.68 6.33
N TYR E 207 0.87 23.02 5.23
CA TYR E 207 -0.33 22.19 5.23
C TYR E 207 0.00 20.82 4.65
N PHE E 208 -0.78 19.83 5.07
CA PHE E 208 -0.54 18.44 4.70
C PHE E 208 -1.90 17.79 4.53
N GLY E 209 -2.14 17.24 3.34
CA GLY E 209 -3.47 16.73 3.01
C GLY E 209 -3.43 15.37 2.32
N ASN E 210 -4.47 14.58 2.53
CA ASN E 210 -4.66 13.37 1.73
C ASN E 210 -6.13 13.04 1.55
N TYR E 211 -6.42 12.40 0.42
CA TYR E 211 -7.78 12.11 0.03
C TYR E 211 -7.82 10.67 -0.45
N THR E 212 -8.83 9.93 0.01
CA THR E 212 -9.15 8.60 -0.52
C THR E 212 -10.64 8.58 -0.83
N GLY E 213 -11.01 8.24 -2.06
CA GLY E 213 -12.43 8.31 -2.42
C GLY E 213 -13.15 6.98 -2.30
N GLY E 214 -14.19 6.83 -3.12
CA GLY E 214 -15.00 5.62 -3.15
C GLY E 214 -16.23 5.67 -2.24
N THR E 215 -17.06 4.63 -2.34
CA THR E 215 -18.32 4.57 -1.59
C THR E 215 -18.26 3.61 -0.42
N THR E 216 -17.45 2.54 -0.53
CA THR E 216 -17.40 1.56 0.56
C THR E 216 -15.97 1.29 1.03
N THR E 217 -15.07 2.22 0.73
CA THR E 217 -13.63 2.07 1.05
C THR E 217 -13.41 1.94 2.56
N PRO E 218 -12.61 0.94 3.01
CA PRO E 218 -12.29 0.85 4.44
CA PRO E 218 -12.29 0.85 4.44
C PRO E 218 -11.53 2.08 4.92
N PRO E 219 -11.97 2.68 6.03
CA PRO E 219 -11.17 3.77 6.60
C PRO E 219 -9.87 3.22 7.20
N VAL E 220 -8.81 4.00 7.12
CA VAL E 220 -7.49 3.61 7.64
C VAL E 220 -6.98 4.82 8.45
N LEU E 221 -6.42 4.55 9.62
CA LEU E 221 -5.83 5.64 10.42
C LEU E 221 -4.72 5.08 11.27
N GLN E 222 -3.62 5.84 11.38
CA GLN E 222 -2.57 5.54 12.34
C GLN E 222 -2.54 6.62 13.41
N PHE E 223 -2.13 6.25 14.62
CA PHE E 223 -1.98 7.22 15.70
C PHE E 223 -0.85 6.83 16.65
N THR E 224 -0.07 7.80 17.08
CA THR E 224 1.03 7.54 18.01
C THR E 224 1.39 8.87 18.65
N ASN E 225 1.94 8.83 19.85
CA ASN E 225 2.43 10.07 20.46
C ASN E 225 3.93 10.26 20.25
N THR E 226 4.50 9.53 19.27
CA THR E 226 5.95 9.50 19.08
C THR E 226 6.41 10.23 17.80
N LEU E 227 5.47 10.74 17.04
CA LEU E 227 5.79 11.33 15.72
C LEU E 227 5.69 12.85 15.72
N THR E 228 6.78 13.48 15.30
CA THR E 228 6.86 14.93 15.21
C THR E 228 6.92 15.37 13.75
N THR E 229 6.09 16.34 13.39
CA THR E 229 6.13 16.94 12.05
C THR E 229 6.93 18.23 12.13
N VAL E 230 8.04 18.29 11.39
CA VAL E 230 8.86 19.49 11.35
C VAL E 230 8.15 20.56 10.51
N LEU E 231 8.20 21.81 10.96
CA LEU E 231 7.51 22.90 10.24
C LEU E 231 8.46 23.89 9.60
N LEU E 232 9.76 23.66 9.80
CA LEU E 232 10.78 24.52 9.21
C LEU E 232 10.81 24.35 7.69
N ASP E 233 11.08 25.45 6.98
CA ASP E 233 11.15 25.40 5.51
C ASP E 233 12.56 25.01 5.07
N GLU E 234 12.82 25.09 3.77
CA GLU E 234 14.14 24.76 3.22
C GLU E 234 15.28 25.58 3.81
N ASN E 235 14.97 26.78 4.29
CA ASN E 235 15.99 27.66 4.89
C ASN E 235 16.08 27.57 6.42
N GLY E 236 15.37 26.60 7.01
CA GLY E 236 15.35 26.38 8.45
C GLY E 236 14.45 27.34 9.23
N VAL E 237 13.45 27.90 8.55
CA VAL E 237 12.57 28.88 9.18
C VAL E 237 11.14 28.36 9.20
N GLY E 238 10.54 28.36 10.40
CA GLY E 238 9.16 27.92 10.56
C GLY E 238 8.19 29.07 10.30
N PRO E 239 6.87 28.79 10.31
CA PRO E 239 5.86 29.85 10.27
C PRO E 239 6.09 30.91 11.36
N LEU E 240 6.00 32.18 10.96
CA LEU E 240 6.21 33.31 11.89
C LEU E 240 4.87 33.94 12.23
N CYS E 241 4.61 34.10 13.53
CA CYS E 241 3.27 34.41 14.00
C CYS E 241 3.01 35.91 14.08
N LYS E 242 2.29 36.41 13.07
CA LYS E 242 2.00 37.84 12.96
C LYS E 242 1.09 38.28 14.10
N GLY E 243 1.54 39.27 14.87
CA GLY E 243 0.81 39.75 16.04
C GLY E 243 0.51 38.65 17.07
N GLU E 244 1.46 37.73 17.21
CA GLU E 244 1.41 36.65 18.22
C GLU E 244 0.17 35.76 18.10
N GLY E 245 -0.31 35.57 16.87
CA GLY E 245 -1.44 34.69 16.63
C GLY E 245 -1.00 33.44 15.88
N LEU E 246 -1.40 32.28 16.38
CA LEU E 246 -1.09 31.01 15.74
C LEU E 246 -2.38 30.40 15.20
N TYR E 247 -2.39 30.02 13.92
CA TYR E 247 -3.59 29.50 13.27
C TYR E 247 -3.46 28.01 13.03
N LEU E 248 -4.45 27.27 13.50
CA LEU E 248 -4.54 25.82 13.31
C LEU E 248 -5.77 25.54 12.48
N SER E 249 -5.65 24.65 11.48
CA SER E 249 -6.76 24.38 10.57
C SER E 249 -6.75 22.90 10.30
N CYS E 250 -7.93 22.31 10.16
CA CYS E 250 -8.02 20.90 9.82
C CYS E 250 -9.40 20.45 9.40
N VAL E 251 -9.42 19.25 8.82
CA VAL E 251 -10.64 18.51 8.56
C VAL E 251 -10.26 17.03 8.54
N ASP E 252 -11.09 16.21 9.17
CA ASP E 252 -10.78 14.79 9.29
C ASP E 252 -12.04 13.96 9.13
N ILE E 253 -12.35 13.69 7.87
CA ILE E 253 -13.53 12.91 7.49
C ILE E 253 -13.15 11.44 7.36
N MET E 254 -13.92 10.57 8.03
CA MET E 254 -13.62 9.14 8.05
C MET E 254 -14.49 8.33 7.08
N GLY E 255 -15.55 8.94 6.57
CA GLY E 255 -16.50 8.27 5.66
C GLY E 255 -17.94 8.58 6.08
N TRP E 256 -18.86 7.67 5.77
CA TRP E 256 -20.28 7.82 6.14
C TRP E 256 -20.76 6.60 6.90
N ARG E 257 -21.76 6.80 7.77
CA ARG E 257 -22.64 5.71 8.15
C ARG E 257 -23.89 5.79 7.28
N VAL E 258 -24.58 4.66 7.14
CA VAL E 258 -25.73 4.55 6.29
C VAL E 258 -26.88 4.02 7.13
N THR E 259 -28.02 4.69 7.08
CA THR E 259 -29.17 4.28 7.89
C THR E 259 -30.00 3.18 7.21
N ARG E 260 -30.98 2.65 7.94
CA ARG E 260 -31.91 1.66 7.42
C ARG E 260 -33.04 2.26 6.59
N ASN E 261 -33.08 3.58 6.43
CA ASN E 261 -34.15 4.27 5.73
CA ASN E 261 -34.16 4.18 5.67
C ASN E 261 -33.64 4.89 4.44
N TYR E 262 -33.92 4.30 3.27
CA TYR E 262 -33.47 4.86 1.99
C TYR E 262 -31.96 5.15 1.93
N ASP E 263 -31.16 4.33 2.60
CA ASP E 263 -29.70 4.46 2.56
C ASP E 263 -29.21 5.90 2.83
N VAL E 264 -29.83 6.60 3.77
CA VAL E 264 -29.41 7.97 4.09
C VAL E 264 -27.99 7.93 4.67
N HIS E 265 -27.10 8.76 4.12
CA HIS E 265 -25.71 8.79 4.54
C HIS E 265 -25.48 9.98 5.45
N HIS E 266 -24.67 9.78 6.49
CA HIS E 266 -24.24 10.87 7.37
C HIS E 266 -22.71 10.85 7.39
N TRP E 267 -22.07 11.97 7.08
CA TRP E 267 -20.61 12.07 7.25
C TRP E 267 -20.19 11.86 8.69
N ARG E 268 -19.04 11.23 8.90
CA ARG E 268 -18.41 11.13 10.22
C ARG E 268 -17.07 11.86 10.21
N GLY E 269 -16.88 12.74 11.19
CA GLY E 269 -15.58 13.40 11.41
C GLY E 269 -15.03 13.09 12.79
N LEU E 270 -13.71 13.21 12.95
CA LEU E 270 -13.08 12.99 14.24
C LEU E 270 -12.24 14.20 14.64
N PRO E 271 -12.04 14.40 15.95
CA PRO E 271 -11.26 15.56 16.39
C PRO E 271 -9.76 15.37 16.18
N ARG E 272 -9.03 16.48 16.07
CA ARG E 272 -7.59 16.48 15.91
C ARG E 272 -6.90 17.24 17.04
N TYR E 273 -5.90 16.60 17.63
CA TYR E 273 -5.03 17.21 18.65
C TYR E 273 -3.81 17.83 17.98
N PHE E 274 -3.39 18.98 18.50
CA PHE E 274 -2.15 19.65 18.06
C PHE E 274 -1.33 20.00 19.30
N LYS E 275 -0.04 19.66 19.30
CA LYS E 275 0.90 20.21 20.26
C LYS E 275 2.03 20.86 19.48
N ILE E 276 2.05 22.19 19.52
CA ILE E 276 3.00 22.97 18.72
C ILE E 276 4.14 23.49 19.58
N THR E 277 5.37 23.24 19.13
CA THR E 277 6.53 23.83 19.77
C THR E 277 6.93 25.09 19.05
N LEU E 278 7.09 26.19 19.79
CA LEU E 278 7.50 27.47 19.22
C LEU E 278 8.73 28.05 19.92
N ARG E 279 9.50 28.84 19.19
CA ARG E 279 10.67 29.49 19.74
C ARG E 279 10.64 30.96 19.32
N LYS E 280 11.23 31.84 20.12
CA LYS E 280 11.32 33.24 19.70
C LYS E 280 12.43 33.43 18.68
N ARG E 281 12.16 34.27 17.68
CA ARG E 281 13.10 34.58 16.61
CA ARG E 281 13.13 34.57 16.63
C ARG E 281 13.32 36.08 16.53
N TRP E 282 14.57 36.51 16.43
CA TRP E 282 14.89 37.91 16.17
C TRP E 282 14.56 38.20 14.69
N VAL E 283 13.94 39.35 14.42
CA VAL E 283 13.56 39.74 13.05
C VAL E 283 13.78 41.25 12.86
N LYS E 284 13.98 41.66 11.61
CA LYS E 284 14.16 43.08 11.30
C LYS E 284 13.32 43.47 10.09
#